data_6TJK
#
_entry.id   6TJK
#
_cell.length_a   52.744
_cell.length_b   156.222
_cell.length_c   68.264
_cell.angle_alpha   90.000
_cell.angle_beta   102.473
_cell.angle_gamma   90.000
#
_symmetry.space_group_name_H-M   'P 1 21 1'
#
loop_
_entity.id
_entity.type
_entity.pdbx_description
1 polymer 'Lysosomal acid glucosylceramidase'
2 branched alpha-D-mannopyranose-(1-6)-beta-D-mannopyranose-(1-4)-2-acetamido-2-deoxy-beta-D-glucopyranose-(1-4)-2-acetamido-2-deoxy-beta-D-glucopyranose
3 non-polymer 'SULFATE ION'
4 non-polymer 2-acetamido-2-deoxy-beta-D-glucopyranose
5 non-polymer 1,2-ETHANEDIOL
6 non-polymer 2-[3-(2-HYDROXY-1,1-DIHYDROXYMETHYL-ETHYLAMINO)-PROPYLAMINO]-2-HYDROXYMETHYL-PROPANE-1,3-DIOL
7 water water
#
_entity_poly.entity_id   1
_entity_poly.type   'polypeptide(L)'
_entity_poly.pdbx_seq_one_letter_code
;ARPCIPKSFGYSSVVCVCNATYCDSFDPPTFPALGTFSRYESTRSGRRMELSMGPIQANHTGTGLLLTLQPEQKFQKVKG
FGGAMTDAAALNILALSPPAQNLLLKSYFSEEGIGYNIIRVPMASCDFSIRTYTYADTPDDFQLHNFSLPEEDTKLKIPL
IHRALQLAQRPVSLLASPWTSPTWLKTNGAVNGKGSLKGQPGDIYHQTWARYFVKFLDAYAEHKLQFWAVTAENEPSAGL
LSGYPFQCLGFTPEHQRDFIARDLGPTLANSTHHNVRLLMLDDQRLLLPHWAKVVLTDPEAAKYVHGIAVHWYLDFLAPA
KATLGETHRLFPNTMLFASEACVGSKFWEQSVRLGSWDRGMQYSHSIITNLLYHVVGWTDWNLALNPEGGPNWVRNFVDS
PIIVDITKDTFYKQPMFYHLGHFSKFIPEGSQRVGLVASQKNDLDAVALMHPDGSAVVVVLNRSSKDVPLTIKDPAVGFL
ETISPGYSIHTYLWRRQ
;
_entity_poly.pdbx_strand_id   AAA,BBB
#
loop_
_chem_comp.id
_chem_comp.type
_chem_comp.name
_chem_comp.formula
B3P non-polymer 2-[3-(2-HYDROXY-1,1-DIHYDROXYMETHYL-ETHYLAMINO)-PROPYLAMINO]-2-HYDROXYMETHYL-PROPANE-1,3-DIOL 'C11 H26 N2 O6'
BMA D-saccharide, beta linking beta-D-mannopyranose 'C6 H12 O6'
EDO non-polymer 1,2-ETHANEDIOL 'C2 H6 O2'
MAN D-saccharide, alpha linking alpha-D-mannopyranose 'C6 H12 O6'
NAG D-saccharide, beta linking 2-acetamido-2-deoxy-beta-D-glucopyranose 'C8 H15 N O6'
SO4 non-polymer 'SULFATE ION' 'O4 S -2'
#
# COMPACT_ATOMS: atom_id res chain seq x y z
N ALA A 1 -24.76 -21.74 -30.26
CA ALA A 1 -24.52 -20.81 -29.14
C ALA A 1 -25.61 -21.04 -28.10
N ARG A 2 -25.23 -21.63 -26.97
CA ARG A 2 -26.12 -21.90 -25.83
C ARG A 2 -26.12 -20.66 -24.94
N PRO A 3 -27.29 -20.04 -24.67
CA PRO A 3 -27.36 -18.77 -23.93
C PRO A 3 -27.15 -18.94 -22.42
N CYS A 4 -26.69 -17.83 -21.80
CA CYS A 4 -26.63 -17.64 -20.34
C CYS A 4 -27.98 -18.03 -19.74
N ILE A 5 -27.99 -18.81 -18.66
CA ILE A 5 -29.14 -18.95 -17.71
C ILE A 5 -28.92 -17.95 -16.59
N PRO A 6 -29.62 -16.81 -16.58
CA PRO A 6 -29.31 -15.79 -15.59
C PRO A 6 -29.90 -16.09 -14.22
N LYS A 7 -29.16 -15.71 -13.18
CA LYS A 7 -29.68 -15.73 -11.80
C LYS A 7 -29.18 -14.48 -11.06
N SER A 8 -30.07 -13.81 -10.34
CA SER A 8 -29.74 -12.64 -9.50
C SER A 8 -29.51 -13.13 -8.07
N PHE A 9 -28.54 -12.56 -7.38
CA PHE A 9 -28.36 -12.74 -5.92
C PHE A 9 -28.49 -11.39 -5.22
N GLY A 10 -29.12 -10.43 -5.90
CA GLY A 10 -29.45 -9.12 -5.31
C GLY A 10 -28.41 -8.05 -5.60
N TYR A 11 -27.37 -8.33 -6.39
CA TYR A 11 -26.34 -7.30 -6.72
C TYR A 11 -26.71 -6.71 -8.07
N SER A 12 -25.80 -5.95 -8.70
CA SER A 12 -26.12 -5.07 -9.85
C SER A 12 -26.38 -5.87 -11.14
N SER A 13 -25.91 -7.11 -11.27
CA SER A 13 -26.17 -7.92 -12.49
C SER A 13 -26.35 -9.39 -12.09
N VAL A 14 -26.44 -10.22 -13.11
CA VAL A 14 -26.74 -11.67 -12.95
C VAL A 14 -25.45 -12.47 -13.14
N VAL A 15 -25.47 -13.68 -12.60
CA VAL A 15 -24.49 -14.73 -12.93
C VAL A 15 -25.16 -15.62 -13.97
N CYS A 16 -24.34 -16.36 -14.72
CA CYS A 16 -24.79 -17.42 -15.66
C CYS A 16 -24.61 -18.76 -14.94
N VAL A 17 -25.69 -19.54 -14.86
CA VAL A 17 -25.77 -20.78 -14.06
C VAL A 17 -25.40 -21.94 -14.97
N CYS A 18 -24.43 -22.76 -14.54
CA CYS A 18 -23.96 -23.97 -15.24
C CYS A 18 -24.02 -25.16 -14.27
N ASN A 19 -24.20 -26.35 -14.83
CA ASN A 19 -24.29 -27.62 -14.04
C ASN A 19 -23.82 -28.73 -14.95
N ALA A 20 -24.16 -29.99 -14.62
CA ALA A 20 -23.62 -31.18 -15.32
C ALA A 20 -24.15 -31.25 -16.74
N THR A 21 -25.35 -30.71 -17.01
CA THR A 21 -26.08 -30.93 -18.29
C THR A 21 -26.21 -29.65 -19.11
N TYR A 22 -25.89 -28.48 -18.55
CA TYR A 22 -26.09 -27.20 -19.28
C TYR A 22 -25.03 -26.17 -18.86
N CYS A 23 -24.41 -25.55 -19.86
CA CYS A 23 -23.57 -24.35 -19.66
C CYS A 23 -23.59 -23.50 -20.94
N ASP A 24 -23.60 -22.16 -20.79
CA ASP A 24 -23.61 -21.25 -21.96
C ASP A 24 -22.28 -21.46 -22.69
N SER A 25 -22.30 -21.25 -24.00
CA SER A 25 -21.20 -21.51 -24.95
C SER A 25 -21.34 -20.62 -26.19
N PHE A 26 -20.28 -20.52 -26.97
CA PHE A 26 -20.27 -19.89 -28.31
C PHE A 26 -20.30 -20.94 -29.42
N ASP A 27 -20.81 -20.54 -30.59
CA ASP A 27 -20.59 -21.23 -31.89
C ASP A 27 -19.19 -20.91 -32.40
N PRO A 28 -18.65 -21.76 -33.30
CA PRO A 28 -17.39 -21.45 -34.00
C PRO A 28 -17.40 -20.12 -34.75
N PRO A 29 -16.24 -19.46 -34.95
CA PRO A 29 -16.23 -18.22 -35.74
C PRO A 29 -16.68 -18.49 -37.19
N THR A 30 -17.56 -17.65 -37.75
CA THR A 30 -18.02 -17.70 -39.17
C THR A 30 -17.11 -16.81 -40.04
N PHE A 31 -16.35 -15.90 -39.41
CA PHE A 31 -15.45 -14.93 -40.11
C PHE A 31 -16.24 -14.17 -41.18
N PRO A 32 -17.05 -13.15 -40.82
CA PRO A 32 -17.78 -12.39 -41.83
C PRO A 32 -16.87 -11.65 -42.83
N ALA A 33 -17.38 -11.55 -44.06
CA ALA A 33 -16.69 -10.99 -45.24
C ALA A 33 -16.29 -9.54 -44.97
N LEU A 34 -15.29 -9.09 -45.72
CA LEU A 34 -14.82 -7.69 -45.76
C LEU A 34 -16.04 -6.78 -45.93
N GLY A 35 -16.09 -5.68 -45.18
CA GLY A 35 -17.21 -4.71 -45.19
C GLY A 35 -18.27 -5.02 -44.15
N THR A 36 -18.12 -6.12 -43.40
CA THR A 36 -19.00 -6.51 -42.26
C THR A 36 -18.16 -6.62 -40.98
N PHE A 37 -18.68 -6.15 -39.85
CA PHE A 37 -18.01 -6.28 -38.53
C PHE A 37 -18.87 -7.16 -37.63
N SER A 38 -18.20 -7.81 -36.68
CA SER A 38 -18.85 -8.56 -35.59
C SER A 38 -18.82 -7.69 -34.36
N ARG A 39 -19.87 -7.77 -33.56
CA ARG A 39 -19.95 -7.12 -32.25
C ARG A 39 -20.32 -8.17 -31.20
N TYR A 40 -19.49 -8.28 -30.18
CA TYR A 40 -19.82 -9.04 -28.96
C TYR A 40 -20.15 -8.02 -27.86
N GLU A 41 -21.34 -8.16 -27.29
CA GLU A 41 -21.89 -7.20 -26.31
C GLU A 41 -22.23 -7.90 -25.00
N SER A 42 -21.72 -7.37 -23.90
CA SER A 42 -22.24 -7.71 -22.55
C SER A 42 -22.75 -6.44 -21.87
N THR A 43 -23.81 -6.58 -21.09
CA THR A 43 -24.42 -5.44 -20.39
C THR A 43 -24.77 -5.83 -18.98
N ARG A 44 -24.80 -4.82 -18.10
CA ARG A 44 -25.29 -4.98 -16.74
C ARG A 44 -26.71 -5.55 -16.81
N SER A 45 -27.47 -5.18 -17.84
CA SER A 45 -28.91 -5.53 -17.95
C SER A 45 -29.04 -7.02 -18.23
N GLY A 46 -28.00 -7.69 -18.70
CA GLY A 46 -28.05 -9.17 -18.77
C GLY A 46 -27.47 -9.78 -20.01
N ARG A 47 -27.09 -8.99 -21.02
CA ARG A 47 -26.51 -9.54 -22.26
C ARG A 47 -25.13 -10.10 -21.94
N ARG A 48 -24.84 -11.27 -22.48
CA ARG A 48 -23.57 -11.95 -22.16
C ARG A 48 -22.89 -12.31 -23.46
N MET A 49 -21.94 -11.50 -23.88
CA MET A 49 -21.10 -11.70 -25.09
C MET A 49 -21.99 -12.12 -26.27
N GLU A 50 -23.06 -11.37 -26.48
CA GLU A 50 -24.04 -11.64 -27.56
C GLU A 50 -23.45 -11.15 -28.85
N LEU A 51 -23.56 -11.98 -29.89
CA LEU A 51 -23.02 -11.68 -31.22
C LEU A 51 -24.07 -10.92 -32.05
N SER A 52 -23.65 -9.85 -32.68
CA SER A 52 -24.40 -9.18 -33.77
C SER A 52 -23.41 -8.78 -34.85
N MET A 53 -23.92 -8.39 -36.02
CA MET A 53 -23.09 -7.96 -37.16
C MET A 53 -23.66 -6.68 -37.73
N GLY A 54 -22.81 -5.90 -38.36
CA GLY A 54 -23.18 -4.60 -38.92
C GLY A 54 -22.32 -4.28 -40.13
N PRO A 55 -22.73 -3.28 -40.93
CA PRO A 55 -21.99 -2.89 -42.11
C PRO A 55 -20.87 -1.91 -41.76
N ILE A 56 -19.83 -1.92 -42.59
CA ILE A 56 -18.79 -0.86 -42.61
C ILE A 56 -19.06 0.05 -43.81
N GLN A 57 -19.17 1.36 -43.58
CA GLN A 57 -19.56 2.35 -44.61
C GLN A 57 -18.27 3.00 -45.15
N ALA A 58 -18.26 3.42 -46.42
CA ALA A 58 -17.12 4.14 -47.03
C ALA A 58 -17.00 5.52 -46.40
N ASN A 59 -18.10 6.11 -45.93
CA ASN A 59 -18.17 7.54 -45.53
C ASN A 59 -18.79 7.69 -44.15
N HIS A 60 -18.48 8.80 -43.51
CA HIS A 60 -19.06 9.23 -42.23
C HIS A 60 -19.14 10.76 -42.26
N THR A 61 -20.21 11.31 -41.68
CA THR A 61 -20.41 12.76 -41.42
C THR A 61 -21.11 12.84 -40.07
N GLY A 62 -20.70 13.79 -39.23
CA GLY A 62 -21.40 14.13 -37.97
C GLY A 62 -20.41 14.71 -36.99
N THR A 63 -20.90 15.18 -35.85
CA THR A 63 -20.10 15.80 -34.76
C THR A 63 -19.90 14.79 -33.62
N GLY A 64 -20.42 13.56 -33.77
CA GLY A 64 -20.35 12.54 -32.71
C GLY A 64 -18.92 12.09 -32.45
N LEU A 65 -18.73 11.35 -31.36
CA LEU A 65 -17.42 10.75 -31.02
C LEU A 65 -16.99 9.87 -32.19
N LEU A 66 -15.77 10.09 -32.70
CA LEU A 66 -15.07 9.19 -33.64
C LEU A 66 -13.79 8.65 -33.00
N LEU A 67 -13.58 7.34 -33.10
CA LEU A 67 -12.31 6.68 -32.65
C LEU A 67 -11.64 6.20 -33.93
N THR A 68 -10.42 6.66 -34.19
CA THR A 68 -9.65 6.33 -35.41
C THR A 68 -8.51 5.37 -35.05
N LEU A 69 -8.52 4.20 -35.68
CA LEU A 69 -7.42 3.23 -35.73
C LEU A 69 -6.20 3.88 -36.39
N GLN A 70 -5.02 3.63 -35.85
CA GLN A 70 -3.70 4.02 -36.41
C GLN A 70 -2.88 2.74 -36.52
N PRO A 71 -3.15 1.94 -37.56
CA PRO A 71 -2.55 0.61 -37.73
C PRO A 71 -1.01 0.61 -37.91
N GLU A 72 -0.48 1.76 -38.35
N GLU A 72 -0.38 1.70 -38.34
CA GLU A 72 0.96 2.03 -38.57
CA GLU A 72 1.10 1.75 -38.48
C GLU A 72 1.66 2.21 -37.22
C GLU A 72 1.73 2.37 -37.23
N GLN A 73 0.92 2.70 -36.20
CA GLN A 73 1.41 2.91 -34.83
C GLN A 73 1.35 1.57 -34.11
N LYS A 74 2.48 0.89 -34.02
CA LYS A 74 2.64 -0.49 -33.49
C LYS A 74 3.26 -0.41 -32.09
N PHE A 75 2.66 -1.08 -31.11
CA PHE A 75 3.20 -1.18 -29.72
C PHE A 75 3.54 -2.64 -29.40
N GLN A 76 3.11 -3.14 -28.24
CA GLN A 76 3.56 -4.44 -27.69
C GLN A 76 2.81 -5.58 -28.40
N LYS A 77 3.46 -6.72 -28.51
CA LYS A 77 2.84 -8.02 -28.87
C LYS A 77 2.28 -8.68 -27.60
N VAL A 78 1.12 -9.32 -27.70
CA VAL A 78 0.40 -9.90 -26.55
C VAL A 78 0.93 -11.32 -26.30
N LYS A 79 1.26 -11.62 -25.04
CA LYS A 79 1.55 -13.00 -24.60
C LYS A 79 0.24 -13.77 -24.36
N GLY A 80 -0.69 -13.22 -23.57
CA GLY A 80 -2.00 -13.87 -23.36
C GLY A 80 -2.68 -13.52 -22.06
N PHE A 81 -3.69 -14.30 -21.76
CA PHE A 81 -4.62 -14.10 -20.62
C PHE A 81 -4.90 -15.46 -19.98
N GLY A 82 -5.18 -15.45 -18.69
CA GLY A 82 -5.63 -16.66 -17.98
C GLY A 82 -5.76 -16.44 -16.51
N GLY A 83 -5.50 -17.49 -15.72
CA GLY A 83 -5.76 -17.49 -14.27
C GLY A 83 -4.93 -18.52 -13.54
N ALA A 84 -5.18 -18.68 -12.25
CA ALA A 84 -4.26 -19.44 -11.37
C ALA A 84 -4.87 -20.75 -10.92
N MET A 85 -4.12 -21.82 -11.10
CA MET A 85 -4.48 -23.15 -10.58
C MET A 85 -3.88 -23.31 -9.17
N THR A 86 -4.47 -22.62 -8.21
CA THR A 86 -4.21 -22.80 -6.77
C THR A 86 -4.81 -24.13 -6.27
N ASP A 87 -4.37 -24.55 -5.09
CA ASP A 87 -5.03 -25.66 -4.35
C ASP A 87 -6.53 -25.37 -4.24
N ALA A 88 -6.92 -24.15 -3.88
CA ALA A 88 -8.33 -23.80 -3.67
C ALA A 88 -9.10 -23.99 -4.99
N ALA A 89 -8.55 -23.52 -6.10
CA ALA A 89 -9.21 -23.57 -7.42
C ALA A 89 -9.39 -25.04 -7.81
N ALA A 90 -8.34 -25.83 -7.63
CA ALA A 90 -8.38 -27.29 -7.94
C ALA A 90 -9.42 -27.99 -7.05
N LEU A 91 -9.44 -27.75 -5.75
CA LEU A 91 -10.42 -28.39 -4.84
C LEU A 91 -11.85 -28.03 -5.28
N ASN A 92 -12.09 -26.77 -5.60
CA ASN A 92 -13.42 -26.32 -6.06
C ASN A 92 -13.78 -27.00 -7.39
N ILE A 93 -12.85 -27.02 -8.35
CA ILE A 93 -13.19 -27.61 -9.67
C ILE A 93 -13.54 -29.08 -9.47
N LEU A 94 -12.77 -29.81 -8.64
CA LEU A 94 -12.93 -31.28 -8.47
C LEU A 94 -14.10 -31.62 -7.56
N ALA A 95 -14.67 -30.63 -6.87
CA ALA A 95 -15.89 -30.86 -6.05
C ALA A 95 -17.11 -31.03 -6.97
N LEU A 96 -17.05 -30.57 -8.23
CA LEU A 96 -18.16 -30.72 -9.21
C LEU A 96 -18.15 -32.17 -9.71
N SER A 97 -19.27 -32.64 -10.27
CA SER A 97 -19.28 -33.90 -11.04
C SER A 97 -18.40 -33.73 -12.26
N PRO A 98 -17.82 -34.84 -12.82
CA PRO A 98 -16.97 -34.73 -14.00
C PRO A 98 -17.57 -33.94 -15.17
N PRO A 99 -18.85 -34.12 -15.55
CA PRO A 99 -19.39 -33.36 -16.68
C PRO A 99 -19.43 -31.85 -16.35
N ALA A 100 -19.75 -31.48 -15.11
CA ALA A 100 -19.73 -30.06 -14.66
C ALA A 100 -18.29 -29.56 -14.65
N GLN A 101 -17.34 -30.38 -14.21
CA GLN A 101 -15.89 -30.04 -14.27
C GLN A 101 -15.52 -29.67 -15.69
N ASN A 102 -15.92 -30.50 -16.67
CA ASN A 102 -15.45 -30.33 -18.07
C ASN A 102 -16.11 -29.05 -18.64
N LEU A 103 -17.32 -28.74 -18.24
CA LEU A 103 -18.00 -27.52 -18.78
C LEU A 103 -17.34 -26.27 -18.17
N LEU A 104 -16.89 -26.35 -16.92
CA LEU A 104 -16.10 -25.25 -16.28
C LEU A 104 -14.80 -25.10 -17.07
N LEU A 105 -14.07 -26.19 -17.31
CA LEU A 105 -12.77 -26.07 -17.98
C LEU A 105 -12.97 -25.58 -19.42
N LYS A 106 -14.00 -26.07 -20.12
CA LYS A 106 -14.29 -25.60 -21.50
C LYS A 106 -14.63 -24.10 -21.49
N SER A 107 -15.38 -23.64 -20.51
CA SER A 107 -15.75 -22.20 -20.37
C SER A 107 -14.45 -21.36 -20.44
N TYR A 108 -13.42 -21.80 -19.75
CA TYR A 108 -12.15 -21.06 -19.73
C TYR A 108 -11.26 -21.34 -20.95
N PHE A 109 -11.04 -22.62 -21.31
CA PHE A 109 -9.91 -22.99 -22.20
C PHE A 109 -10.31 -23.33 -23.64
N SER A 110 -11.56 -23.71 -23.90
CA SER A 110 -11.96 -24.12 -25.28
C SER A 110 -12.31 -22.90 -26.16
N GLU A 111 -12.46 -23.15 -27.45
CA GLU A 111 -12.94 -22.14 -28.43
C GLU A 111 -14.44 -21.90 -28.23
N GLU A 112 -15.11 -22.82 -27.56
CA GLU A 112 -16.56 -22.73 -27.21
C GLU A 112 -16.71 -21.86 -25.96
N GLY A 113 -15.59 -21.51 -25.32
CA GLY A 113 -15.52 -20.57 -24.19
C GLY A 113 -14.61 -19.40 -24.53
N ILE A 114 -13.69 -19.03 -23.64
CA ILE A 114 -12.99 -17.73 -23.76
C ILE A 114 -11.49 -17.89 -24.01
N GLY A 115 -11.01 -19.07 -24.36
CA GLY A 115 -9.69 -19.19 -25.01
C GLY A 115 -8.51 -18.75 -24.12
N TYR A 116 -8.58 -18.98 -22.83
CA TYR A 116 -7.41 -18.76 -21.92
C TYR A 116 -6.18 -19.45 -22.48
N ASN A 117 -5.00 -18.84 -22.34
CA ASN A 117 -3.75 -19.48 -22.82
C ASN A 117 -2.63 -19.33 -21.77
N ILE A 118 -2.97 -18.89 -20.55
CA ILE A 118 -1.99 -18.80 -19.42
C ILE A 118 -2.56 -19.51 -18.20
N ILE A 119 -1.72 -20.27 -17.48
CA ILE A 119 -2.09 -20.85 -16.16
C ILE A 119 -0.92 -20.56 -15.22
N ARG A 120 -1.19 -19.80 -14.17
CA ARG A 120 -0.23 -19.56 -13.06
C ARG A 120 -0.34 -20.70 -12.04
N VAL A 121 0.79 -21.26 -11.67
CA VAL A 121 0.90 -22.45 -10.78
C VAL A 121 1.73 -22.06 -9.56
N PRO A 122 1.16 -21.99 -8.35
CA PRO A 122 1.97 -21.79 -7.15
C PRO A 122 2.95 -22.96 -7.02
N MET A 123 4.21 -22.62 -6.69
CA MET A 123 5.24 -23.59 -6.25
C MET A 123 4.99 -23.87 -4.77
N ALA A 124 4.24 -24.93 -4.49
CA ALA A 124 3.79 -25.39 -3.16
C ALA A 124 2.76 -24.40 -2.61
N SER A 125 2.62 -24.30 -1.29
CA SER A 125 1.41 -23.75 -0.64
C SER A 125 1.39 -22.22 -0.73
N CYS A 126 0.18 -21.67 -0.77
CA CYS A 126 -0.07 -20.22 -0.56
C CYS A 126 -1.24 -20.08 0.40
N ASP A 127 -1.83 -18.90 0.53
CA ASP A 127 -2.98 -18.77 1.46
C ASP A 127 -4.16 -19.56 0.89
N PHE A 128 -4.26 -19.69 -0.43
CA PHE A 128 -5.33 -20.48 -1.09
C PHE A 128 -4.94 -21.95 -1.16
N SER A 129 -4.62 -22.47 0.01
CA SER A 129 -4.26 -23.87 0.34
C SER A 129 -4.97 -24.17 1.65
N ILE A 130 -5.25 -25.44 1.93
CA ILE A 130 -5.88 -25.82 3.22
C ILE A 130 -4.79 -26.31 4.18
N ARG A 131 -3.56 -26.39 3.73
CA ARG A 131 -2.44 -26.65 4.67
C ARG A 131 -1.16 -26.00 4.15
N THR A 132 -0.26 -25.78 5.07
CA THR A 132 1.03 -25.12 4.80
C THR A 132 2.03 -26.26 4.57
N TYR A 133 2.77 -26.14 3.49
CA TYR A 133 3.77 -27.16 3.08
C TYR A 133 4.64 -26.48 2.04
N THR A 134 5.86 -26.96 1.90
CA THR A 134 6.77 -26.69 0.78
C THR A 134 7.13 -28.06 0.18
N TYR A 135 7.95 -28.06 -0.85
CA TYR A 135 8.37 -29.32 -1.52
C TYR A 135 9.52 -29.97 -0.74
N ALA A 136 10.13 -29.27 0.22
CA ALA A 136 11.33 -29.79 0.91
C ALA A 136 11.28 -29.46 2.41
N ASP A 137 10.31 -30.03 3.12
CA ASP A 137 10.08 -29.70 4.55
C ASP A 137 10.98 -30.53 5.49
N THR A 138 11.73 -31.52 4.99
CA THR A 138 12.73 -32.25 5.80
C THR A 138 13.85 -31.29 6.20
N PRO A 139 14.06 -30.99 7.50
CA PRO A 139 15.02 -29.96 7.88
C PRO A 139 16.45 -30.16 7.37
N ASP A 140 17.09 -29.06 7.00
CA ASP A 140 18.53 -28.95 6.66
C ASP A 140 18.90 -29.89 5.50
N ASP A 141 17.97 -30.12 4.58
CA ASP A 141 18.19 -31.01 3.41
C ASP A 141 18.77 -30.16 2.27
N PHE A 142 19.99 -29.65 2.43
CA PHE A 142 20.64 -28.76 1.42
C PHE A 142 20.86 -29.49 0.12
N GLN A 143 20.97 -30.82 0.19
CA GLN A 143 21.12 -31.71 -0.98
C GLN A 143 19.76 -31.74 -1.73
N LEU A 144 18.67 -31.45 -1.04
CA LEU A 144 17.27 -31.61 -1.52
C LEU A 144 17.02 -33.07 -1.93
N HIS A 145 17.53 -34.02 -1.16
CA HIS A 145 17.26 -35.46 -1.41
C HIS A 145 15.79 -35.77 -1.12
N ASN A 146 15.12 -35.01 -0.25
CA ASN A 146 13.72 -35.28 0.18
C ASN A 146 12.75 -34.28 -0.46
N PHE A 147 13.16 -33.58 -1.51
CA PHE A 147 12.26 -32.76 -2.37
C PHE A 147 11.24 -33.70 -3.03
N SER A 148 9.96 -33.44 -2.86
CA SER A 148 8.90 -34.21 -3.54
C SER A 148 7.64 -33.36 -3.69
N LEU A 149 6.90 -33.66 -4.77
CA LEU A 149 5.54 -33.11 -4.94
C LEU A 149 4.57 -33.92 -4.09
N PRO A 150 3.76 -33.24 -3.26
CA PRO A 150 2.66 -33.88 -2.53
C PRO A 150 1.42 -34.06 -3.43
N GLU A 151 0.33 -34.59 -2.88
CA GLU A 151 -0.88 -34.92 -3.68
C GLU A 151 -1.55 -33.63 -4.18
N GLU A 152 -1.35 -32.49 -3.51
CA GLU A 152 -1.90 -31.22 -4.03
C GLU A 152 -1.42 -31.03 -5.48
N ASP A 153 -0.17 -31.39 -5.80
CA ASP A 153 0.33 -31.31 -7.19
C ASP A 153 -0.12 -32.57 -7.94
N THR A 154 0.19 -33.76 -7.42
CA THR A 154 0.15 -34.98 -8.25
C THR A 154 -1.27 -35.43 -8.50
N LYS A 155 -2.22 -35.20 -7.58
CA LYS A 155 -3.62 -35.64 -7.72
C LYS A 155 -4.56 -34.47 -8.08
N LEU A 156 -4.22 -33.24 -7.71
CA LEU A 156 -5.17 -32.09 -7.89
C LEU A 156 -4.70 -31.22 -9.05
N LYS A 157 -3.61 -30.46 -8.89
CA LYS A 157 -3.21 -29.42 -9.86
C LYS A 157 -2.78 -30.03 -11.20
N ILE A 158 -1.95 -31.06 -11.17
CA ILE A 158 -1.31 -31.54 -12.42
C ILE A 158 -2.36 -32.18 -13.34
N PRO A 159 -3.27 -33.07 -12.84
CA PRO A 159 -4.28 -33.66 -13.72
C PRO A 159 -5.23 -32.60 -14.31
N LEU A 160 -5.55 -31.56 -13.54
CA LEU A 160 -6.43 -30.46 -14.05
C LEU A 160 -5.68 -29.66 -15.10
N ILE A 161 -4.38 -29.40 -14.91
CA ILE A 161 -3.59 -28.67 -15.94
C ILE A 161 -3.58 -29.48 -17.24
N HIS A 162 -3.28 -30.79 -17.17
CA HIS A 162 -3.31 -31.67 -18.36
C HIS A 162 -4.66 -31.55 -19.07
N ARG A 163 -5.75 -31.61 -18.32
CA ARG A 163 -7.11 -31.56 -18.90
C ARG A 163 -7.36 -30.21 -19.56
N ALA A 164 -6.90 -29.12 -18.94
CA ALA A 164 -7.03 -27.75 -19.51
C ALA A 164 -6.29 -27.68 -20.85
N LEU A 165 -5.04 -28.15 -20.87
N LEU A 165 -5.05 -28.18 -20.89
CA LEU A 165 -4.16 -28.18 -22.06
CA LEU A 165 -4.17 -28.12 -22.08
C LEU A 165 -4.91 -28.88 -23.20
C LEU A 165 -4.79 -28.95 -23.21
N GLN A 166 -5.53 -30.01 -22.90
CA GLN A 166 -6.17 -30.85 -23.97
C GLN A 166 -7.43 -30.16 -24.51
N LEU A 167 -8.16 -29.41 -23.69
CA LEU A 167 -9.39 -28.70 -24.13
C LEU A 167 -8.99 -27.46 -24.96
N ALA A 168 -7.81 -26.90 -24.73
CA ALA A 168 -7.36 -25.65 -25.39
C ALA A 168 -6.89 -25.99 -26.80
N GLN A 169 -7.33 -25.22 -27.80
CA GLN A 169 -6.80 -25.32 -29.19
C GLN A 169 -5.58 -24.41 -29.35
N ARG A 170 -5.50 -23.36 -28.54
CA ARG A 170 -4.29 -22.50 -28.47
C ARG A 170 -3.26 -23.12 -27.55
N PRO A 171 -1.96 -22.92 -27.83
CA PRO A 171 -0.90 -23.33 -26.91
C PRO A 171 -1.00 -22.57 -25.60
N VAL A 172 -0.90 -23.31 -24.50
CA VAL A 172 -1.08 -22.76 -23.13
C VAL A 172 0.31 -22.61 -22.53
N SER A 173 0.58 -21.43 -22.00
CA SER A 173 1.83 -21.12 -21.29
C SER A 173 1.62 -21.26 -19.78
N LEU A 174 2.46 -22.06 -19.10
CA LEU A 174 2.39 -22.20 -17.63
C LEU A 174 3.38 -21.23 -16.98
N LEU A 175 2.98 -20.61 -15.87
CA LEU A 175 3.84 -19.63 -15.13
C LEU A 175 3.87 -20.09 -13.67
N ALA A 176 5.06 -20.35 -13.13
CA ALA A 176 5.23 -20.82 -11.75
C ALA A 176 5.70 -19.64 -10.87
N SER A 177 5.20 -19.60 -9.64
CA SER A 177 5.59 -18.59 -8.63
C SER A 177 5.64 -19.26 -7.28
N PRO A 178 6.72 -19.02 -6.51
CA PRO A 178 6.78 -19.47 -5.13
C PRO A 178 6.33 -18.39 -4.16
N TRP A 179 5.66 -18.83 -3.09
CA TRP A 179 5.31 -17.94 -1.94
C TRP A 179 6.41 -18.04 -0.87
N THR A 180 6.68 -19.23 -0.34
CA THR A 180 7.74 -19.42 0.68
C THR A 180 8.69 -20.54 0.24
N SER A 181 9.93 -20.40 0.72
CA SER A 181 10.96 -21.46 0.79
C SER A 181 10.66 -22.32 2.00
N PRO A 182 11.25 -23.53 2.06
CA PRO A 182 11.31 -24.28 3.31
C PRO A 182 11.75 -23.32 4.44
N THR A 183 11.20 -23.53 5.63
CA THR A 183 11.38 -22.62 6.80
C THR A 183 12.84 -22.68 7.27
N TRP A 184 13.55 -23.80 7.04
CA TRP A 184 14.96 -23.97 7.49
C TRP A 184 15.92 -23.19 6.59
N LEU A 185 15.44 -22.58 5.50
CA LEU A 185 16.25 -21.66 4.68
C LEU A 185 15.99 -20.20 5.10
N LYS A 186 15.12 -19.94 6.07
CA LYS A 186 14.61 -18.57 6.38
C LYS A 186 15.12 -18.06 7.74
N THR A 187 15.29 -16.74 7.83
CA THR A 187 15.77 -16.04 9.04
C THR A 187 14.79 -16.25 10.18
N ASN A 188 13.49 -16.40 9.92
CA ASN A 188 12.45 -16.45 10.98
C ASN A 188 11.95 -17.88 11.23
N GLY A 189 12.42 -18.88 10.46
CA GLY A 189 11.99 -20.27 10.60
C GLY A 189 10.47 -20.47 10.48
N ALA A 190 9.77 -19.67 9.68
CA ALA A 190 8.29 -19.72 9.54
C ALA A 190 7.90 -19.55 8.07
N VAL A 191 6.72 -20.04 7.69
CA VAL A 191 6.26 -19.96 6.27
C VAL A 191 5.82 -18.52 5.97
N ASN A 192 5.49 -17.75 7.00
CA ASN A 192 4.94 -16.38 6.85
C ASN A 192 5.77 -15.44 7.74
N GLY A 193 5.30 -14.22 7.96
CA GLY A 193 5.98 -13.23 8.80
C GLY A 193 7.14 -12.56 8.11
N LYS A 194 7.80 -11.65 8.82
CA LYS A 194 8.95 -10.93 8.29
C LYS A 194 10.17 -11.87 8.34
N GLY A 195 10.74 -12.13 7.19
CA GLY A 195 11.79 -13.13 7.05
C GLY A 195 12.25 -13.24 5.61
N SER A 196 13.54 -13.43 5.43
CA SER A 196 14.20 -13.60 4.12
C SER A 196 14.92 -14.94 4.13
N LEU A 197 15.61 -15.26 3.05
CA LEU A 197 16.61 -16.33 3.06
C LEU A 197 17.69 -15.91 4.05
N LYS A 198 18.25 -16.88 4.75
CA LYS A 198 19.44 -16.69 5.60
C LYS A 198 20.62 -16.29 4.71
N GLY A 199 21.61 -15.66 5.31
CA GLY A 199 22.89 -15.42 4.64
C GLY A 199 22.73 -14.39 3.56
N GLN A 200 23.41 -14.58 2.45
CA GLN A 200 23.47 -13.58 1.35
C GLN A 200 23.54 -14.33 0.03
N PRO A 201 23.05 -13.73 -1.07
CA PRO A 201 23.22 -14.31 -2.39
C PRO A 201 24.64 -14.85 -2.67
N GLY A 202 24.69 -15.99 -3.37
CA GLY A 202 25.93 -16.69 -3.69
C GLY A 202 26.31 -17.70 -2.61
N ASP A 203 25.54 -17.82 -1.51
CA ASP A 203 25.86 -18.74 -0.38
C ASP A 203 25.02 -20.03 -0.45
N ILE A 204 25.24 -20.93 0.51
CA ILE A 204 24.62 -22.29 0.50
C ILE A 204 23.09 -22.15 0.52
N TYR A 205 22.53 -21.20 1.28
CA TYR A 205 21.06 -21.06 1.44
C TYR A 205 20.44 -20.67 0.09
N HIS A 206 21.12 -19.75 -0.60
CA HIS A 206 20.66 -19.15 -1.88
C HIS A 206 20.86 -20.17 -3.01
N GLN A 207 21.97 -20.90 -2.99
CA GLN A 207 22.24 -21.96 -3.99
C GLN A 207 21.17 -23.04 -3.84
N THR A 208 20.85 -23.42 -2.61
CA THR A 208 19.83 -24.45 -2.32
C THR A 208 18.50 -23.93 -2.88
N TRP A 209 18.17 -22.68 -2.59
CA TRP A 209 16.86 -22.16 -3.02
C TRP A 209 16.81 -22.13 -4.55
N ALA A 210 17.88 -21.72 -5.23
CA ALA A 210 17.92 -21.72 -6.71
C ALA A 210 17.74 -23.15 -7.20
N ARG A 211 18.42 -24.12 -6.59
CA ARG A 211 18.32 -25.53 -7.05
C ARG A 211 16.87 -26.01 -6.88
N TYR A 212 16.17 -25.53 -5.86
CA TYR A 212 14.75 -25.90 -5.61
C TYR A 212 13.91 -25.55 -6.85
N PHE A 213 14.18 -24.44 -7.51
CA PHE A 213 13.44 -24.05 -8.75
C PHE A 213 13.64 -25.16 -9.80
N VAL A 214 14.89 -25.59 -9.96
CA VAL A 214 15.25 -26.66 -10.95
C VAL A 214 14.57 -27.98 -10.59
N LYS A 215 14.53 -28.32 -9.29
CA LYS A 215 13.85 -29.55 -8.81
C LYS A 215 12.35 -29.47 -9.08
N PHE A 216 11.72 -28.32 -8.85
CA PHE A 216 10.28 -28.13 -9.19
C PHE A 216 10.04 -28.41 -10.67
N LEU A 217 10.86 -27.81 -11.54
CA LEU A 217 10.72 -27.90 -13.02
C LEU A 217 11.02 -29.36 -13.45
N ASP A 218 11.98 -30.02 -12.79
CA ASP A 218 12.23 -31.47 -13.04
C ASP A 218 10.99 -32.28 -12.67
N ALA A 219 10.40 -32.05 -11.50
CA ALA A 219 9.29 -32.86 -10.98
C ALA A 219 8.07 -32.71 -11.91
N TYR A 220 7.74 -31.46 -12.29
CA TYR A 220 6.64 -31.16 -13.24
C TYR A 220 6.91 -31.84 -14.59
N ALA A 221 8.16 -31.83 -15.04
CA ALA A 221 8.58 -32.48 -16.32
C ALA A 221 8.40 -34.01 -16.21
N GLU A 222 8.65 -34.64 -15.07
CA GLU A 222 8.36 -36.08 -14.87
C GLU A 222 6.87 -36.34 -15.12
N HIS A 223 6.01 -35.34 -14.88
CA HIS A 223 4.54 -35.41 -15.04
C HIS A 223 4.12 -34.82 -16.39
N LYS A 224 5.07 -34.62 -17.29
CA LYS A 224 4.86 -34.26 -18.72
C LYS A 224 4.32 -32.83 -18.82
N LEU A 225 4.79 -31.90 -17.99
CA LEU A 225 4.39 -30.47 -18.05
C LEU A 225 5.67 -29.66 -18.14
N GLN A 226 5.71 -28.67 -19.03
CA GLN A 226 6.86 -27.77 -19.19
C GLN A 226 6.37 -26.34 -18.95
N PHE A 227 7.23 -25.50 -18.40
CA PHE A 227 6.87 -24.11 -18.02
C PHE A 227 7.33 -23.15 -19.11
N TRP A 228 6.54 -22.11 -19.35
CA TRP A 228 6.93 -20.93 -20.14
C TRP A 228 7.85 -20.03 -19.31
N ALA A 229 7.50 -19.82 -18.05
CA ALA A 229 8.24 -18.85 -17.21
C ALA A 229 8.09 -19.19 -15.74
N VAL A 230 8.98 -18.59 -14.94
CA VAL A 230 8.85 -18.58 -13.47
C VAL A 230 9.05 -17.12 -13.06
N THR A 231 8.46 -16.72 -11.94
CA THR A 231 8.82 -15.45 -11.27
C THR A 231 9.86 -15.72 -10.18
N ALA A 232 10.63 -14.70 -9.85
CA ALA A 232 11.73 -14.76 -8.86
C ALA A 232 11.18 -14.96 -7.45
N GLU A 233 9.91 -14.61 -7.20
CA GLU A 233 9.21 -14.73 -5.89
C GLU A 233 7.85 -14.03 -6.02
N ASN A 234 6.80 -14.59 -5.45
CA ASN A 234 5.50 -13.89 -5.34
C ASN A 234 5.65 -12.73 -4.35
N GLU A 235 5.35 -11.50 -4.76
CA GLU A 235 5.29 -10.32 -3.86
C GLU A 235 6.42 -10.33 -2.83
N PRO A 236 7.69 -10.21 -3.31
CA PRO A 236 8.84 -10.24 -2.42
C PRO A 236 8.80 -9.16 -1.32
N SER A 237 8.20 -8.02 -1.59
CA SER A 237 8.15 -6.93 -0.60
C SER A 237 7.31 -7.38 0.62
N ALA A 238 6.38 -8.33 0.45
CA ALA A 238 5.45 -8.76 1.53
C ALA A 238 6.23 -9.39 2.71
N GLY A 239 7.33 -10.10 2.44
CA GLY A 239 8.18 -10.73 3.48
C GLY A 239 8.98 -9.70 4.26
N LEU A 240 8.86 -8.42 3.95
CA LEU A 240 9.59 -7.33 4.68
C LEU A 240 8.65 -6.74 5.73
N LEU A 241 7.42 -7.26 5.84
CA LEU A 241 6.36 -6.65 6.69
C LEU A 241 6.12 -7.48 7.94
N SER A 242 6.33 -6.88 9.11
CA SER A 242 6.05 -7.50 10.43
C SER A 242 4.68 -8.19 10.45
N GLY A 243 4.65 -9.47 10.82
CA GLY A 243 3.42 -10.25 11.05
C GLY A 243 2.71 -10.65 9.76
N TYR A 244 3.31 -10.43 8.58
CA TYR A 244 2.62 -10.75 7.31
C TYR A 244 2.07 -12.16 7.38
N PRO A 245 0.74 -12.35 7.26
CA PRO A 245 0.10 -13.61 7.65
C PRO A 245 0.17 -14.72 6.57
N PHE A 246 0.39 -14.35 5.30
CA PHE A 246 0.39 -15.27 4.14
C PHE A 246 1.83 -15.78 3.93
N GLN A 247 1.98 -16.99 3.39
CA GLN A 247 3.29 -17.51 3.00
C GLN A 247 4.00 -16.43 2.19
N CYS A 248 5.27 -16.25 2.47
CA CYS A 248 6.05 -15.18 1.87
C CYS A 248 7.54 -15.41 2.07
N LEU A 249 8.33 -14.60 1.38
CA LEU A 249 9.80 -14.68 1.41
C LEU A 249 10.32 -13.31 0.98
N GLY A 250 10.85 -12.58 1.94
CA GLY A 250 11.16 -11.16 1.77
C GLY A 250 12.44 -10.95 1.01
N PHE A 251 12.40 -10.11 -0.01
CA PHE A 251 13.58 -9.55 -0.71
C PHE A 251 13.40 -8.04 -0.91
N THR A 252 14.46 -7.30 -0.63
CA THR A 252 14.64 -5.92 -1.11
C THR A 252 14.95 -6.02 -2.59
N PRO A 253 14.82 -4.93 -3.38
CA PRO A 253 15.19 -5.00 -4.78
C PRO A 253 16.67 -5.38 -4.96
N GLU A 254 17.53 -4.93 -4.06
CA GLU A 254 18.97 -5.27 -4.09
C GLU A 254 19.15 -6.78 -3.88
N HIS A 255 18.41 -7.36 -2.93
CA HIS A 255 18.46 -8.79 -2.61
C HIS A 255 18.01 -9.57 -3.84
N GLN A 256 16.91 -9.15 -4.46
CA GLN A 256 16.39 -9.83 -5.68
C GLN A 256 17.47 -9.73 -6.78
N ARG A 257 18.04 -8.56 -6.95
CA ARG A 257 19.09 -8.29 -7.96
C ARG A 257 20.21 -9.32 -7.79
N ASP A 258 20.81 -9.38 -6.61
CA ASP A 258 21.95 -10.28 -6.34
C ASP A 258 21.55 -11.76 -6.39
N PHE A 259 20.36 -12.12 -5.90
CA PHE A 259 19.86 -13.51 -5.95
C PHE A 259 19.77 -13.98 -7.41
N ILE A 260 19.24 -13.11 -8.26
CA ILE A 260 19.10 -13.44 -9.71
C ILE A 260 20.49 -13.60 -10.33
N ALA A 261 21.37 -12.61 -10.19
CA ALA A 261 22.72 -12.58 -10.83
C ALA A 261 23.58 -13.76 -10.36
N ARG A 262 23.54 -14.10 -9.07
CA ARG A 262 24.51 -15.07 -8.50
C ARG A 262 23.98 -16.49 -8.53
N ASP A 263 22.69 -16.67 -8.24
CA ASP A 263 22.08 -17.97 -7.87
C ASP A 263 21.06 -18.38 -8.93
N LEU A 264 19.93 -17.69 -9.00
CA LEU A 264 18.74 -18.21 -9.73
C LEU A 264 19.04 -18.25 -11.23
N GLY A 265 19.56 -17.15 -11.79
CA GLY A 265 19.88 -16.98 -13.21
C GLY A 265 20.86 -18.04 -13.68
N PRO A 266 22.07 -18.13 -13.09
CA PRO A 266 23.06 -19.12 -13.52
C PRO A 266 22.55 -20.56 -13.31
N THR A 267 21.84 -20.82 -12.22
CA THR A 267 21.32 -22.17 -11.92
C THR A 267 20.33 -22.59 -13.01
N LEU A 268 19.38 -21.73 -13.37
CA LEU A 268 18.39 -22.07 -14.43
C LEU A 268 19.10 -22.19 -15.79
N ALA A 269 20.10 -21.34 -16.05
CA ALA A 269 20.81 -21.26 -17.35
C ALA A 269 21.65 -22.53 -17.57
N ASN A 270 22.10 -23.18 -16.48
CA ASN A 270 22.95 -24.39 -16.53
C ASN A 270 22.10 -25.64 -16.28
N SER A 271 20.82 -25.61 -16.64
CA SER A 271 19.86 -26.71 -16.39
C SER A 271 19.24 -27.07 -17.74
N THR A 272 18.51 -28.18 -17.81
CA THR A 272 17.69 -28.55 -19.00
C THR A 272 16.57 -27.50 -19.20
N HIS A 273 16.35 -26.63 -18.21
CA HIS A 273 15.23 -25.64 -18.21
C HIS A 273 15.71 -24.24 -18.62
N HIS A 274 16.83 -24.13 -19.34
CA HIS A 274 17.50 -22.86 -19.70
C HIS A 274 16.60 -21.98 -20.56
N ASN A 275 15.66 -22.57 -21.28
CA ASN A 275 14.73 -21.79 -22.14
C ASN A 275 13.56 -21.20 -21.32
N VAL A 276 13.33 -21.67 -20.08
CA VAL A 276 12.25 -21.13 -19.19
C VAL A 276 12.57 -19.64 -18.93
N ARG A 277 11.60 -18.73 -19.18
CA ARG A 277 11.78 -17.27 -18.94
C ARG A 277 11.76 -16.98 -17.44
N LEU A 278 12.56 -15.99 -17.01
CA LEU A 278 12.51 -15.50 -15.60
C LEU A 278 11.84 -14.11 -15.61
N LEU A 279 10.82 -13.97 -14.79
CA LEU A 279 10.18 -12.64 -14.55
C LEU A 279 10.57 -12.16 -13.13
N MET A 280 10.96 -10.90 -13.05
CA MET A 280 11.23 -10.22 -11.78
C MET A 280 9.99 -9.47 -11.27
N LEU A 281 10.08 -8.97 -10.04
CA LEU A 281 9.09 -8.18 -9.25
C LEU A 281 7.92 -9.07 -8.81
N ASP A 282 6.97 -9.38 -9.70
CA ASP A 282 5.77 -10.16 -9.34
C ASP A 282 5.11 -9.47 -8.14
N ASP A 283 4.92 -8.17 -8.25
CA ASP A 283 4.55 -7.34 -7.07
C ASP A 283 3.82 -6.08 -7.53
N GLN A 284 3.42 -5.24 -6.59
CA GLN A 284 2.61 -4.05 -6.91
C GLN A 284 3.36 -3.10 -7.85
N ARG A 285 2.66 -2.56 -8.85
CA ARG A 285 3.31 -1.72 -9.87
C ARG A 285 3.84 -0.42 -9.27
N LEU A 286 3.41 0.03 -8.08
CA LEU A 286 4.02 1.25 -7.45
C LEU A 286 5.53 1.04 -7.24
N LEU A 287 6.01 -0.21 -7.22
CA LEU A 287 7.44 -0.50 -7.04
C LEU A 287 8.26 -0.23 -8.30
N LEU A 288 7.59 0.13 -9.40
CA LEU A 288 8.22 0.58 -10.67
C LEU A 288 8.19 2.09 -10.75
N PRO A 289 9.21 2.75 -11.36
CA PRO A 289 10.32 2.06 -11.99
C PRO A 289 11.49 1.63 -11.08
N HIS A 290 11.44 1.94 -9.78
CA HIS A 290 12.60 1.75 -8.86
C HIS A 290 13.15 0.31 -8.96
N TRP A 291 12.29 -0.69 -8.83
CA TRP A 291 12.75 -2.10 -8.80
C TRP A 291 13.42 -2.45 -10.12
N ALA A 292 12.91 -1.96 -11.25
CA ALA A 292 13.51 -2.19 -12.59
C ALA A 292 14.91 -1.56 -12.66
N LYS A 293 15.07 -0.33 -12.19
CA LYS A 293 16.38 0.35 -12.17
C LYS A 293 17.35 -0.44 -11.28
N VAL A 294 16.94 -0.91 -10.12
CA VAL A 294 17.87 -1.61 -9.20
C VAL A 294 18.32 -2.91 -9.85
N VAL A 295 17.38 -3.71 -10.35
CA VAL A 295 17.76 -5.04 -10.91
C VAL A 295 18.43 -4.85 -12.29
N LEU A 296 17.82 -4.09 -13.20
CA LEU A 296 18.16 -4.18 -14.63
C LEU A 296 19.39 -3.32 -14.97
N THR A 297 19.86 -2.44 -14.10
CA THR A 297 21.08 -1.66 -14.41
C THR A 297 22.33 -2.46 -14.04
N ASP A 298 22.17 -3.62 -13.38
CA ASP A 298 23.25 -4.60 -13.13
C ASP A 298 23.26 -5.59 -14.30
N PRO A 299 24.26 -5.55 -15.19
CA PRO A 299 24.30 -6.46 -16.32
C PRO A 299 24.27 -7.94 -15.94
N GLU A 300 24.81 -8.31 -14.76
CA GLU A 300 24.86 -9.72 -14.33
C GLU A 300 23.47 -10.23 -13.94
N ALA A 301 22.54 -9.35 -13.54
CA ALA A 301 21.13 -9.73 -13.27
C ALA A 301 20.30 -9.55 -14.56
N ALA A 302 20.51 -8.46 -15.28
CA ALA A 302 19.76 -8.08 -16.51
C ALA A 302 19.81 -9.23 -17.54
N LYS A 303 20.93 -9.95 -17.65
CA LYS A 303 21.11 -10.95 -18.72
C LYS A 303 20.18 -12.15 -18.51
N TYR A 304 19.63 -12.31 -17.31
CA TYR A 304 18.75 -13.43 -16.95
C TYR A 304 17.28 -13.03 -16.95
N VAL A 305 16.96 -11.74 -16.97
CA VAL A 305 15.57 -11.28 -16.67
C VAL A 305 14.87 -11.03 -18.00
N HIS A 306 13.85 -11.81 -18.30
CA HIS A 306 13.02 -11.70 -19.54
C HIS A 306 12.00 -10.57 -19.40
N GLY A 307 11.38 -10.48 -18.22
CA GLY A 307 10.26 -9.55 -18.02
C GLY A 307 10.04 -9.16 -16.58
N ILE A 308 9.02 -8.33 -16.38
CA ILE A 308 8.64 -7.75 -15.08
C ILE A 308 7.16 -8.07 -14.91
N ALA A 309 6.83 -8.79 -13.85
CA ALA A 309 5.45 -9.21 -13.52
C ALA A 309 4.90 -8.23 -12.49
N VAL A 310 3.64 -7.83 -12.64
CA VAL A 310 3.01 -6.82 -11.75
C VAL A 310 1.68 -7.37 -11.27
N HIS A 311 1.33 -6.99 -10.04
CA HIS A 311 0.06 -7.30 -9.37
C HIS A 311 -0.75 -6.00 -9.27
N TRP A 312 -2.07 -6.10 -9.18
CA TRP A 312 -2.94 -4.88 -9.36
C TRP A 312 -3.38 -4.23 -8.03
N TYR A 313 -3.02 -4.76 -6.86
CA TYR A 313 -3.77 -4.54 -5.60
C TYR A 313 -3.62 -3.09 -5.11
N LEU A 314 -2.51 -2.42 -5.42
CA LEU A 314 -2.36 -1.01 -5.02
C LEU A 314 -2.33 -0.09 -6.26
N ASP A 315 -3.05 -0.46 -7.34
CA ASP A 315 -3.05 0.34 -8.58
C ASP A 315 -3.67 1.73 -8.33
N PHE A 316 -4.53 1.86 -7.33
CA PHE A 316 -5.14 3.17 -6.98
C PHE A 316 -4.03 4.20 -6.61
N LEU A 317 -2.88 3.76 -6.08
CA LEU A 317 -1.74 4.61 -5.61
C LEU A 317 -0.86 4.99 -6.82
N ALA A 318 -0.90 4.20 -7.91
CA ALA A 318 0.20 4.05 -8.88
C ALA A 318 -0.28 4.33 -10.30
N PRO A 319 -0.31 5.61 -10.74
CA PRO A 319 -0.73 5.95 -12.09
C PRO A 319 0.12 5.18 -13.10
N ALA A 320 -0.53 4.65 -14.14
CA ALA A 320 0.11 3.77 -15.13
C ALA A 320 1.27 4.52 -15.80
N LYS A 321 1.10 5.78 -16.13
CA LYS A 321 2.15 6.53 -16.88
C LYS A 321 3.44 6.62 -16.04
N ALA A 322 3.35 6.82 -14.72
CA ALA A 322 4.51 7.06 -13.82
C ALA A 322 5.21 5.74 -13.49
N THR A 323 4.60 4.61 -13.80
CA THR A 323 5.05 3.27 -13.33
C THR A 323 5.34 2.41 -14.55
N LEU A 324 4.28 1.91 -15.20
CA LEU A 324 4.42 1.12 -16.43
C LEU A 324 5.04 1.99 -17.53
N GLY A 325 4.55 3.21 -17.73
CA GLY A 325 5.04 4.07 -18.82
C GLY A 325 6.51 4.36 -18.69
N GLU A 326 6.94 4.77 -17.50
CA GLU A 326 8.33 5.14 -17.22
C GLU A 326 9.23 3.89 -17.32
N THR A 327 8.74 2.75 -16.84
CA THR A 327 9.51 1.48 -16.95
C THR A 327 9.69 1.10 -18.42
N HIS A 328 8.65 1.19 -19.26
CA HIS A 328 8.79 0.96 -20.72
C HIS A 328 9.80 1.95 -21.34
N ARG A 329 9.77 3.22 -20.97
CA ARG A 329 10.70 4.23 -21.56
C ARG A 329 12.15 3.83 -21.25
N LEU A 330 12.44 3.45 -20.02
CA LEU A 330 13.84 3.20 -19.57
C LEU A 330 14.29 1.82 -20.06
N PHE A 331 13.39 0.82 -20.08
CA PHE A 331 13.70 -0.61 -20.36
C PHE A 331 12.72 -1.17 -21.39
N PRO A 332 12.73 -0.65 -22.63
CA PRO A 332 11.72 -1.02 -23.63
C PRO A 332 11.80 -2.47 -24.12
N ASN A 333 12.92 -3.16 -23.91
CA ASN A 333 13.10 -4.57 -24.37
C ASN A 333 12.80 -5.58 -23.26
N THR A 334 12.29 -5.12 -22.12
CA THR A 334 11.94 -6.02 -20.97
C THR A 334 10.43 -5.95 -20.83
N MET A 335 9.75 -7.02 -21.21
CA MET A 335 8.28 -7.02 -21.31
C MET A 335 7.68 -6.82 -19.91
N LEU A 336 6.54 -6.15 -19.84
CA LEU A 336 5.69 -5.98 -18.63
C LEU A 336 4.49 -6.91 -18.73
N PHE A 337 4.15 -7.61 -17.65
CA PHE A 337 3.12 -8.67 -17.64
C PHE A 337 2.38 -8.60 -16.31
N ALA A 338 1.06 -8.54 -16.35
CA ALA A 338 0.20 -8.52 -15.15
C ALA A 338 -0.05 -9.97 -14.73
N SER A 339 0.46 -10.38 -13.57
CA SER A 339 0.53 -11.79 -13.18
C SER A 339 -0.50 -12.14 -12.11
N GLU A 340 -1.22 -11.18 -11.53
CA GLU A 340 -2.20 -11.53 -10.49
C GLU A 340 -3.14 -10.35 -10.17
N ALA A 341 -4.44 -10.66 -10.10
CA ALA A 341 -5.50 -9.74 -9.71
C ALA A 341 -6.68 -10.53 -9.13
N CYS A 342 -7.38 -9.93 -8.16
CA CYS A 342 -8.71 -10.37 -7.68
C CYS A 342 -9.31 -9.25 -6.85
N VAL A 343 -10.62 -9.28 -6.75
CA VAL A 343 -11.39 -8.33 -5.90
C VAL A 343 -11.75 -9.05 -4.60
N GLY A 344 -11.77 -8.34 -3.46
CA GLY A 344 -12.38 -8.85 -2.22
C GLY A 344 -11.44 -9.08 -1.07
N SER A 345 -10.13 -8.91 -1.24
CA SER A 345 -9.13 -9.18 -0.16
C SER A 345 -9.27 -8.15 0.95
N LYS A 346 -9.60 -6.91 0.64
CA LYS A 346 -9.62 -5.79 1.64
C LYS A 346 -10.69 -6.08 2.66
N PHE A 347 -10.45 -5.71 3.93
CA PHE A 347 -11.29 -6.11 5.09
C PHE A 347 -12.72 -5.60 4.88
N TRP A 348 -12.90 -4.49 4.17
CA TRP A 348 -14.23 -3.86 3.98
C TRP A 348 -14.96 -4.44 2.79
N GLU A 349 -14.29 -5.27 1.97
CA GLU A 349 -14.90 -5.74 0.70
C GLU A 349 -15.59 -7.04 1.04
N GLN A 350 -16.87 -7.19 0.69
CA GLN A 350 -17.51 -8.50 0.75
C GLN A 350 -16.63 -9.43 -0.08
N SER A 351 -16.32 -10.63 0.40
CA SER A 351 -15.41 -11.53 -0.35
C SER A 351 -16.00 -11.84 -1.73
N VAL A 352 -17.23 -12.34 -1.77
CA VAL A 352 -17.92 -12.76 -3.01
C VAL A 352 -19.21 -11.96 -3.13
N ARG A 353 -19.41 -11.31 -4.27
CA ARG A 353 -20.63 -10.54 -4.60
C ARG A 353 -21.18 -11.13 -5.88
N LEU A 354 -21.98 -12.19 -5.79
CA LEU A 354 -22.45 -12.94 -6.97
C LEU A 354 -23.22 -12.01 -7.93
N GLY A 355 -22.69 -11.78 -9.13
CA GLY A 355 -23.35 -10.99 -10.19
C GLY A 355 -22.91 -9.53 -10.20
N SER A 356 -21.87 -9.19 -9.46
CA SER A 356 -21.35 -7.81 -9.35
C SER A 356 -20.91 -7.32 -10.72
N TRP A 357 -21.62 -6.34 -11.30
CA TRP A 357 -21.12 -5.69 -12.53
C TRP A 357 -19.90 -4.82 -12.22
N ASP A 358 -19.87 -4.17 -11.08
CA ASP A 358 -18.70 -3.34 -10.66
C ASP A 358 -17.41 -4.17 -10.76
N ARG A 359 -17.42 -5.39 -10.24
CA ARG A 359 -16.21 -6.25 -10.25
C ARG A 359 -15.81 -6.56 -11.68
N GLY A 360 -16.77 -6.86 -12.56
CA GLY A 360 -16.47 -7.00 -13.98
C GLY A 360 -15.78 -5.76 -14.55
N MET A 361 -16.34 -4.57 -14.30
CA MET A 361 -15.76 -3.32 -14.86
C MET A 361 -14.38 -3.09 -14.27
N GLN A 362 -14.12 -3.48 -13.02
CA GLN A 362 -12.75 -3.34 -12.44
C GLN A 362 -11.78 -4.13 -13.31
N TYR A 363 -12.17 -5.33 -13.73
CA TYR A 363 -11.31 -6.24 -14.53
C TYR A 363 -11.02 -5.62 -15.90
N SER A 364 -12.06 -5.30 -16.67
CA SER A 364 -11.87 -4.77 -18.05
C SER A 364 -11.15 -3.42 -18.00
N HIS A 365 -11.47 -2.57 -17.03
CA HIS A 365 -10.76 -1.26 -16.89
C HIS A 365 -9.27 -1.50 -16.67
N SER A 366 -8.92 -2.45 -15.79
CA SER A 366 -7.50 -2.79 -15.52
C SER A 366 -6.81 -3.34 -16.78
N ILE A 367 -7.49 -4.24 -17.48
CA ILE A 367 -6.89 -4.84 -18.69
C ILE A 367 -6.67 -3.73 -19.74
N ILE A 368 -7.63 -2.83 -19.93
CA ILE A 368 -7.47 -1.77 -20.95
C ILE A 368 -6.32 -0.85 -20.52
N THR A 369 -6.25 -0.45 -19.26
CA THR A 369 -5.18 0.45 -18.78
C THR A 369 -3.83 -0.23 -19.01
N ASN A 370 -3.70 -1.49 -18.61
CA ASN A 370 -2.46 -2.27 -18.79
C ASN A 370 -2.07 -2.31 -20.27
N LEU A 371 -2.97 -2.69 -21.15
CA LEU A 371 -2.65 -2.76 -22.60
C LEU A 371 -2.26 -1.37 -23.11
N LEU A 372 -2.90 -0.29 -22.63
CA LEU A 372 -2.56 1.07 -23.14
C LEU A 372 -1.18 1.50 -22.63
N TYR A 373 -0.60 0.76 -21.67
CA TYR A 373 0.73 1.08 -21.12
C TYR A 373 1.66 -0.13 -21.21
N HIS A 374 1.58 -0.81 -22.36
CA HIS A 374 2.65 -1.68 -22.91
C HIS A 374 2.66 -3.07 -22.28
N VAL A 375 1.70 -3.42 -21.45
CA VAL A 375 1.67 -4.73 -20.76
C VAL A 375 1.25 -5.81 -21.76
N VAL A 376 1.90 -6.98 -21.72
CA VAL A 376 1.70 -8.02 -22.77
C VAL A 376 0.70 -9.10 -22.35
N GLY A 377 0.21 -9.06 -21.12
CA GLY A 377 -0.67 -10.12 -20.62
C GLY A 377 -1.30 -9.75 -19.31
N TRP A 378 -2.39 -10.42 -18.97
CA TRP A 378 -3.14 -10.16 -17.74
C TRP A 378 -3.69 -11.48 -17.20
N THR A 379 -3.36 -11.75 -15.94
CA THR A 379 -3.60 -13.03 -15.26
C THR A 379 -4.51 -12.80 -14.04
N ASP A 380 -5.62 -13.47 -14.05
CA ASP A 380 -6.51 -13.62 -12.87
C ASP A 380 -5.80 -14.50 -11.84
N TRP A 381 -6.30 -14.40 -10.62
CA TRP A 381 -5.90 -15.26 -9.48
C TRP A 381 -6.75 -16.54 -9.52
N ASN A 382 -7.29 -17.02 -8.41
CA ASN A 382 -7.99 -18.34 -8.36
C ASN A 382 -8.95 -18.48 -9.54
N LEU A 383 -8.82 -19.57 -10.31
CA LEU A 383 -9.77 -19.91 -11.41
C LEU A 383 -11.18 -20.14 -10.89
N ALA A 384 -11.32 -20.62 -9.65
CA ALA A 384 -12.62 -20.86 -9.02
C ALA A 384 -12.49 -20.85 -7.51
N LEU A 385 -13.56 -20.43 -6.85
CA LEU A 385 -13.67 -20.45 -5.39
C LEU A 385 -15.08 -20.89 -5.01
N ASN A 386 -15.27 -21.21 -3.74
CA ASN A 386 -16.61 -21.55 -3.18
C ASN A 386 -17.33 -20.24 -2.85
N PRO A 387 -18.62 -20.28 -2.49
CA PRO A 387 -19.37 -19.03 -2.24
C PRO A 387 -18.89 -18.18 -1.06
N GLU A 388 -18.08 -18.75 -0.19
CA GLU A 388 -17.40 -18.04 0.92
C GLU A 388 -16.15 -17.33 0.40
N GLY A 389 -15.66 -17.69 -0.81
CA GLY A 389 -14.43 -17.12 -1.38
C GLY A 389 -13.18 -17.88 -0.95
N GLY A 390 -13.33 -19.17 -0.62
CA GLY A 390 -12.22 -20.03 -0.19
C GLY A 390 -12.22 -21.37 -0.95
N PRO A 391 -11.56 -22.41 -0.39
CA PRO A 391 -10.92 -22.34 0.92
C PRO A 391 -9.62 -21.55 1.00
N ASN A 392 -9.26 -21.18 2.23
CA ASN A 392 -8.09 -20.33 2.51
C ASN A 392 -7.72 -20.51 3.99
N TRP A 393 -6.49 -20.95 4.27
CA TRP A 393 -6.11 -21.37 5.64
C TRP A 393 -6.00 -20.15 6.54
N VAL A 394 -5.82 -18.96 5.96
CA VAL A 394 -5.73 -17.71 6.75
C VAL A 394 -7.13 -17.09 6.82
N ARG A 395 -8.11 -17.67 6.14
CA ARG A 395 -9.51 -17.14 6.04
C ARG A 395 -9.52 -15.76 5.37
N ASN A 396 -8.57 -15.47 4.48
CA ASN A 396 -8.56 -14.23 3.69
C ASN A 396 -9.27 -14.53 2.38
N PHE A 397 -10.57 -14.50 2.41
CA PHE A 397 -11.41 -14.93 1.28
C PHE A 397 -11.48 -13.81 0.23
N VAL A 398 -11.66 -14.19 -1.02
CA VAL A 398 -11.74 -13.22 -2.16
C VAL A 398 -12.79 -13.69 -3.16
N ASP A 399 -12.94 -12.93 -4.23
CA ASP A 399 -13.89 -13.26 -5.31
C ASP A 399 -13.16 -13.99 -6.42
N SER A 400 -13.90 -14.69 -7.27
CA SER A 400 -13.37 -15.38 -8.48
C SER A 400 -14.39 -15.25 -9.59
N PRO A 401 -13.97 -15.20 -10.86
CA PRO A 401 -14.90 -15.19 -11.98
C PRO A 401 -15.85 -16.40 -12.04
N ILE A 402 -15.47 -17.51 -11.40
CA ILE A 402 -16.36 -18.71 -11.30
C ILE A 402 -16.43 -19.14 -9.84
N ILE A 403 -17.66 -19.26 -9.33
CA ILE A 403 -18.01 -19.68 -7.95
C ILE A 403 -18.67 -21.05 -8.06
N VAL A 404 -18.10 -22.03 -7.37
CA VAL A 404 -18.66 -23.41 -7.38
C VAL A 404 -19.54 -23.59 -6.15
N ASP A 405 -20.74 -24.15 -6.32
CA ASP A 405 -21.64 -24.55 -5.20
C ASP A 405 -21.73 -26.08 -5.20
N ILE A 406 -20.88 -26.73 -4.40
CA ILE A 406 -20.72 -28.22 -4.32
C ILE A 406 -22.08 -28.86 -4.03
N THR A 407 -22.87 -28.27 -3.12
CA THR A 407 -24.16 -28.80 -2.64
C THR A 407 -25.18 -28.92 -3.79
N LYS A 408 -25.03 -28.18 -4.91
CA LYS A 408 -26.00 -28.22 -6.03
C LYS A 408 -25.35 -28.67 -7.32
N ASP A 409 -24.08 -29.09 -7.27
CA ASP A 409 -23.29 -29.48 -8.47
C ASP A 409 -23.45 -28.41 -9.55
N THR A 410 -23.28 -27.15 -9.17
CA THR A 410 -23.60 -25.97 -9.98
C THR A 410 -22.40 -25.02 -9.88
N PHE A 411 -22.08 -24.30 -10.95
CA PHE A 411 -21.12 -23.18 -10.84
C PHE A 411 -21.75 -21.95 -11.48
N TYR A 412 -21.29 -20.79 -11.03
CA TYR A 412 -21.80 -19.47 -11.46
C TYR A 412 -20.69 -18.71 -12.18
N LYS A 413 -20.91 -18.32 -13.43
CA LYS A 413 -19.99 -17.45 -14.21
C LYS A 413 -20.39 -15.99 -13.98
N GLN A 414 -19.51 -15.24 -13.32
CA GLN A 414 -19.76 -13.85 -12.89
C GLN A 414 -19.44 -12.88 -14.03
N PRO A 415 -19.85 -11.61 -13.90
CA PRO A 415 -19.44 -10.59 -14.86
C PRO A 415 -17.92 -10.57 -15.11
N MET A 416 -17.09 -10.76 -14.08
CA MET A 416 -15.61 -10.81 -14.24
C MET A 416 -15.23 -11.81 -15.34
N PHE A 417 -15.91 -12.96 -15.42
CA PHE A 417 -15.58 -13.99 -16.44
C PHE A 417 -15.76 -13.37 -17.83
N TYR A 418 -16.90 -12.71 -18.04
CA TYR A 418 -17.27 -12.14 -19.37
C TYR A 418 -16.38 -10.93 -19.69
N HIS A 419 -16.13 -10.07 -18.71
CA HIS A 419 -15.24 -8.91 -18.91
C HIS A 419 -13.84 -9.40 -19.33
N LEU A 420 -13.28 -10.43 -18.67
CA LEU A 420 -11.97 -11.01 -19.07
C LEU A 420 -12.13 -11.63 -20.48
N GLY A 421 -13.22 -12.34 -20.76
CA GLY A 421 -13.38 -13.02 -22.06
C GLY A 421 -13.47 -12.07 -23.24
N HIS A 422 -13.93 -10.84 -23.01
CA HIS A 422 -13.98 -9.80 -24.06
C HIS A 422 -12.57 -9.55 -24.59
N PHE A 423 -11.52 -9.88 -23.80
CA PHE A 423 -10.12 -9.76 -24.27
C PHE A 423 -9.61 -11.17 -24.63
N SER A 424 -9.68 -12.11 -23.68
CA SER A 424 -8.98 -13.41 -23.83
C SER A 424 -9.50 -14.11 -25.10
N LYS A 425 -10.80 -14.08 -25.34
CA LYS A 425 -11.40 -14.85 -26.48
C LYS A 425 -10.86 -14.33 -27.81
N PHE A 426 -10.63 -13.01 -27.92
CA PHE A 426 -10.48 -12.29 -29.21
C PHE A 426 -9.09 -11.75 -29.41
N ILE A 427 -8.20 -11.88 -28.42
CA ILE A 427 -6.82 -11.34 -28.55
C ILE A 427 -5.87 -12.49 -28.29
N PRO A 428 -5.56 -13.28 -29.34
CA PRO A 428 -4.60 -14.37 -29.20
C PRO A 428 -3.16 -13.87 -29.07
N GLU A 429 -2.30 -14.78 -28.58
CA GLU A 429 -0.83 -14.60 -28.53
C GLU A 429 -0.34 -14.13 -29.90
N GLY A 430 0.56 -13.15 -29.92
CA GLY A 430 1.08 -12.51 -31.14
C GLY A 430 0.26 -11.33 -31.61
N SER A 431 -0.96 -11.09 -31.12
CA SER A 431 -1.71 -9.85 -31.47
C SER A 431 -0.86 -8.65 -31.07
N GLN A 432 -1.04 -7.52 -31.74
CA GLN A 432 -0.19 -6.33 -31.48
C GLN A 432 -1.13 -5.17 -31.19
N ARG A 433 -0.91 -4.46 -30.08
N ARG A 433 -0.87 -4.45 -30.10
CA ARG A 433 -1.65 -3.21 -29.78
CA ARG A 433 -1.63 -3.22 -29.77
C ARG A 433 -1.27 -2.22 -30.88
C ARG A 433 -1.26 -2.19 -30.84
N VAL A 434 -2.25 -1.48 -31.40
CA VAL A 434 -2.00 -0.39 -32.39
C VAL A 434 -2.65 0.89 -31.87
N GLY A 435 -2.39 2.00 -32.56
CA GLY A 435 -2.93 3.32 -32.19
C GLY A 435 -4.46 3.39 -32.29
N LEU A 436 -5.07 4.19 -31.41
CA LEU A 436 -6.52 4.51 -31.41
C LEU A 436 -6.64 5.91 -30.81
N VAL A 437 -7.11 6.90 -31.57
CA VAL A 437 -7.29 8.29 -31.07
C VAL A 437 -8.77 8.63 -31.05
N ALA A 438 -9.18 9.50 -30.14
CA ALA A 438 -10.56 9.98 -29.98
C ALA A 438 -10.66 11.39 -30.58
N SER A 439 -11.80 11.71 -31.20
CA SER A 439 -12.02 13.03 -31.84
C SER A 439 -12.26 14.09 -30.77
N GLN A 440 -12.79 13.67 -29.63
CA GLN A 440 -13.16 14.57 -28.50
C GLN A 440 -13.01 13.80 -27.19
N LYS A 441 -13.03 14.55 -26.08
CA LYS A 441 -13.00 14.01 -24.69
C LYS A 441 -14.21 13.10 -24.53
N ASN A 442 -14.06 11.99 -23.81
CA ASN A 442 -15.14 10.98 -23.69
C ASN A 442 -14.91 10.18 -22.41
N ASP A 443 -15.96 9.50 -21.92
CA ASP A 443 -15.93 8.69 -20.68
C ASP A 443 -15.70 7.21 -20.99
N LEU A 444 -15.36 6.85 -22.24
CA LEU A 444 -15.14 5.42 -22.62
C LEU A 444 -13.69 5.01 -22.36
N ASP A 445 -13.51 3.71 -22.16
CA ASP A 445 -12.19 3.04 -22.12
C ASP A 445 -12.13 2.17 -23.36
N ALA A 446 -11.10 2.33 -24.18
CA ALA A 446 -11.00 1.58 -25.44
C ALA A 446 -9.55 1.24 -25.79
N VAL A 447 -9.37 0.13 -26.48
CA VAL A 447 -8.05 -0.30 -26.96
C VAL A 447 -8.26 -1.03 -28.29
N ALA A 448 -7.30 -0.88 -29.20
CA ALA A 448 -7.33 -1.50 -30.53
C ALA A 448 -6.10 -2.37 -30.67
N LEU A 449 -6.25 -3.52 -31.30
CA LEU A 449 -5.13 -4.43 -31.56
C LEU A 449 -5.32 -5.03 -32.94
N MET A 450 -4.25 -5.58 -33.50
CA MET A 450 -4.28 -6.38 -34.73
C MET A 450 -3.96 -7.83 -34.40
N HIS A 451 -4.86 -8.72 -34.81
CA HIS A 451 -4.73 -10.19 -34.72
C HIS A 451 -3.51 -10.56 -35.55
N PRO A 452 -2.83 -11.69 -35.27
CA PRO A 452 -1.74 -12.13 -36.15
C PRO A 452 -2.18 -12.25 -37.63
N ASP A 453 -3.42 -12.68 -37.87
CA ASP A 453 -3.96 -12.86 -39.25
C ASP A 453 -4.28 -11.50 -39.88
N GLY A 454 -4.07 -10.38 -39.17
CA GLY A 454 -4.19 -9.00 -39.69
C GLY A 454 -5.56 -8.37 -39.44
N SER A 455 -6.52 -9.11 -38.88
CA SER A 455 -7.87 -8.61 -38.60
C SER A 455 -7.81 -7.66 -37.39
N ALA A 456 -8.77 -6.75 -37.30
CA ALA A 456 -8.82 -5.71 -36.24
C ALA A 456 -9.65 -6.23 -35.07
N VAL A 457 -9.24 -5.87 -33.85
N VAL A 457 -9.22 -5.84 -33.86
CA VAL A 457 -10.08 -6.08 -32.63
CA VAL A 457 -9.97 -6.05 -32.59
C VAL A 457 -10.05 -4.80 -31.80
C VAL A 457 -10.04 -4.72 -31.85
N VAL A 458 -11.23 -4.31 -31.44
CA VAL A 458 -11.40 -3.09 -30.59
C VAL A 458 -12.34 -3.43 -29.46
N VAL A 459 -11.87 -3.21 -28.22
CA VAL A 459 -12.73 -3.38 -27.02
C VAL A 459 -13.11 -1.98 -26.55
N VAL A 460 -14.39 -1.81 -26.29
CA VAL A 460 -14.95 -0.52 -25.81
C VAL A 460 -15.72 -0.81 -24.54
N LEU A 461 -15.27 -0.23 -23.43
CA LEU A 461 -15.92 -0.35 -22.11
C LEU A 461 -16.56 1.00 -21.79
N ASN A 462 -17.80 0.98 -21.33
CA ASN A 462 -18.54 2.18 -20.87
C ASN A 462 -18.89 1.99 -19.40
N ARG A 463 -18.11 2.60 -18.52
CA ARG A 463 -18.31 2.52 -17.05
C ARG A 463 -19.31 3.59 -16.56
N SER A 464 -19.84 4.40 -17.47
CA SER A 464 -20.88 5.44 -17.18
C SER A 464 -22.30 4.89 -17.41
N SER A 465 -23.31 5.58 -16.86
CA SER A 465 -24.75 5.23 -17.00
C SER A 465 -25.29 5.65 -18.38
N LYS A 466 -24.54 6.41 -19.17
CA LYS A 466 -25.07 7.14 -20.35
C LYS A 466 -24.69 6.38 -21.62
N ASP A 467 -25.66 6.14 -22.49
CA ASP A 467 -25.44 5.63 -23.86
C ASP A 467 -24.56 6.65 -24.61
N VAL A 468 -23.55 6.15 -25.32
CA VAL A 468 -22.60 6.99 -26.09
C VAL A 468 -22.63 6.48 -27.52
N PRO A 469 -23.27 7.21 -28.45
CA PRO A 469 -23.16 6.86 -29.87
C PRO A 469 -21.73 7.18 -30.31
N LEU A 470 -21.16 6.35 -31.18
CA LEU A 470 -19.81 6.59 -31.68
C LEU A 470 -19.59 5.89 -33.01
N THR A 471 -18.52 6.34 -33.67
CA THR A 471 -18.04 5.79 -34.94
C THR A 471 -16.61 5.32 -34.72
N ILE A 472 -16.27 4.18 -35.34
CA ILE A 472 -14.87 3.70 -35.43
C ILE A 472 -14.46 3.80 -36.90
N LYS A 473 -13.33 4.45 -37.14
CA LYS A 473 -12.72 4.53 -38.50
C LYS A 473 -11.49 3.63 -38.56
N ASP A 474 -11.46 2.76 -39.56
CA ASP A 474 -10.25 2.08 -40.04
C ASP A 474 -9.95 2.62 -41.44
N PRO A 475 -8.80 3.29 -41.67
CA PRO A 475 -8.49 3.86 -43.00
C PRO A 475 -8.48 2.83 -44.13
N ALA A 476 -8.31 1.53 -43.81
CA ALA A 476 -8.30 0.42 -44.80
C ALA A 476 -9.72 -0.03 -45.15
N VAL A 477 -10.74 0.23 -44.33
CA VAL A 477 -12.08 -0.41 -44.56
C VAL A 477 -13.20 0.62 -44.57
N GLY A 478 -13.17 1.62 -43.69
CA GLY A 478 -14.25 2.60 -43.54
C GLY A 478 -14.72 2.72 -42.10
N PHE A 479 -16.00 3.02 -41.93
CA PHE A 479 -16.55 3.51 -40.66
C PHE A 479 -17.58 2.52 -40.12
N LEU A 480 -17.46 2.21 -38.83
CA LEU A 480 -18.44 1.41 -38.06
C LEU A 480 -19.32 2.41 -37.31
N GLU A 481 -20.62 2.47 -37.60
CA GLU A 481 -21.58 3.31 -36.82
C GLU A 481 -22.17 2.45 -35.70
N THR A 482 -21.91 2.80 -34.44
CA THR A 482 -22.33 1.95 -33.31
C THR A 482 -22.76 2.80 -32.13
N ILE A 483 -23.11 2.16 -31.03
CA ILE A 483 -23.46 2.87 -29.79
C ILE A 483 -22.93 2.05 -28.62
N SER A 484 -22.33 2.71 -27.65
CA SER A 484 -21.81 2.05 -26.44
C SER A 484 -22.82 2.29 -25.34
N PRO A 485 -23.71 1.34 -25.03
CA PRO A 485 -24.71 1.58 -24.00
C PRO A 485 -24.05 1.80 -22.63
N GLY A 486 -24.71 2.57 -21.73
CA GLY A 486 -24.29 2.67 -20.32
C GLY A 486 -24.02 1.27 -19.77
N TYR A 487 -22.95 1.11 -19.00
CA TYR A 487 -22.62 -0.15 -18.26
C TYR A 487 -22.62 -1.32 -19.25
N SER A 488 -21.82 -1.17 -20.30
CA SER A 488 -21.64 -2.24 -21.31
C SER A 488 -20.16 -2.45 -21.59
N ILE A 489 -19.86 -3.56 -22.24
CA ILE A 489 -18.54 -3.78 -22.85
C ILE A 489 -18.80 -4.46 -24.18
N HIS A 490 -18.11 -3.97 -25.20
CA HIS A 490 -18.17 -4.49 -26.57
C HIS A 490 -16.78 -4.92 -27.01
N THR A 491 -16.73 -6.00 -27.76
CA THR A 491 -15.57 -6.32 -28.62
C THR A 491 -16.03 -6.32 -30.07
N TYR A 492 -15.31 -5.54 -30.88
CA TYR A 492 -15.55 -5.40 -32.34
C TYR A 492 -14.45 -6.17 -33.05
N LEU A 493 -14.82 -6.99 -34.05
CA LEU A 493 -13.88 -7.67 -34.95
C LEU A 493 -14.22 -7.32 -36.41
N TRP A 494 -13.23 -7.19 -37.26
CA TRP A 494 -13.45 -7.09 -38.73
C TRP A 494 -12.17 -7.47 -39.50
N ARG A 495 -12.34 -8.11 -40.68
CA ARG A 495 -11.21 -8.28 -41.63
C ARG A 495 -10.84 -6.90 -42.18
N ARG A 496 -9.60 -6.76 -42.61
CA ARG A 496 -9.06 -5.49 -43.18
C ARG A 496 -8.66 -5.68 -44.64
N GLN A 497 -8.83 -6.87 -45.22
CA GLN A 497 -8.56 -7.13 -46.66
C GLN A 497 -9.24 -8.43 -47.12
N ALA B 1 12.28 11.26 39.18
N ALA B 1 11.06 13.08 41.28
CA ALA B 1 11.36 11.68 40.28
CA ALA B 1 11.29 11.81 40.54
C ALA B 1 10.58 10.46 40.79
C ALA B 1 10.27 10.77 41.00
N ARG B 2 9.49 10.12 40.10
CA ARG B 2 8.68 8.93 40.43
C ARG B 2 8.91 7.87 39.38
N PRO B 3 9.30 6.66 39.81
CA PRO B 3 9.57 5.57 38.88
C PRO B 3 8.31 4.92 38.28
N CYS B 4 8.50 4.25 37.15
CA CYS B 4 7.51 3.32 36.53
C CYS B 4 7.04 2.30 37.57
N ILE B 5 5.73 2.19 37.74
CA ILE B 5 5.05 1.02 38.35
C ILE B 5 4.72 0.04 37.25
N PRO B 6 5.49 -1.05 37.12
CA PRO B 6 5.37 -1.93 35.98
C PRO B 6 4.23 -2.92 36.17
N LYS B 7 3.60 -3.28 35.08
CA LYS B 7 2.60 -4.35 35.00
C LYS B 7 2.82 -5.12 33.72
N SER B 8 2.81 -6.45 33.80
CA SER B 8 2.91 -7.31 32.63
C SER B 8 1.51 -7.79 32.23
N PHE B 9 1.24 -7.86 30.95
CA PHE B 9 -0.03 -8.40 30.38
C PHE B 9 0.29 -9.64 29.54
N GLY B 10 1.50 -10.19 29.69
CA GLY B 10 1.96 -11.42 29.02
C GLY B 10 2.69 -11.17 27.70
N TYR B 11 2.94 -9.91 27.35
CA TYR B 11 3.70 -9.54 26.13
C TYR B 11 5.17 -9.37 26.53
N SER B 12 6.00 -8.88 25.61
CA SER B 12 7.47 -8.97 25.76
C SER B 12 7.97 -8.02 26.86
N SER B 13 7.25 -6.95 27.20
CA SER B 13 7.70 -6.03 28.26
C SER B 13 6.53 -5.56 29.10
N VAL B 14 6.78 -4.54 29.90
CA VAL B 14 5.79 -4.03 30.87
C VAL B 14 5.21 -2.70 30.38
N VAL B 15 4.01 -2.40 30.85
CA VAL B 15 3.45 -1.03 30.86
C VAL B 15 3.79 -0.38 32.19
N CYS B 16 3.73 0.94 32.25
CA CYS B 16 3.81 1.71 33.49
C CYS B 16 2.40 2.15 33.86
N VAL B 17 2.00 1.87 35.08
CA VAL B 17 0.60 2.08 35.56
C VAL B 17 0.51 3.46 36.20
N CYS B 18 -0.41 4.27 35.74
CA CYS B 18 -0.75 5.59 36.32
C CYS B 18 -2.24 5.61 36.69
N ASN B 19 -2.57 6.50 37.61
CA ASN B 19 -3.97 6.62 38.09
C ASN B 19 -4.12 8.03 38.67
N ALA B 20 -5.13 8.25 39.49
CA ALA B 20 -5.45 9.59 40.01
C ALA B 20 -4.35 10.06 40.96
N THR B 21 -3.63 9.15 41.65
CA THR B 21 -2.68 9.52 42.76
C THR B 21 -1.21 9.32 42.38
N TYR B 22 -0.93 8.70 41.22
CA TYR B 22 0.44 8.26 40.91
C TYR B 22 0.65 8.20 39.40
N CYS B 23 1.74 8.81 38.97
CA CYS B 23 2.29 8.55 37.63
C CYS B 23 3.81 8.70 37.66
N ASP B 24 4.52 7.93 36.87
CA ASP B 24 5.99 8.07 36.75
C ASP B 24 6.27 9.43 36.12
N SER B 25 7.35 10.08 36.57
CA SER B 25 7.69 11.46 36.16
C SER B 25 9.20 11.68 36.29
N PHE B 26 9.66 12.76 35.69
CA PHE B 26 11.06 13.22 35.76
C PHE B 26 11.16 14.41 36.72
N ASP B 27 12.37 14.62 37.20
CA ASP B 27 12.77 15.91 37.82
C ASP B 27 12.88 16.99 36.73
N PRO B 28 12.89 18.28 37.11
CA PRO B 28 13.07 19.34 36.13
C PRO B 28 14.34 19.07 35.33
N PRO B 29 14.34 19.30 34.00
CA PRO B 29 15.49 18.93 33.18
C PRO B 29 16.62 19.96 33.33
N THR B 30 17.84 19.44 33.39
CA THR B 30 19.10 20.22 33.47
C THR B 30 20.18 19.45 32.73
N PHE B 31 21.17 20.17 32.21
CA PHE B 31 22.44 19.55 31.74
C PHE B 31 23.31 19.35 32.96
N PRO B 32 23.99 18.20 33.06
CA PRO B 32 25.09 18.06 34.01
C PRO B 32 26.26 18.96 33.64
N ALA B 33 27.23 19.02 34.54
CA ALA B 33 28.41 19.91 34.42
C ALA B 33 29.16 19.57 33.13
N LEU B 34 29.75 20.60 32.53
CA LEU B 34 30.69 20.41 31.41
C LEU B 34 31.68 19.31 31.83
N GLY B 35 31.87 18.33 30.96
CA GLY B 35 32.75 17.15 31.11
C GLY B 35 32.00 15.94 31.62
N THR B 36 30.68 16.06 31.81
CA THR B 36 29.76 14.99 32.27
C THR B 36 28.67 14.85 31.20
N PHE B 37 28.28 13.63 30.92
CA PHE B 37 27.10 13.35 30.08
C PHE B 37 25.99 12.73 30.91
N SER B 38 24.74 12.88 30.46
N SER B 38 24.74 12.92 30.45
CA SER B 38 23.58 12.16 31.03
CA SER B 38 23.54 12.20 30.92
C SER B 38 23.12 11.11 30.01
C SER B 38 23.23 11.05 29.96
N ARG B 39 22.79 9.93 30.52
CA ARG B 39 22.25 8.79 29.77
C ARG B 39 20.86 8.52 30.32
N TYR B 40 19.86 8.45 29.44
CA TYR B 40 18.51 7.92 29.77
C TYR B 40 18.38 6.57 29.05
N GLU B 41 18.07 5.55 29.81
CA GLU B 41 18.03 4.15 29.34
C GLU B 41 16.63 3.55 29.50
N SER B 42 16.08 2.97 28.44
CA SER B 42 14.88 2.09 28.53
C SER B 42 15.25 0.71 28.02
N THR B 43 14.77 -0.36 28.66
CA THR B 43 15.07 -1.75 28.24
C THR B 43 13.79 -2.58 28.21
N ARG B 44 13.81 -3.60 27.37
CA ARG B 44 12.70 -4.58 27.34
C ARG B 44 12.59 -5.20 28.75
N SER B 45 13.71 -5.35 29.45
CA SER B 45 13.76 -5.95 30.81
C SER B 45 13.04 -5.07 31.84
N GLY B 46 12.78 -3.79 31.58
CA GLY B 46 11.87 -2.98 32.42
C GLY B 46 12.32 -1.58 32.79
N ARG B 47 13.54 -1.20 32.43
N ARG B 47 13.54 -1.19 32.46
CA ARG B 47 14.06 0.15 32.71
CA ARG B 47 14.01 0.17 32.77
C ARG B 47 13.26 1.15 31.86
C ARG B 47 13.22 1.14 31.88
N ARG B 48 12.86 2.28 32.44
CA ARG B 48 12.00 3.30 31.76
C ARG B 48 12.67 4.65 31.92
N MET B 49 13.39 5.08 30.86
CA MET B 49 14.08 6.38 30.78
C MET B 49 14.82 6.68 32.09
N GLU B 50 15.55 5.69 32.58
CA GLU B 50 16.35 5.81 33.83
C GLU B 50 17.55 6.69 33.52
N LEU B 51 17.84 7.58 34.44
CA LEU B 51 18.90 8.59 34.33
C LEU B 51 20.18 8.08 35.03
N SER B 52 21.29 8.10 34.31
CA SER B 52 22.64 7.88 34.87
C SER B 52 23.58 8.92 34.26
N MET B 53 24.71 9.14 34.92
CA MET B 53 25.71 10.10 34.42
C MET B 53 27.06 9.40 34.33
N GLY B 54 27.88 9.90 33.42
CA GLY B 54 29.24 9.41 33.19
C GLY B 54 30.17 10.55 32.83
N PRO B 55 31.49 10.28 32.90
CA PRO B 55 32.48 11.30 32.58
C PRO B 55 32.79 11.31 31.08
N ILE B 56 32.98 12.51 30.54
CA ILE B 56 33.53 12.71 29.18
C ILE B 56 35.06 12.77 29.32
N GLN B 57 35.74 11.78 28.75
CA GLN B 57 37.19 11.55 28.94
C GLN B 57 38.02 12.17 27.82
N ALA B 58 39.22 12.62 28.13
CA ALA B 58 40.11 13.30 27.16
C ALA B 58 40.58 12.34 26.08
N ASN B 59 40.81 11.06 26.36
N ASN B 59 40.74 11.05 26.40
CA ASN B 59 41.32 10.14 25.31
CA ASN B 59 41.46 10.03 25.60
C ASN B 59 40.59 8.82 25.36
C ASN B 59 40.58 8.79 25.39
N HIS B 60 40.85 8.01 24.33
CA HIS B 60 40.25 6.68 24.11
C HIS B 60 41.27 5.82 23.38
N THR B 61 41.51 4.59 23.84
CA THR B 61 42.27 3.54 23.11
C THR B 61 41.36 2.31 22.94
N GLY B 62 41.43 1.61 21.80
CA GLY B 62 40.56 0.46 21.51
C GLY B 62 40.31 0.31 20.03
N THR B 63 40.01 -0.90 19.59
CA THR B 63 39.56 -1.21 18.21
C THR B 63 38.06 -1.52 18.21
N GLY B 64 37.37 -1.16 19.30
CA GLY B 64 35.91 -1.33 19.41
C GLY B 64 35.14 -0.26 18.62
N LEU B 65 33.83 -0.44 18.54
CA LEU B 65 32.97 0.52 17.81
C LEU B 65 33.15 1.94 18.38
N LEU B 66 33.45 2.87 17.47
CA LEU B 66 33.51 4.31 17.72
C LEU B 66 32.46 5.00 16.85
N LEU B 67 31.67 5.88 17.46
CA LEU B 67 30.70 6.74 16.75
C LEU B 67 31.20 8.14 16.93
N THR B 68 31.70 8.75 15.86
CA THR B 68 32.26 10.11 15.96
C THR B 68 31.20 11.12 15.54
N LEU B 69 30.83 12.00 16.47
CA LEU B 69 30.03 13.20 16.20
C LEU B 69 30.67 14.02 15.07
N GLN B 70 29.85 14.46 14.13
CA GLN B 70 30.25 15.42 13.09
C GLN B 70 29.53 16.73 13.35
N PRO B 71 29.89 17.52 14.37
CA PRO B 71 29.10 18.69 14.75
C PRO B 71 28.97 19.77 13.66
N GLU B 72 29.93 19.83 12.73
CA GLU B 72 29.93 20.90 11.70
C GLU B 72 29.21 20.42 10.45
N GLN B 73 28.90 19.14 10.37
CA GLN B 73 28.15 18.54 9.23
C GLN B 73 26.66 18.63 9.56
N LYS B 74 25.99 19.63 9.03
CA LYS B 74 24.62 20.05 9.42
C LYS B 74 23.59 19.60 8.40
N PHE B 75 22.47 19.08 8.88
CA PHE B 75 21.36 18.64 8.00
C PHE B 75 20.13 19.46 8.40
N GLN B 76 18.99 18.82 8.64
CA GLN B 76 17.69 19.53 8.78
C GLN B 76 17.53 20.06 10.19
N LYS B 77 16.79 21.14 10.34
N LYS B 77 16.72 21.10 10.35
CA LYS B 77 16.29 21.56 11.67
CA LYS B 77 16.26 21.60 11.67
C LYS B 77 14.97 20.82 11.95
C LYS B 77 14.89 21.01 11.99
N VAL B 78 14.75 20.53 13.22
CA VAL B 78 13.55 19.81 13.72
C VAL B 78 12.44 20.80 14.06
N LYS B 79 11.25 20.45 13.61
CA LYS B 79 10.02 21.13 14.05
C LYS B 79 9.55 20.55 15.37
N GLY B 80 9.39 19.23 15.43
CA GLY B 80 9.02 18.60 16.71
C GLY B 80 8.31 17.27 16.60
N PHE B 81 7.70 16.90 17.71
CA PHE B 81 7.12 15.55 17.93
C PHE B 81 5.80 15.70 18.68
N GLY B 82 4.84 14.84 18.39
CA GLY B 82 3.64 14.79 19.22
C GLY B 82 2.66 13.76 18.73
N GLY B 83 1.39 14.06 18.91
CA GLY B 83 0.32 13.09 18.65
C GLY B 83 -0.98 13.79 18.30
N ALA B 84 -2.02 12.99 18.05
CA ALA B 84 -3.28 13.51 17.54
C ALA B 84 -4.38 13.57 18.60
N MET B 85 -5.06 14.70 18.66
CA MET B 85 -6.26 14.90 19.50
C MET B 85 -7.50 14.57 18.67
N THR B 86 -7.74 13.29 18.52
CA THR B 86 -8.94 12.77 17.84
C THR B 86 -10.10 12.82 18.83
N ASP B 87 -11.32 12.62 18.32
CA ASP B 87 -12.51 12.50 19.19
C ASP B 87 -12.30 11.32 20.14
N ALA B 88 -11.75 10.20 19.64
CA ALA B 88 -11.49 8.99 20.46
C ALA B 88 -10.50 9.32 21.57
N ALA B 89 -9.41 10.00 21.24
CA ALA B 89 -8.41 10.36 22.26
C ALA B 89 -9.07 11.24 23.34
N ALA B 90 -9.80 12.25 22.90
CA ALA B 90 -10.44 13.22 23.80
C ALA B 90 -11.47 12.51 24.69
N LEU B 91 -12.30 11.63 24.13
CA LEU B 91 -13.31 10.89 24.94
C LEU B 91 -12.58 10.04 25.99
N ASN B 92 -11.47 9.37 25.61
CA ASN B 92 -10.71 8.49 26.52
C ASN B 92 -10.09 9.32 27.64
N ILE B 93 -9.47 10.43 27.31
CA ILE B 93 -8.80 11.28 28.31
C ILE B 93 -9.86 11.80 29.28
N LEU B 94 -10.97 12.30 28.75
CA LEU B 94 -11.99 12.96 29.60
C LEU B 94 -12.79 11.93 30.39
N ALA B 95 -12.67 10.65 30.10
CA ALA B 95 -13.31 9.57 30.90
C ALA B 95 -12.54 9.33 32.21
N LEU B 96 -11.28 9.79 32.29
CA LEU B 96 -10.49 9.68 33.52
C LEU B 96 -10.99 10.74 34.51
N SER B 97 -10.68 10.55 35.80
CA SER B 97 -10.89 11.57 36.84
C SER B 97 -10.02 12.79 36.48
N PRO B 98 -10.44 14.02 36.84
CA PRO B 98 -9.62 15.21 36.59
C PRO B 98 -8.14 15.03 36.98
N PRO B 99 -7.78 14.49 38.17
CA PRO B 99 -6.37 14.33 38.53
C PRO B 99 -5.60 13.35 37.63
N ALA B 100 -6.23 12.25 37.22
CA ALA B 100 -5.64 11.27 36.28
C ALA B 100 -5.50 11.94 34.90
N GLN B 101 -6.49 12.74 34.47
CA GLN B 101 -6.41 13.52 33.21
C GLN B 101 -5.14 14.38 33.26
N ASN B 102 -4.92 15.06 34.38
CA ASN B 102 -3.78 16.01 34.50
C ASN B 102 -2.48 15.22 34.44
N LEU B 103 -2.41 14.04 35.05
CA LEU B 103 -1.19 13.22 35.00
C LEU B 103 -0.96 12.69 33.58
N LEU B 104 -2.02 12.33 32.84
CA LEU B 104 -1.87 11.90 31.44
C LEU B 104 -1.34 13.07 30.60
N LEU B 105 -1.95 14.25 30.68
CA LEU B 105 -1.52 15.40 29.87
C LEU B 105 -0.09 15.79 30.27
N LYS B 106 0.24 15.77 31.56
CA LYS B 106 1.61 16.10 32.02
C LYS B 106 2.59 15.07 31.48
N SER B 107 2.21 13.81 31.40
CA SER B 107 3.11 12.75 30.85
C SER B 107 3.52 13.18 29.45
N TYR B 108 2.58 13.66 28.63
CA TYR B 108 2.89 14.03 27.24
C TYR B 108 3.56 15.39 27.13
N PHE B 109 2.99 16.43 27.74
CA PHE B 109 3.24 17.82 27.33
C PHE B 109 4.23 18.54 28.25
N SER B 110 4.40 18.07 29.49
N SER B 110 4.39 18.09 29.49
CA SER B 110 5.24 18.73 30.52
CA SER B 110 5.23 18.82 30.48
C SER B 110 6.72 18.36 30.41
C SER B 110 6.69 18.35 30.46
N GLU B 111 7.57 19.17 31.04
CA GLU B 111 8.99 18.80 31.31
C GLU B 111 9.11 17.65 32.30
N GLU B 112 8.09 17.43 33.15
CA GLU B 112 7.96 16.29 34.08
C GLU B 112 7.65 15.04 33.25
N GLY B 113 7.25 15.24 31.98
CA GLY B 113 6.93 14.17 31.02
C GLY B 113 7.88 14.19 29.82
N ILE B 114 7.35 13.96 28.62
CA ILE B 114 8.23 13.82 27.42
C ILE B 114 8.13 14.99 26.44
N GLY B 115 7.59 16.13 26.86
CA GLY B 115 7.73 17.41 26.15
C GLY B 115 7.25 17.39 24.72
N TYR B 116 6.09 16.81 24.43
CA TYR B 116 5.48 16.93 23.10
C TYR B 116 5.27 18.40 22.73
N ASN B 117 5.53 18.76 21.48
CA ASN B 117 5.25 20.12 20.99
C ASN B 117 4.41 20.16 19.72
N ILE B 118 3.81 19.02 19.33
N ILE B 118 3.76 19.05 19.35
CA ILE B 118 2.91 18.91 18.14
CA ILE B 118 2.85 19.06 18.16
C ILE B 118 1.56 18.36 18.63
C ILE B 118 1.57 18.33 18.54
N ILE B 119 0.44 18.94 18.21
CA ILE B 119 -0.89 18.28 18.31
C ILE B 119 -1.51 18.33 16.93
N ARG B 120 -1.83 17.16 16.42
CA ARG B 120 -2.59 17.03 15.17
C ARG B 120 -4.08 16.99 15.51
N VAL B 121 -4.85 17.80 14.80
CA VAL B 121 -6.29 18.05 15.10
C VAL B 121 -7.09 17.73 13.85
N PRO B 122 -7.93 16.67 13.85
CA PRO B 122 -8.83 16.43 12.73
C PRO B 122 -9.80 17.59 12.55
N MET B 123 -10.00 17.99 11.32
CA MET B 123 -11.07 18.95 10.95
C MET B 123 -12.34 18.12 10.81
N ALA B 124 -13.09 18.02 11.89
CA ALA B 124 -14.37 17.27 12.01
C ALA B 124 -14.05 15.77 12.06
N SER B 125 -14.96 14.91 11.60
CA SER B 125 -14.95 13.50 12.00
C SER B 125 -13.90 12.71 11.21
N CYS B 126 -13.33 11.70 11.84
CA CYS B 126 -12.61 10.63 11.12
C CYS B 126 -13.11 9.28 11.65
N ASP B 127 -12.41 8.19 11.37
CA ASP B 127 -12.85 6.86 11.88
C ASP B 127 -12.74 6.81 13.41
N PHE B 128 -11.81 7.55 14.02
CA PHE B 128 -11.66 7.64 15.50
C PHE B 128 -12.59 8.74 15.99
N SER B 129 -13.86 8.56 15.65
CA SER B 129 -15.02 9.39 15.99
C SER B 129 -16.16 8.39 16.24
N ILE B 130 -17.12 8.77 17.06
CA ILE B 130 -18.27 7.88 17.33
C ILE B 130 -19.46 8.29 16.49
N ARG B 131 -19.38 9.43 15.79
CA ARG B 131 -20.41 9.74 14.77
C ARG B 131 -19.77 10.45 13.59
N THR B 132 -20.45 10.36 12.44
CA THR B 132 -20.00 10.97 11.20
C THR B 132 -20.62 12.36 11.17
N TYR B 133 -19.80 13.36 10.94
CA TYR B 133 -20.23 14.76 10.84
C TYR B 133 -19.12 15.54 10.15
N THR B 134 -19.52 16.67 9.59
CA THR B 134 -18.62 17.76 9.18
C THR B 134 -19.07 19.02 9.92
N TYR B 135 -18.38 20.11 9.67
CA TYR B 135 -18.72 21.42 10.23
C TYR B 135 -19.77 22.09 9.34
N ALA B 136 -20.18 21.49 8.22
CA ALA B 136 -21.17 22.18 7.36
C ALA B 136 -22.04 21.17 6.64
N ASP B 137 -22.83 20.45 7.43
CA ASP B 137 -23.72 19.36 6.94
C ASP B 137 -25.04 19.91 6.37
N THR B 138 -25.44 21.15 6.61
CA THR B 138 -26.67 21.68 5.96
C THR B 138 -26.42 21.72 4.45
N PRO B 139 -27.21 20.99 3.64
CA PRO B 139 -26.92 20.86 2.21
C PRO B 139 -26.93 22.18 1.42
N ASP B 140 -26.00 22.33 0.48
CA ASP B 140 -25.96 23.42 -0.52
C ASP B 140 -25.75 24.78 0.16
N ASP B 141 -25.05 24.79 1.30
CA ASP B 141 -24.66 26.02 2.02
C ASP B 141 -23.32 26.51 1.48
N PHE B 142 -23.26 26.96 0.21
CA PHE B 142 -22.00 27.39 -0.46
C PHE B 142 -21.38 28.62 0.21
N GLN B 143 -22.15 29.50 0.85
N GLN B 143 -22.28 29.45 0.78
N GLN B 143 -22.23 29.45 0.81
CA GLN B 143 -21.54 30.67 1.56
CA GLN B 143 -22.05 30.65 1.62
CA GLN B 143 -21.86 30.67 1.59
C GLN B 143 -21.37 30.31 3.05
C GLN B 143 -21.28 30.24 2.90
C GLN B 143 -21.20 30.23 2.91
N LEU B 144 -21.54 29.02 3.40
CA LEU B 144 -21.10 28.47 4.72
C LEU B 144 -21.67 29.31 5.87
N HIS B 145 -22.91 29.73 5.71
CA HIS B 145 -23.72 30.38 6.78
C HIS B 145 -23.93 29.42 7.96
N ASN B 146 -24.04 28.10 7.74
CA ASN B 146 -24.38 27.13 8.82
C ASN B 146 -23.11 26.38 9.26
N PHE B 147 -21.92 26.87 8.91
CA PHE B 147 -20.63 26.31 9.42
C PHE B 147 -20.64 26.46 10.94
N SER B 148 -20.43 25.38 11.69
CA SER B 148 -20.23 25.52 13.15
C SER B 148 -19.45 24.36 13.70
N LEU B 149 -18.75 24.65 14.79
CA LEU B 149 -18.08 23.60 15.60
C LEU B 149 -19.11 22.95 16.49
N PRO B 150 -19.21 21.62 16.46
CA PRO B 150 -20.05 20.89 17.39
C PRO B 150 -19.31 20.61 18.71
N GLU B 151 -19.99 19.94 19.63
CA GLU B 151 -19.46 19.70 21.00
C GLU B 151 -18.18 18.87 20.97
N GLU B 152 -17.95 18.06 19.93
CA GLU B 152 -16.71 17.27 19.83
C GLU B 152 -15.53 18.24 19.92
N ASP B 153 -15.67 19.41 19.29
CA ASP B 153 -14.62 20.46 19.35
C ASP B 153 -14.78 21.31 20.61
N THR B 154 -15.96 21.87 20.86
CA THR B 154 -16.08 22.95 21.90
C THR B 154 -16.00 22.37 23.30
N LYS B 155 -16.40 21.11 23.51
CA LYS B 155 -16.45 20.51 24.87
C LYS B 155 -15.35 19.49 25.08
N LEU B 156 -14.80 18.86 24.04
CA LEU B 156 -13.81 17.76 24.20
C LEU B 156 -12.43 18.24 23.75
N LYS B 157 -12.26 18.48 22.47
CA LYS B 157 -10.93 18.71 21.88
C LYS B 157 -10.36 20.07 22.32
N ILE B 158 -11.12 21.15 22.23
CA ILE B 158 -10.57 22.52 22.49
C ILE B 158 -10.16 22.67 23.97
N PRO B 159 -11.00 22.29 24.96
CA PRO B 159 -10.57 22.40 26.35
C PRO B 159 -9.32 21.57 26.69
N LEU B 160 -9.18 20.41 26.06
CA LEU B 160 -8.00 19.54 26.28
C LEU B 160 -6.78 20.18 25.65
N ILE B 161 -6.90 20.75 24.46
CA ILE B 161 -5.76 21.42 23.77
C ILE B 161 -5.33 22.60 24.66
N HIS B 162 -6.25 23.40 25.19
CA HIS B 162 -5.87 24.51 26.11
C HIS B 162 -5.07 23.97 27.29
N ARG B 163 -5.54 22.89 27.93
CA ARG B 163 -4.85 22.29 29.09
C ARG B 163 -3.46 21.79 28.70
N ALA B 164 -3.30 21.11 27.58
CA ALA B 164 -1.97 20.71 27.06
C ALA B 164 -1.04 21.93 26.92
N LEU B 165 -1.51 23.00 26.28
CA LEU B 165 -0.66 24.22 26.11
C LEU B 165 -0.30 24.82 27.47
N GLN B 166 -1.20 24.79 28.45
CA GLN B 166 -0.91 25.34 29.80
C GLN B 166 0.16 24.53 30.52
N LEU B 167 0.28 23.24 30.23
CA LEU B 167 1.24 22.30 30.85
C LEU B 167 2.62 22.31 30.18
N ALA B 168 2.72 22.85 28.97
CA ALA B 168 3.94 22.76 28.13
C ALA B 168 4.91 23.87 28.50
N GLN B 169 6.21 23.60 28.45
CA GLN B 169 7.31 24.57 28.70
C GLN B 169 7.94 24.97 27.36
N ARG B 170 7.58 24.31 26.25
CA ARG B 170 8.01 24.76 24.90
C ARG B 170 6.74 25.00 24.08
N PRO B 171 6.75 25.96 23.15
CA PRO B 171 5.55 26.28 22.37
C PRO B 171 5.02 25.04 21.62
N VAL B 172 3.70 24.84 21.69
CA VAL B 172 3.03 23.70 21.01
C VAL B 172 2.47 24.23 19.70
N SER B 173 2.80 23.53 18.60
CA SER B 173 2.30 23.80 17.25
C SER B 173 1.09 22.89 16.97
N LEU B 174 -0.03 23.46 16.58
CA LEU B 174 -1.20 22.66 16.14
C LEU B 174 -1.16 22.47 14.64
N LEU B 175 -1.52 21.26 14.21
CA LEU B 175 -1.59 20.86 12.80
C LEU B 175 -2.99 20.32 12.53
N ALA B 176 -3.70 20.93 11.60
CA ALA B 176 -5.07 20.54 11.20
C ALA B 176 -5.04 19.72 9.92
N SER B 177 -5.87 18.69 9.86
CA SER B 177 -6.05 17.84 8.66
C SER B 177 -7.51 17.45 8.54
N PRO B 178 -8.11 17.63 7.34
CA PRO B 178 -9.45 17.11 7.08
C PRO B 178 -9.46 15.68 6.51
N TRP B 179 -10.49 14.91 6.86
CA TRP B 179 -10.76 13.58 6.25
C TRP B 179 -11.79 13.73 5.12
N THR B 180 -12.96 14.30 5.41
CA THR B 180 -14.01 14.51 4.38
C THR B 180 -14.48 15.95 4.43
N SER B 181 -14.90 16.41 3.25
CA SER B 181 -15.77 17.59 3.06
C SER B 181 -17.21 17.20 3.35
N PRO B 182 -18.07 18.20 3.57
CA PRO B 182 -19.52 17.97 3.49
C PRO B 182 -19.85 17.13 2.26
N THR B 183 -20.80 16.23 2.41
CA THR B 183 -21.13 15.24 1.36
C THR B 183 -21.74 15.91 0.12
N TRP B 184 -22.29 17.11 0.27
CA TRP B 184 -22.97 17.82 -0.86
C TRP B 184 -21.92 18.53 -1.72
N LEU B 185 -20.66 18.51 -1.33
CA LEU B 185 -19.55 18.93 -2.21
C LEU B 185 -18.95 17.73 -2.94
N LYS B 186 -19.39 16.50 -2.69
CA LYS B 186 -18.66 15.31 -3.20
C LYS B 186 -19.42 14.62 -4.32
N THR B 187 -18.67 13.97 -5.22
CA THR B 187 -19.22 13.26 -6.39
C THR B 187 -20.15 12.13 -5.92
N ASN B 188 -19.86 11.51 -4.77
CA ASN B 188 -20.54 10.25 -4.33
C ASN B 188 -21.58 10.55 -3.23
N GLY B 189 -21.68 11.78 -2.75
CA GLY B 189 -22.67 12.14 -1.72
C GLY B 189 -22.50 11.35 -0.43
N ALA B 190 -21.29 10.98 -0.05
CA ALA B 190 -21.03 10.16 1.15
C ALA B 190 -19.72 10.62 1.80
N VAL B 191 -19.58 10.37 3.09
CA VAL B 191 -18.36 10.79 3.85
C VAL B 191 -17.19 9.90 3.47
N ASN B 192 -17.48 8.68 3.02
CA ASN B 192 -16.45 7.65 2.71
C ASN B 192 -16.61 7.21 1.26
N GLY B 193 -15.94 6.13 0.86
CA GLY B 193 -16.09 5.56 -0.49
C GLY B 193 -15.27 6.31 -1.49
N LYS B 194 -15.29 5.85 -2.73
CA LYS B 194 -14.57 6.49 -3.84
C LYS B 194 -15.32 7.75 -4.22
N GLY B 195 -14.67 8.89 -4.09
CA GLY B 195 -15.33 10.18 -4.32
C GLY B 195 -14.40 11.34 -4.11
N SER B 196 -14.61 12.40 -4.89
CA SER B 196 -13.80 13.63 -4.86
C SER B 196 -14.74 14.82 -4.72
N LEU B 197 -14.14 16.00 -4.62
CA LEU B 197 -14.92 17.23 -4.84
C LEU B 197 -15.55 17.14 -6.23
N LYS B 198 -16.79 17.61 -6.32
CA LYS B 198 -17.47 17.85 -7.62
C LYS B 198 -16.70 18.90 -8.41
N GLY B 199 -16.89 18.87 -9.73
CA GLY B 199 -16.39 19.93 -10.61
C GLY B 199 -14.89 19.86 -10.74
N GLN B 200 -14.24 21.01 -10.71
CA GLN B 200 -12.79 21.12 -10.95
C GLN B 200 -12.26 22.29 -10.16
N PRO B 201 -10.95 22.24 -9.81
CA PRO B 201 -10.30 23.39 -9.18
C PRO B 201 -10.62 24.72 -9.87
N GLY B 202 -10.88 25.72 -9.03
CA GLY B 202 -11.24 27.09 -9.46
C GLY B 202 -12.75 27.31 -9.52
N ASP B 203 -13.57 26.28 -9.30
CA ASP B 203 -15.06 26.39 -9.38
C ASP B 203 -15.69 26.59 -8.00
N ILE B 204 -17.03 26.67 -7.95
CA ILE B 204 -17.78 26.98 -6.70
C ILE B 204 -17.52 25.89 -5.66
N TYR B 205 -17.41 24.63 -6.06
CA TYR B 205 -17.25 23.53 -5.07
C TYR B 205 -15.89 23.69 -4.39
N HIS B 206 -14.87 23.97 -5.16
CA HIS B 206 -13.48 24.06 -4.69
C HIS B 206 -13.27 25.34 -3.88
N GLN B 207 -13.89 26.44 -4.28
N GLN B 207 -13.90 26.44 -4.28
CA GLN B 207 -13.83 27.72 -3.55
CA GLN B 207 -13.81 27.73 -3.55
C GLN B 207 -14.51 27.53 -2.19
C GLN B 207 -14.54 27.60 -2.21
N THR B 208 -15.63 26.83 -2.16
CA THR B 208 -16.37 26.59 -0.89
C THR B 208 -15.49 25.76 0.04
N TRP B 209 -14.91 24.70 -0.50
CA TRP B 209 -14.04 23.81 0.31
C TRP B 209 -12.84 24.61 0.85
N ALA B 210 -12.16 25.39 0.02
CA ALA B 210 -11.07 26.27 0.51
C ALA B 210 -11.58 27.22 1.60
N ARG B 211 -12.75 27.80 1.41
CA ARG B 211 -13.32 28.76 2.39
C ARG B 211 -13.60 28.03 3.73
N TYR B 212 -13.93 26.74 3.70
CA TYR B 212 -14.17 25.88 4.88
C TYR B 212 -12.90 25.83 5.74
N PHE B 213 -11.72 25.79 5.10
CA PHE B 213 -10.44 25.81 5.87
C PHE B 213 -10.37 27.12 6.66
N VAL B 214 -10.68 28.24 6.01
CA VAL B 214 -10.64 29.57 6.68
C VAL B 214 -11.69 29.61 7.80
N LYS B 215 -12.90 29.12 7.56
CA LYS B 215 -13.97 29.07 8.60
C LYS B 215 -13.48 28.26 9.82
N PHE B 216 -12.83 27.12 9.58
CA PHE B 216 -12.30 26.29 10.68
C PHE B 216 -11.27 27.11 11.49
N LEU B 217 -10.30 27.71 10.81
CA LEU B 217 -9.26 28.51 11.50
C LEU B 217 -9.94 29.68 12.22
N ASP B 218 -10.91 30.34 11.61
CA ASP B 218 -11.70 31.42 12.28
C ASP B 218 -12.30 30.88 13.58
N ALA B 219 -12.92 29.71 13.53
CA ALA B 219 -13.70 29.14 14.65
C ALA B 219 -12.74 28.80 15.80
N TYR B 220 -11.63 28.14 15.52
CA TYR B 220 -10.63 27.81 16.56
C TYR B 220 -10.02 29.11 17.12
N ALA B 221 -9.86 30.15 16.28
CA ALA B 221 -9.30 31.46 16.71
C ALA B 221 -10.27 32.15 17.69
N GLU B 222 -11.58 31.94 17.52
CA GLU B 222 -12.63 32.46 18.46
C GLU B 222 -12.44 31.79 19.81
N HIS B 223 -11.90 30.57 19.85
CA HIS B 223 -11.57 29.84 21.11
C HIS B 223 -10.11 30.06 21.52
N LYS B 224 -9.40 30.99 20.89
CA LYS B 224 -8.05 31.51 21.26
C LYS B 224 -6.99 30.43 20.97
N LEU B 225 -7.22 29.63 19.92
CA LEU B 225 -6.23 28.65 19.41
C LEU B 225 -5.83 29.08 18.00
N GLN B 226 -4.53 29.03 17.75
CA GLN B 226 -3.90 29.39 16.45
C GLN B 226 -3.16 28.15 15.95
N PHE B 227 -3.20 27.93 14.64
CA PHE B 227 -2.53 26.76 13.99
C PHE B 227 -1.16 27.15 13.42
N TRP B 228 -0.23 26.22 13.54
CA TRP B 228 1.07 26.26 12.85
C TRP B 228 0.85 25.95 11.37
N ALA B 229 0.15 24.87 11.07
CA ALA B 229 -0.01 24.36 9.71
C ALA B 229 -1.35 23.65 9.53
N VAL B 230 -1.70 23.48 8.27
CA VAL B 230 -2.80 22.56 7.87
C VAL B 230 -2.23 21.65 6.78
N THR B 231 -2.80 20.46 6.62
CA THR B 231 -2.54 19.62 5.43
C THR B 231 -3.69 19.78 4.42
N ALA B 232 -3.38 19.52 3.15
CA ALA B 232 -4.28 19.79 2.02
C ALA B 232 -5.44 18.80 2.05
N GLU B 233 -5.26 17.68 2.76
CA GLU B 233 -6.21 16.54 2.84
C GLU B 233 -5.49 15.38 3.52
N ASN B 234 -6.11 14.73 4.51
CA ASN B 234 -5.59 13.43 5.00
C ASN B 234 -5.65 12.36 3.91
N GLU B 235 -4.52 11.74 3.58
CA GLU B 235 -4.47 10.56 2.65
C GLU B 235 -5.42 10.78 1.47
N PRO B 236 -5.12 11.77 0.61
CA PRO B 236 -5.94 12.01 -0.57
C PRO B 236 -6.06 10.79 -1.49
N SER B 237 -5.04 9.93 -1.52
CA SER B 237 -5.07 8.74 -2.40
C SER B 237 -6.21 7.79 -1.96
N ALA B 238 -6.57 7.81 -0.69
CA ALA B 238 -7.57 6.86 -0.13
C ALA B 238 -8.94 7.02 -0.82
N GLY B 239 -9.31 8.26 -1.14
CA GLY B 239 -10.61 8.60 -1.75
C GLY B 239 -10.69 8.15 -3.20
N LEU B 240 -9.61 7.59 -3.74
CA LEU B 240 -9.59 7.01 -5.10
C LEU B 240 -9.95 5.52 -5.07
N LEU B 241 -10.19 4.94 -3.89
CA LEU B 241 -10.27 3.46 -3.73
C LEU B 241 -11.72 3.05 -3.51
N SER B 242 -12.23 2.16 -4.37
CA SER B 242 -13.65 1.73 -4.30
C SER B 242 -13.92 1.19 -2.90
N GLY B 243 -15.01 1.63 -2.29
CA GLY B 243 -15.52 1.09 -1.02
C GLY B 243 -14.73 1.57 0.19
N TYR B 244 -13.81 2.51 0.02
CA TYR B 244 -12.94 2.93 1.17
C TYR B 244 -13.87 3.25 2.34
N PRO B 245 -13.65 2.61 3.52
CA PRO B 245 -14.65 2.65 4.58
C PRO B 245 -14.54 3.87 5.52
N PHE B 246 -13.38 4.53 5.54
CA PHE B 246 -13.13 5.65 6.47
C PHE B 246 -13.45 6.96 5.74
N GLN B 247 -13.78 8.01 6.50
CA GLN B 247 -14.00 9.34 5.89
C GLN B 247 -12.79 9.66 5.01
N CYS B 248 -13.04 10.18 3.81
CA CYS B 248 -11.98 10.46 2.82
C CYS B 248 -12.45 11.46 1.79
N LEU B 249 -11.51 11.90 0.98
CA LEU B 249 -11.80 12.85 -0.11
C LEU B 249 -10.68 12.68 -1.12
N GLY B 250 -11.02 12.11 -2.28
CA GLY B 250 -10.04 11.67 -3.29
C GLY B 250 -9.42 12.84 -4.02
N PHE B 251 -8.09 12.88 -4.07
CA PHE B 251 -7.33 13.71 -5.02
C PHE B 251 -6.20 12.89 -5.66
N THR B 252 -6.11 12.96 -6.97
CA THR B 252 -4.87 12.65 -7.71
C THR B 252 -3.87 13.74 -7.36
N PRO B 253 -2.57 13.55 -7.67
CA PRO B 253 -1.58 14.61 -7.44
C PRO B 253 -1.90 15.84 -8.31
N GLU B 254 -2.42 15.62 -9.51
CA GLU B 254 -2.76 16.76 -10.41
C GLU B 254 -3.92 17.55 -9.79
N HIS B 255 -4.93 16.88 -9.26
CA HIS B 255 -6.08 17.54 -8.59
C HIS B 255 -5.57 18.38 -7.40
N GLN B 256 -4.71 17.79 -6.58
CA GLN B 256 -4.16 18.48 -5.39
C GLN B 256 -3.37 19.72 -5.88
N ARG B 257 -2.54 19.56 -6.88
CA ARG B 257 -1.76 20.66 -7.49
C ARG B 257 -2.71 21.81 -7.82
N ASP B 258 -3.75 21.53 -8.58
CA ASP B 258 -4.66 22.59 -9.12
C ASP B 258 -5.47 23.16 -7.96
N PHE B 259 -5.92 22.34 -7.00
CA PHE B 259 -6.72 22.84 -5.84
C PHE B 259 -5.86 23.81 -5.03
N ILE B 260 -4.59 23.44 -4.81
CA ILE B 260 -3.65 24.28 -4.06
C ILE B 260 -3.40 25.58 -4.85
N ALA B 261 -3.13 25.49 -6.14
CA ALA B 261 -2.73 26.68 -6.96
C ALA B 261 -3.91 27.64 -7.10
N ARG B 262 -5.12 27.11 -7.28
CA ARG B 262 -6.28 27.96 -7.69
C ARG B 262 -7.14 28.33 -6.48
N ASP B 263 -7.25 27.47 -5.47
CA ASP B 263 -8.29 27.64 -4.41
C ASP B 263 -7.65 27.74 -3.03
N LEU B 264 -7.01 26.69 -2.57
CA LEU B 264 -6.60 26.66 -1.15
C LEU B 264 -5.48 27.66 -0.87
N GLY B 265 -4.45 27.70 -1.71
CA GLY B 265 -3.32 28.62 -1.49
C GLY B 265 -3.78 30.07 -1.49
N PRO B 266 -4.39 30.56 -2.59
CA PRO B 266 -4.90 31.93 -2.63
C PRO B 266 -5.88 32.28 -1.50
N THR B 267 -6.80 31.36 -1.14
CA THR B 267 -7.80 31.62 -0.07
C THR B 267 -7.09 31.80 1.29
N LEU B 268 -6.18 30.89 1.64
CA LEU B 268 -5.45 31.04 2.92
C LEU B 268 -4.59 32.33 2.85
N ALA B 269 -4.00 32.62 1.69
CA ALA B 269 -3.01 33.72 1.57
C ALA B 269 -3.69 35.09 1.75
N ASN B 270 -4.96 35.21 1.34
CA ASN B 270 -5.75 36.48 1.42
C ASN B 270 -6.56 36.53 2.72
N SER B 271 -6.29 35.66 3.69
CA SER B 271 -7.07 35.55 4.94
C SER B 271 -6.19 36.03 6.09
N THR B 272 -6.77 36.19 7.29
CA THR B 272 -6.01 36.56 8.50
C THR B 272 -5.03 35.43 8.86
N HIS B 273 -5.19 34.27 8.22
CA HIS B 273 -4.42 33.04 8.53
C HIS B 273 -3.30 32.84 7.52
N HIS B 274 -2.82 33.91 6.87
CA HIS B 274 -1.81 33.82 5.79
C HIS B 274 -0.50 33.22 6.31
N ASN B 275 -0.23 33.30 7.62
CA ASN B 275 1.02 32.80 8.24
C ASN B 275 0.92 31.28 8.48
N VAL B 276 -0.26 30.67 8.39
CA VAL B 276 -0.47 29.21 8.64
C VAL B 276 0.22 28.49 7.49
N ARG B 277 1.03 27.49 7.80
CA ARG B 277 1.78 26.74 6.77
C ARG B 277 0.83 25.75 6.11
N LEU B 278 1.05 25.49 4.84
CA LEU B 278 0.30 24.44 4.09
C LEU B 278 1.24 23.28 3.79
N LEU B 279 0.86 22.09 4.20
CA LEU B 279 1.63 20.85 3.89
C LEU B 279 0.84 20.04 2.86
N MET B 280 1.50 19.56 1.84
CA MET B 280 0.88 18.71 0.79
C MET B 280 1.08 17.24 1.14
N LEU B 281 0.41 16.37 0.36
CA LEU B 281 0.51 14.88 0.41
C LEU B 281 -0.20 14.37 1.68
N ASP B 282 0.41 14.39 2.85
CA ASP B 282 -0.23 13.82 4.07
C ASP B 282 -0.64 12.34 3.79
N ASP B 283 0.28 11.53 3.28
CA ASP B 283 -0.03 10.21 2.69
C ASP B 283 1.24 9.37 2.66
N GLN B 284 1.13 8.14 2.22
CA GLN B 284 2.23 7.15 2.30
C GLN B 284 3.48 7.63 1.54
N ARG B 285 4.66 7.41 2.12
CA ARG B 285 5.91 7.95 1.49
C ARG B 285 6.23 7.31 0.13
N LEU B 286 5.68 6.16 -0.25
CA LEU B 286 5.89 5.56 -1.59
C LEU B 286 5.39 6.53 -2.68
N LEU B 287 4.50 7.50 -2.35
CA LEU B 287 3.96 8.45 -3.33
C LEU B 287 5.00 9.53 -3.66
N LEU B 288 6.14 9.51 -2.96
CA LEU B 288 7.32 10.39 -3.24
C LEU B 288 8.35 9.61 -4.04
N PRO B 289 9.11 10.26 -4.96
CA PRO B 289 9.01 11.70 -5.21
C PRO B 289 7.93 12.16 -6.21
N HIS B 290 7.12 11.23 -6.73
CA HIS B 290 6.18 11.54 -7.83
C HIS B 290 5.25 12.69 -7.46
N TRP B 291 4.60 12.62 -6.30
CA TRP B 291 3.64 13.68 -5.90
C TRP B 291 4.37 15.01 -5.76
N ALA B 292 5.59 15.02 -5.21
CA ALA B 292 6.36 16.27 -5.05
C ALA B 292 6.61 16.85 -6.46
N LYS B 293 6.98 16.00 -7.41
CA LYS B 293 7.28 16.48 -8.79
C LYS B 293 6.01 17.07 -9.41
N VAL B 294 4.86 16.41 -9.26
CA VAL B 294 3.59 16.89 -9.88
C VAL B 294 3.23 18.25 -9.29
N VAL B 295 3.27 18.39 -7.96
CA VAL B 295 2.77 19.65 -7.34
C VAL B 295 3.83 20.75 -7.45
N LEU B 296 5.09 20.45 -7.13
CA LEU B 296 6.10 21.51 -6.89
C LEU B 296 6.78 21.98 -8.18
N THR B 297 6.62 21.30 -9.30
CA THR B 297 7.14 21.80 -10.60
C THR B 297 6.18 22.83 -11.18
N ASP B 298 4.97 22.99 -10.63
CA ASP B 298 4.02 24.06 -11.02
C ASP B 298 4.27 25.23 -10.09
N PRO B 299 4.86 26.35 -10.56
CA PRO B 299 5.26 27.41 -9.64
C PRO B 299 4.09 28.06 -8.90
N GLU B 300 2.89 28.00 -9.47
CA GLU B 300 1.68 28.63 -8.92
C GLU B 300 1.19 27.79 -7.73
N ALA B 301 1.46 26.48 -7.71
CA ALA B 301 1.18 25.63 -6.52
C ALA B 301 2.34 25.75 -5.54
N ALA B 302 3.58 25.63 -6.04
CA ALA B 302 4.79 25.55 -5.19
C ALA B 302 4.86 26.77 -4.27
N LYS B 303 4.48 27.94 -4.77
CA LYS B 303 4.60 29.18 -3.94
C LYS B 303 3.80 29.06 -2.63
N TYR B 304 2.79 28.18 -2.57
CA TYR B 304 1.89 28.04 -1.40
C TYR B 304 2.31 26.89 -0.49
N VAL B 305 3.20 26.02 -0.95
CA VAL B 305 3.50 24.76 -0.24
C VAL B 305 4.75 24.93 0.61
N HIS B 306 4.59 24.83 1.92
CA HIS B 306 5.68 24.94 2.91
C HIS B 306 6.39 23.58 3.03
N GLY B 307 5.66 22.47 2.93
CA GLY B 307 6.23 21.17 3.32
C GLY B 307 5.35 20.02 2.86
N ILE B 308 5.91 18.83 3.00
CA ILE B 308 5.33 17.54 2.52
C ILE B 308 5.14 16.64 3.75
N ALA B 309 3.89 16.25 4.03
CA ALA B 309 3.60 15.41 5.21
C ALA B 309 3.52 13.96 4.76
N VAL B 310 4.08 13.04 5.54
CA VAL B 310 4.07 11.60 5.18
C VAL B 310 3.54 10.76 6.35
N HIS B 311 2.85 9.67 5.99
CA HIS B 311 2.38 8.63 6.91
C HIS B 311 3.20 7.36 6.70
N TRP B 312 3.26 6.51 7.73
CA TRP B 312 4.25 5.41 7.79
C TRP B 312 3.69 4.07 7.30
N TYR B 313 2.42 3.97 6.94
CA TYR B 313 1.72 2.65 6.96
C TYR B 313 2.24 1.67 5.92
N LEU B 314 2.79 2.15 4.81
CA LEU B 314 3.37 1.27 3.75
C LEU B 314 4.87 1.53 3.63
N ASP B 315 5.53 1.92 4.74
CA ASP B 315 6.99 2.18 4.71
C ASP B 315 7.74 0.92 4.27
N PHE B 316 7.20 -0.29 4.51
CA PHE B 316 7.91 -1.55 4.15
C PHE B 316 8.19 -1.57 2.64
N LEU B 317 7.36 -0.94 1.81
CA LEU B 317 7.42 -0.90 0.31
C LEU B 317 8.45 0.15 -0.13
N ALA B 318 8.79 1.14 0.72
CA ALA B 318 9.26 2.48 0.29
C ALA B 318 10.57 2.79 1.00
N PRO B 319 11.70 2.31 0.44
CA PRO B 319 13.00 2.64 0.99
C PRO B 319 13.15 4.15 1.18
N ALA B 320 13.70 4.55 2.33
CA ALA B 320 13.82 5.99 2.70
C ALA B 320 14.61 6.72 1.61
N LYS B 321 15.70 6.12 1.13
CA LYS B 321 16.62 6.81 0.19
C LYS B 321 15.87 7.15 -1.10
N ALA B 322 15.06 6.24 -1.62
CA ALA B 322 14.39 6.37 -2.93
C ALA B 322 13.17 7.32 -2.88
N THR B 323 12.67 7.63 -1.68
CA THR B 323 11.42 8.40 -1.47
C THR B 323 11.80 9.74 -0.81
N LEU B 324 12.07 9.70 0.48
CA LEU B 324 12.53 10.84 1.27
C LEU B 324 13.84 11.41 0.71
N GLY B 325 14.86 10.58 0.47
CA GLY B 325 16.16 11.09 0.01
C GLY B 325 16.04 11.77 -1.36
N GLU B 326 15.33 11.17 -2.30
CA GLU B 326 15.20 11.74 -3.68
C GLU B 326 14.38 13.02 -3.61
N THR B 327 13.37 13.05 -2.76
CA THR B 327 12.52 14.26 -2.63
C THR B 327 13.36 15.41 -2.10
N HIS B 328 14.20 15.15 -1.09
CA HIS B 328 15.07 16.17 -0.48
C HIS B 328 16.08 16.65 -1.54
N ARG B 329 16.61 15.72 -2.32
CA ARG B 329 17.58 16.05 -3.39
C ARG B 329 16.93 17.01 -4.39
N LEU B 330 15.70 16.73 -4.83
CA LEU B 330 15.01 17.53 -5.89
C LEU B 330 14.46 18.84 -5.32
N PHE B 331 13.97 18.83 -4.07
CA PHE B 331 13.26 19.95 -3.44
C PHE B 331 13.82 20.19 -2.05
N PRO B 332 15.08 20.65 -1.94
CA PRO B 332 15.73 20.73 -0.64
C PRO B 332 15.14 21.77 0.31
N ASN B 333 14.43 22.77 -0.20
CA ASN B 333 13.89 23.87 0.63
C ASN B 333 12.45 23.56 0.99
N THR B 334 11.91 22.39 0.65
CA THR B 334 10.53 22.02 1.06
C THR B 334 10.60 20.93 2.12
N MET B 335 10.27 21.27 3.35
CA MET B 335 10.51 20.34 4.49
C MET B 335 9.66 19.08 4.33
N LEU B 336 10.18 17.96 4.82
CA LEU B 336 9.49 16.66 4.97
C LEU B 336 9.13 16.48 6.43
N PHE B 337 7.93 16.03 6.71
CA PHE B 337 7.36 15.94 8.06
C PHE B 337 6.49 14.69 8.15
N ALA B 338 6.70 13.87 9.16
CA ALA B 338 5.94 12.63 9.41
C ALA B 338 4.73 13.00 10.28
N SER B 339 3.53 12.87 9.74
CA SER B 339 2.29 13.42 10.37
C SER B 339 1.36 12.34 10.96
N GLU B 340 1.62 11.04 10.75
CA GLU B 340 0.72 10.00 11.28
C GLU B 340 1.36 8.61 11.22
N ALA B 341 1.32 7.94 12.38
CA ALA B 341 1.77 6.55 12.56
C ALA B 341 0.97 5.89 13.69
N CYS B 342 0.70 4.61 13.55
CA CYS B 342 0.22 3.75 14.65
C CYS B 342 0.38 2.30 14.21
N VAL B 343 0.45 1.43 15.21
CA VAL B 343 0.47 -0.03 14.96
C VAL B 343 -0.94 -0.57 15.23
N GLY B 344 -1.36 -1.59 14.49
CA GLY B 344 -2.57 -2.36 14.80
C GLY B 344 -3.66 -2.34 13.74
N SER B 345 -3.52 -1.55 12.67
N SER B 345 -3.62 -1.50 12.71
CA SER B 345 -4.57 -1.27 11.67
CA SER B 345 -4.76 -1.39 11.76
C SER B 345 -4.68 -2.41 10.66
C SER B 345 -4.81 -2.66 10.91
N LYS B 346 -3.65 -3.25 10.56
CA LYS B 346 -3.65 -4.42 9.63
C LYS B 346 -4.46 -5.55 10.28
N PHE B 347 -5.29 -6.26 9.48
CA PHE B 347 -6.31 -7.23 9.98
C PHE B 347 -5.66 -8.30 10.87
N TRP B 348 -4.39 -8.66 10.64
CA TRP B 348 -3.66 -9.71 11.40
C TRP B 348 -2.99 -9.14 12.65
N GLU B 349 -2.95 -7.83 12.79
CA GLU B 349 -2.30 -7.19 13.94
C GLU B 349 -3.35 -7.17 15.04
N GLN B 350 -3.05 -7.77 16.20
CA GLN B 350 -3.83 -7.51 17.42
C GLN B 350 -3.91 -5.99 17.59
N SER B 351 -5.07 -5.45 17.86
CA SER B 351 -5.26 -3.98 17.99
C SER B 351 -4.35 -3.40 19.08
N VAL B 352 -4.48 -3.90 20.30
CA VAL B 352 -3.71 -3.40 21.46
C VAL B 352 -2.90 -4.56 22.02
N ARG B 353 -1.60 -4.38 22.18
CA ARG B 353 -0.73 -5.41 22.80
C ARG B 353 -0.04 -4.78 24.00
N LEU B 354 -0.68 -4.81 25.17
CA LEU B 354 -0.22 -4.06 26.35
C LEU B 354 1.20 -4.52 26.72
N GLY B 355 2.19 -3.65 26.57
CA GLY B 355 3.57 -3.90 26.97
C GLY B 355 4.44 -4.37 25.81
N SER B 356 3.99 -4.27 24.55
CA SER B 356 4.79 -4.71 23.38
C SER B 356 6.10 -3.91 23.24
N TRP B 357 7.23 -4.52 23.48
CA TRP B 357 8.55 -3.92 23.13
C TRP B 357 8.67 -3.80 21.61
N ASP B 358 8.18 -4.78 20.85
CA ASP B 358 8.28 -4.74 19.38
C ASP B 358 7.66 -3.43 18.87
N ARG B 359 6.48 -3.04 19.35
CA ARG B 359 5.77 -1.83 18.88
C ARG B 359 6.57 -0.60 19.27
N GLY B 360 7.20 -0.62 20.44
CA GLY B 360 8.16 0.41 20.86
C GLY B 360 9.28 0.58 19.83
N MET B 361 9.96 -0.51 19.50
CA MET B 361 11.10 -0.49 18.55
C MET B 361 10.62 -0.03 17.16
N GLN B 362 9.43 -0.40 16.72
CA GLN B 362 8.87 0.08 15.45
C GLN B 362 8.83 1.62 15.46
N TYR B 363 8.39 2.25 16.53
CA TYR B 363 8.34 3.72 16.60
C TYR B 363 9.76 4.33 16.56
N SER B 364 10.67 3.90 17.43
CA SER B 364 12.03 4.50 17.46
C SER B 364 12.78 4.18 16.16
N HIS B 365 12.65 2.99 15.59
CA HIS B 365 13.32 2.68 14.30
C HIS B 365 12.78 3.62 13.21
N SER B 366 11.48 3.86 13.20
CA SER B 366 10.84 4.78 12.21
C SER B 366 11.35 6.21 12.42
N ILE B 367 11.43 6.67 13.67
CA ILE B 367 11.85 8.06 13.95
C ILE B 367 13.31 8.20 13.51
N ILE B 368 14.17 7.27 13.90
CA ILE B 368 15.59 7.38 13.47
C ILE B 368 15.70 7.38 11.95
N THR B 369 15.02 6.47 11.27
CA THR B 369 15.10 6.42 9.79
C THR B 369 14.63 7.75 9.18
N ASN B 370 13.49 8.27 9.63
CA ASN B 370 12.96 9.58 9.21
C ASN B 370 14.03 10.66 9.47
N LEU B 371 14.62 10.70 10.66
CA LEU B 371 15.59 11.79 10.97
C LEU B 371 16.85 11.64 10.10
N LEU B 372 17.21 10.44 9.72
CA LEU B 372 18.42 10.21 8.90
C LEU B 372 18.20 10.62 7.44
N TYR B 373 16.94 10.76 7.02
CA TYR B 373 16.54 11.15 5.65
C TYR B 373 15.70 12.42 5.68
N HIS B 374 16.15 13.40 6.46
CA HIS B 374 15.83 14.84 6.32
C HIS B 374 14.49 15.21 6.92
N VAL B 375 13.75 14.29 7.53
CA VAL B 375 12.40 14.59 8.08
C VAL B 375 12.53 15.44 9.34
N VAL B 376 11.67 16.46 9.49
CA VAL B 376 11.85 17.50 10.52
C VAL B 376 10.96 17.19 11.74
N GLY B 377 10.13 16.16 11.69
CA GLY B 377 9.26 15.85 12.83
C GLY B 377 8.54 14.55 12.66
N TRP B 378 8.01 14.03 13.75
CA TRP B 378 7.29 12.74 13.69
C TRP B 378 6.10 12.84 14.64
N THR B 379 4.96 12.38 14.17
CA THR B 379 3.67 12.57 14.85
C THR B 379 3.00 11.22 14.97
N ASP B 380 2.69 10.86 16.21
CA ASP B 380 1.81 9.74 16.57
C ASP B 380 0.38 10.06 16.16
N TRP B 381 -0.44 9.01 16.04
CA TRP B 381 -1.89 9.12 15.81
C TRP B 381 -2.55 9.28 17.19
N ASN B 382 -3.68 8.62 17.47
CA ASN B 382 -4.46 8.85 18.71
C ASN B 382 -3.58 8.96 19.97
N LEU B 383 -3.73 10.03 20.76
CA LEU B 383 -2.92 10.21 21.99
C LEU B 383 -3.29 9.17 23.05
N ALA B 384 -4.51 8.66 23.01
CA ALA B 384 -4.99 7.68 24.00
C ALA B 384 -6.15 6.89 23.39
N LEU B 385 -6.18 5.59 23.66
CA LEU B 385 -7.31 4.74 23.24
C LEU B 385 -7.72 3.88 24.43
N ASN B 386 -8.85 3.22 24.33
CA ASN B 386 -9.36 2.28 25.35
C ASN B 386 -8.74 0.92 25.09
N PRO B 387 -8.91 -0.09 25.98
CA PRO B 387 -8.21 -1.36 25.81
C PRO B 387 -8.59 -2.16 24.56
N GLU B 388 -9.73 -1.83 23.93
CA GLU B 388 -10.19 -2.41 22.64
C GLU B 388 -9.41 -1.74 21.50
N GLY B 389 -8.85 -0.55 21.71
CA GLY B 389 -8.19 0.25 20.67
C GLY B 389 -9.14 1.23 19.99
N GLY B 390 -10.17 1.65 20.72
CA GLY B 390 -11.22 2.54 20.22
C GLY B 390 -11.50 3.71 21.18
N PRO B 391 -12.66 4.36 21.03
CA PRO B 391 -13.70 3.94 20.11
C PRO B 391 -13.42 4.31 18.66
N ASN B 392 -14.14 3.66 17.72
CA ASN B 392 -13.95 3.86 16.27
C ASN B 392 -15.25 3.43 15.60
N TRP B 393 -15.88 4.30 14.81
CA TRP B 393 -17.24 4.00 14.31
C TRP B 393 -17.20 2.88 13.27
N VAL B 394 -16.06 2.63 12.64
CA VAL B 394 -15.90 1.54 11.65
C VAL B 394 -15.39 0.29 12.36
N ARG B 395 -15.09 0.36 13.67
CA ARG B 395 -14.45 -0.73 14.45
C ARG B 395 -13.07 -1.12 13.88
N ASN B 396 -12.35 -0.16 13.32
CA ASN B 396 -10.96 -0.39 12.88
C ASN B 396 -10.02 0.04 14.01
N PHE B 397 -9.90 -0.80 15.02
CA PHE B 397 -9.15 -0.53 16.27
C PHE B 397 -7.66 -0.62 16.03
N VAL B 398 -6.90 0.19 16.75
CA VAL B 398 -5.42 0.24 16.66
C VAL B 398 -4.85 0.38 18.07
N ASP B 399 -3.54 0.51 18.15
CA ASP B 399 -2.81 0.65 19.43
C ASP B 399 -2.49 2.13 19.62
N SER B 400 -2.13 2.49 20.84
CA SER B 400 -1.80 3.88 21.20
C SER B 400 -0.78 3.83 22.32
N PRO B 401 0.16 4.79 22.40
CA PRO B 401 1.15 4.80 23.48
C PRO B 401 0.52 4.83 24.87
N ILE B 402 -0.68 5.41 25.00
CA ILE B 402 -1.40 5.38 26.29
C ILE B 402 -2.77 4.71 26.12
N ILE B 403 -3.03 3.74 26.99
CA ILE B 403 -4.27 2.96 27.00
C ILE B 403 -4.99 3.31 28.30
N VAL B 404 -6.25 3.72 28.17
N VAL B 404 -6.19 3.87 28.18
CA VAL B 404 -7.06 4.19 29.32
CA VAL B 404 -7.03 4.17 29.35
C VAL B 404 -8.05 3.10 29.70
C VAL B 404 -7.80 2.90 29.70
N ASP B 405 -8.09 2.76 30.99
CA ASP B 405 -9.02 1.74 31.54
C ASP B 405 -9.92 2.50 32.54
N ILE B 406 -11.06 2.95 32.07
N ILE B 406 -11.08 2.93 32.07
CA ILE B 406 -12.02 3.78 32.87
CA ILE B 406 -12.07 3.77 32.80
C ILE B 406 -12.49 2.99 34.10
C ILE B 406 -12.59 3.01 34.04
N THR B 407 -12.66 1.68 33.99
CA THR B 407 -13.18 0.87 35.16
C THR B 407 -12.23 0.95 36.36
N LYS B 408 -10.96 1.28 36.14
CA LYS B 408 -9.95 1.33 37.22
C LYS B 408 -9.43 2.75 37.39
N ASP B 409 -10.02 3.74 36.69
CA ASP B 409 -9.49 5.11 36.62
C ASP B 409 -7.97 5.06 36.45
N THR B 410 -7.49 4.23 35.53
CA THR B 410 -6.05 3.94 35.32
C THR B 410 -5.71 4.23 33.85
N PHE B 411 -4.44 4.56 33.57
CA PHE B 411 -3.93 4.53 32.19
C PHE B 411 -2.55 3.87 32.23
N TYR B 412 -2.20 3.23 31.10
CA TYR B 412 -1.00 2.40 30.95
C TYR B 412 -0.13 3.07 29.91
N LYS B 413 1.09 3.44 30.29
CA LYS B 413 2.07 4.00 29.34
C LYS B 413 2.83 2.81 28.75
N GLN B 414 2.69 2.60 27.44
N GLN B 414 2.71 2.65 27.44
CA GLN B 414 3.26 1.42 26.76
CA GLN B 414 3.27 1.48 26.73
C GLN B 414 4.69 1.74 26.31
C GLN B 414 4.72 1.75 26.34
N PRO B 415 5.50 0.72 25.93
CA PRO B 415 6.81 0.99 25.37
C PRO B 415 6.85 2.06 24.27
N MET B 416 5.84 2.13 23.38
CA MET B 416 5.76 3.20 22.37
C MET B 416 5.91 4.59 23.03
N PHE B 417 5.31 4.83 24.20
CA PHE B 417 5.36 6.14 24.87
C PHE B 417 6.85 6.48 25.11
N TYR B 418 7.60 5.53 25.66
CA TYR B 418 9.01 5.76 26.07
C TYR B 418 9.90 5.86 24.82
N HIS B 419 9.64 5.03 23.83
CA HIS B 419 10.43 5.05 22.57
C HIS B 419 10.27 6.43 21.91
N LEU B 420 9.06 6.94 21.80
CA LEU B 420 8.82 8.30 21.23
C LEU B 420 9.52 9.33 22.16
N GLY B 421 9.36 9.20 23.48
CA GLY B 421 9.89 10.15 24.45
C GLY B 421 11.41 10.26 24.41
N HIS B 422 12.11 9.19 24.01
CA HIS B 422 13.59 9.20 23.88
C HIS B 422 13.98 10.29 22.87
N PHE B 423 13.07 10.66 21.97
CA PHE B 423 13.26 11.74 20.97
C PHE B 423 12.57 13.01 21.46
N SER B 424 11.26 12.97 21.72
CA SER B 424 10.46 14.20 21.98
C SER B 424 11.03 14.98 23.16
N LYS B 425 11.47 14.28 24.20
CA LYS B 425 11.89 14.94 25.47
C LYS B 425 13.18 15.73 25.23
N PHE B 426 14.03 15.23 24.35
CA PHE B 426 15.45 15.63 24.32
C PHE B 426 15.81 16.29 23.01
N ILE B 427 14.85 16.48 22.10
CA ILE B 427 15.13 17.11 20.77
C ILE B 427 14.17 18.28 20.60
N PRO B 428 14.49 19.44 21.19
CA PRO B 428 13.58 20.58 21.09
C PRO B 428 13.51 21.13 19.66
N GLU B 429 12.43 21.86 19.39
CA GLU B 429 12.27 22.60 18.11
C GLU B 429 13.53 23.41 17.81
N GLY B 430 14.01 23.34 16.58
CA GLY B 430 15.22 24.07 16.17
C GLY B 430 16.48 23.23 16.23
N SER B 431 16.47 22.10 16.94
CA SER B 431 17.62 21.16 16.97
C SER B 431 17.99 20.81 15.53
N GLN B 432 19.27 20.62 15.25
CA GLN B 432 19.73 20.36 13.87
C GLN B 432 20.39 19.00 13.86
N ARG B 433 19.95 18.10 12.98
CA ARG B 433 20.65 16.82 12.81
C ARG B 433 22.09 17.09 12.38
N VAL B 434 23.04 16.33 12.95
CA VAL B 434 24.47 16.43 12.57
C VAL B 434 24.97 15.03 12.27
N GLY B 435 26.11 14.91 11.59
CA GLY B 435 26.66 13.59 11.29
C GLY B 435 27.03 12.78 12.51
N LEU B 436 27.08 11.47 12.29
CA LEU B 436 27.50 10.52 13.32
C LEU B 436 28.12 9.33 12.62
N VAL B 437 29.45 9.28 12.59
CA VAL B 437 30.18 8.30 11.73
C VAL B 437 30.59 7.09 12.58
N ALA B 438 30.25 5.90 12.11
CA ALA B 438 30.66 4.59 12.67
C ALA B 438 32.05 4.18 12.13
N SER B 439 32.90 3.67 13.01
CA SER B 439 34.25 3.16 12.67
C SER B 439 34.13 1.80 12.01
N GLN B 440 33.05 1.07 12.23
CA GLN B 440 32.88 -0.29 11.66
C GLN B 440 31.40 -0.58 11.51
N LYS B 441 31.08 -1.59 10.73
CA LYS B 441 29.69 -2.06 10.52
C LYS B 441 29.15 -2.52 11.87
N ASN B 442 27.88 -2.23 12.15
CA ASN B 442 27.26 -2.55 13.45
C ASN B 442 25.74 -2.69 13.28
N ASP B 443 25.09 -3.27 14.27
CA ASP B 443 23.65 -3.62 14.25
C ASP B 443 22.81 -2.49 14.89
N LEU B 444 23.43 -1.41 15.35
CA LEU B 444 22.69 -0.35 16.07
C LEU B 444 22.01 0.63 15.09
N ASP B 445 20.97 1.29 15.55
CA ASP B 445 20.37 2.47 14.88
C ASP B 445 20.68 3.68 15.75
N ALA B 446 21.25 4.72 15.18
CA ALA B 446 21.63 5.93 15.93
C ALA B 446 21.46 7.19 15.10
N VAL B 447 21.19 8.28 15.80
CA VAL B 447 21.08 9.64 15.21
C VAL B 447 21.65 10.62 16.22
N ALA B 448 22.30 11.66 15.73
CA ALA B 448 22.87 12.75 16.53
C ALA B 448 22.27 14.07 16.11
N LEU B 449 22.05 14.96 17.05
CA LEU B 449 21.56 16.32 16.74
C LEU B 449 22.26 17.32 17.67
N MET B 450 22.16 18.59 17.31
CA MET B 450 22.69 19.68 18.15
C MET B 450 21.52 20.60 18.49
N HIS B 451 21.27 20.76 19.78
CA HIS B 451 20.32 21.76 20.33
C HIS B 451 20.66 23.15 19.80
N PRO B 452 19.67 24.04 19.68
CA PRO B 452 19.93 25.42 19.27
C PRO B 452 21.05 26.10 20.10
N ASP B 453 21.13 25.76 21.38
CA ASP B 453 22.10 26.36 22.33
C ASP B 453 23.51 25.74 22.18
N GLY B 454 23.65 24.70 21.35
CA GLY B 454 24.95 24.08 21.03
C GLY B 454 25.19 22.73 21.69
N SER B 455 24.31 22.30 22.60
CA SER B 455 24.48 21.01 23.31
C SER B 455 24.23 19.84 22.37
N ALA B 456 24.73 18.67 22.72
CA ALA B 456 24.65 17.44 21.91
C ALA B 456 23.56 16.51 22.42
N VAL B 457 22.91 15.81 21.49
CA VAL B 457 22.01 14.70 21.81
C VAL B 457 22.28 13.56 20.84
N VAL B 458 22.46 12.36 21.36
CA VAL B 458 22.56 11.12 20.55
C VAL B 458 21.56 10.09 21.02
N VAL B 459 20.77 9.55 20.09
CA VAL B 459 19.88 8.41 20.44
C VAL B 459 20.49 7.15 19.83
N VAL B 460 20.58 6.09 20.63
CA VAL B 460 21.09 4.76 20.20
C VAL B 460 20.03 3.72 20.51
N LEU B 461 19.53 3.07 19.47
CA LEU B 461 18.57 1.96 19.54
C LEU B 461 19.30 0.65 19.22
N ASN B 462 19.04 -0.37 20.03
CA ASN B 462 19.57 -1.75 19.81
C ASN B 462 18.40 -2.71 19.69
N ARG B 463 18.08 -3.07 18.47
CA ARG B 463 16.96 -3.98 18.16
C ARG B 463 17.47 -5.43 18.17
N SER B 464 18.75 -5.65 18.45
CA SER B 464 19.35 -7.00 18.57
C SER B 464 19.24 -7.47 20.01
N SER B 465 19.51 -8.77 20.22
CA SER B 465 19.59 -9.37 21.58
C SER B 465 21.00 -9.20 22.18
N LYS B 466 21.98 -8.64 21.46
CA LYS B 466 23.42 -8.62 21.87
C LYS B 466 23.78 -7.27 22.47
N ASP B 467 24.44 -7.27 23.65
CA ASP B 467 25.05 -6.07 24.22
C ASP B 467 26.16 -5.60 23.26
N VAL B 468 26.20 -4.31 22.95
CA VAL B 468 27.27 -3.72 22.09
C VAL B 468 27.99 -2.65 22.89
N PRO B 469 29.22 -2.92 23.34
CA PRO B 469 30.08 -1.87 23.90
C PRO B 469 30.38 -0.85 22.80
N LEU B 470 30.42 0.43 23.13
CA LEU B 470 30.79 1.44 22.12
C LEU B 470 31.32 2.70 22.77
N THR B 471 31.97 3.53 21.96
CA THR B 471 32.51 4.82 22.40
C THR B 471 31.89 5.87 21.49
N ILE B 472 31.51 6.98 22.06
CA ILE B 472 31.01 8.16 21.32
C ILE B 472 32.07 9.24 21.46
N LYS B 473 32.58 9.73 20.33
CA LYS B 473 33.58 10.79 20.32
C LYS B 473 32.92 12.10 19.93
N ASP B 474 33.10 13.10 20.76
CA ASP B 474 32.81 14.51 20.39
C ASP B 474 34.17 15.13 20.21
N PRO B 475 34.59 15.41 18.96
CA PRO B 475 35.97 15.84 18.71
C PRO B 475 36.40 17.08 19.51
N ALA B 476 35.49 17.96 19.87
CA ALA B 476 35.91 19.18 20.62
C ALA B 476 35.97 18.91 22.13
N VAL B 477 35.37 17.82 22.62
CA VAL B 477 35.03 17.69 24.07
C VAL B 477 35.62 16.43 24.67
N GLY B 478 35.50 15.30 24.00
CA GLY B 478 36.05 14.04 24.50
C GLY B 478 35.23 12.82 24.16
N PHE B 479 35.43 11.75 24.93
CA PHE B 479 34.92 10.39 24.68
C PHE B 479 33.95 9.95 25.79
N LEU B 480 32.85 9.35 25.37
CA LEU B 480 31.84 8.67 26.23
C LEU B 480 32.05 7.16 26.06
N GLU B 481 32.48 6.45 27.09
CA GLU B 481 32.59 4.98 27.04
C GLU B 481 31.25 4.43 27.54
N THR B 482 30.60 3.62 26.75
CA THR B 482 29.25 3.12 27.12
C THR B 482 29.02 1.75 26.52
N ILE B 483 27.84 1.25 26.79
CA ILE B 483 27.38 -0.05 26.24
C ILE B 483 25.92 0.11 25.89
N SER B 484 25.56 -0.41 24.73
CA SER B 484 24.16 -0.49 24.28
C SER B 484 23.66 -1.90 24.56
N PRO B 485 22.90 -2.14 25.65
CA PRO B 485 22.40 -3.46 25.91
C PRO B 485 21.46 -3.95 24.80
N GLY B 486 21.36 -5.27 24.63
CA GLY B 486 20.33 -5.88 23.78
C GLY B 486 18.93 -5.39 24.18
N TYR B 487 18.09 -5.09 23.18
CA TYR B 487 16.71 -4.63 23.36
C TYR B 487 16.70 -3.42 24.29
N SER B 488 17.50 -2.42 23.95
CA SER B 488 17.49 -1.13 24.68
C SER B 488 17.37 0.05 23.74
N ILE B 489 17.12 1.20 24.35
CA ILE B 489 17.22 2.52 23.69
C ILE B 489 17.80 3.47 24.72
N HIS B 490 18.77 4.22 24.28
CA HIS B 490 19.46 5.25 25.08
C HIS B 490 19.35 6.61 24.41
N THR B 491 19.20 7.66 25.21
CA THR B 491 19.47 9.04 24.79
C THR B 491 20.61 9.54 25.67
N TYR B 492 21.66 10.03 25.01
CA TYR B 492 22.85 10.68 25.62
C TYR B 492 22.74 12.18 25.39
N LEU B 493 23.05 12.98 26.41
CA LEU B 493 23.04 14.45 26.26
C LEU B 493 24.30 15.00 26.93
N TRP B 494 24.82 16.08 26.39
CA TRP B 494 25.98 16.74 27.04
C TRP B 494 26.18 18.14 26.52
N ARG B 495 26.68 18.99 27.42
CA ARG B 495 27.17 20.32 27.04
C ARG B 495 28.45 20.19 26.22
N ARG B 496 28.61 21.05 25.24
CA ARG B 496 29.82 21.11 24.37
C ARG B 496 30.74 22.23 24.83
N GLN B 497 30.08 23.33 25.70
CA GLN B 497 30.99 24.35 26.33
C GLN B 497 30.35 24.83 27.65
C1 NAG C . -29.07 -27.72 -15.12
C2 NAG C . -30.30 -28.35 -14.46
C3 NAG C . -31.44 -28.36 -15.49
C4 NAG C . -31.69 -26.89 -15.90
C5 NAG C . -30.44 -26.27 -16.50
C6 NAG C . -30.68 -24.80 -16.83
C7 NAG C . -29.95 -30.10 -12.73
C8 NAG C . -30.10 -31.56 -12.39
N2 NAG C . -30.08 -29.74 -14.01
O3 NAG C . -32.65 -28.92 -14.95
O4 NAG C . -32.72 -26.85 -16.86
O5 NAG C . -29.40 -26.37 -15.53
O6 NAG C . -31.25 -24.12 -15.71
O7 NAG C . -29.79 -29.28 -11.84
H1 NAG C . -28.84 -28.31 -16.02
H2 NAG C . -30.60 -27.73 -13.61
H3 NAG C . -31.12 -28.92 -16.38
H4 NAG C . -31.98 -26.32 -15.00
H5 NAG C . -30.14 -26.82 -17.41
H61 NAG C . -31.34 -24.72 -17.69
H62 NAG C . -29.73 -24.34 -17.09
H81 NAG C . -29.33 -32.10 -12.86
H82 NAG C . -30.04 -31.69 -11.34
H83 NAG C . -31.04 -31.91 -12.74
HN2 NAG C . -30.18 -30.46 -14.71
HO3 NAG C . -33.34 -28.92 -15.64
HO4 NAG C . -32.33 -27.14 -17.68
HO6 NAG C . -31.41 -23.20 -15.94
C1 NAG C . -33.95 -26.32 -16.68
C2 NAG C . -34.65 -26.00 -17.98
C3 NAG C . -36.09 -25.60 -17.73
C4 NAG C . -36.78 -26.74 -16.97
C5 NAG C . -36.00 -27.11 -15.71
C6 NAG C . -36.49 -28.33 -14.93
C7 NAG C . -33.07 -25.27 -19.71
C8 NAG C . -32.49 -24.07 -20.42
N2 NAG C . -33.93 -24.99 -18.74
O3 NAG C . -36.70 -25.32 -18.99
O4 NAG C . -38.15 -26.37 -16.68
O5 NAG C . -34.67 -27.41 -16.13
O6 NAG C . -36.70 -29.45 -15.83
O7 NAG C . -32.76 -26.40 -20.02
H1 NAG C . -32.93 -26.73 -17.07
H2 NAG C . -34.66 -26.93 -18.56
H3 NAG C . -36.09 -24.70 -17.10
H4 NAG C . -36.78 -27.62 -17.63
H5 NAG C . -35.99 -26.25 -15.03
H61 NAG C . -37.42 -28.09 -14.42
H62 NAG C . -35.75 -28.61 -14.18
H81 NAG C . -31.98 -23.47 -19.71
H82 NAG C . -31.83 -24.39 -21.17
H83 NAG C . -33.28 -23.50 -20.85
HN2 NAG C . -34.14 -24.02 -18.53
HO3 NAG C . -37.61 -25.05 -18.85
HO4 NAG C . -38.25 -25.38 -16.79
HO6 NAG C . -37.01 -30.23 -15.33
C1 BMA C . -39.24 -27.09 -16.92
C2 BMA C . -40.52 -26.84 -16.16
C3 BMA C . -41.70 -27.55 -16.81
C4 BMA C . -41.78 -27.22 -18.29
C5 BMA C . -40.41 -27.24 -19.01
C6 BMA C . -40.61 -26.58 -20.38
O2 BMA C . -40.70 -25.43 -16.16
O3 BMA C . -42.91 -27.16 -16.16
O4 BMA C . -42.58 -28.22 -18.93
O5 BMA C . -39.35 -26.61 -18.27
O6 BMA C . -39.64 -27.13 -21.31
H1 BMA C . -38.48 -26.46 -16.36
H2 BMA C . -40.40 -27.21 -15.13
H3 BMA C . -41.55 -28.63 -16.70
H4 BMA C . -42.23 -26.22 -18.42
H5 BMA C . -40.15 -28.29 -19.17
H61 BMA C . -40.50 -25.50 -20.29
H62 BMA C . -41.61 -26.78 -20.76
HO2 BMA C . -39.91 -24.99 -15.75
HO3 BMA C . -42.82 -27.35 -15.19
HO4 BMA C . -43.46 -28.24 -18.49
HO6 BMA C . -39.10 -27.77 -20.87
C1 MAN C . -39.60 -26.66 -22.53
C2 MAN C . -38.37 -27.22 -23.22
C3 MAN C . -37.06 -26.72 -22.63
C4 MAN C . -37.08 -25.21 -22.46
C5 MAN C . -38.38 -24.76 -21.80
C6 MAN C . -38.49 -23.26 -21.77
O2 MAN C . -38.41 -26.73 -24.55
O3 MAN C . -36.01 -27.00 -23.55
O4 MAN C . -35.97 -24.85 -21.63
O5 MAN C . -39.52 -25.24 -22.54
O6 MAN C . -39.72 -23.00 -21.10
H1 MAN C . -40.54 -26.97 -23.17
H2 MAN C . -38.39 -28.32 -23.21
H3 MAN C . -36.88 -27.20 -21.67
H4 MAN C . -36.99 -24.73 -23.44
H5 MAN C . -38.39 -25.13 -20.77
H61 MAN C . -38.50 -22.85 -22.78
H62 MAN C . -37.65 -22.83 -21.21
HO2 MAN C . -39.24 -27.01 -24.98
HO3 MAN C . -35.98 -27.96 -23.72
HO4 MAN C . -35.15 -25.15 -22.02
HO6 MAN C . -40.14 -23.83 -20.85
C1 NAG D . -2.76 4.32 42.26
C2 NAG D . -3.63 3.80 43.42
C3 NAG D . -2.77 3.58 44.65
C4 NAG D . -1.51 2.73 44.30
C5 NAG D . -0.75 3.33 43.09
C6 NAG D . 0.44 2.48 42.73
C7 NAG D . -5.95 4.55 43.51
C8 NAG D . -6.83 5.71 43.85
N2 NAG D . -4.66 4.81 43.69
O3 NAG D . -3.54 2.97 45.70
O4 NAG D . -0.65 2.72 45.47
O5 NAG D . -1.66 3.44 41.95
O6 NAG D . -0.01 1.18 42.34
O7 NAG D . -6.36 3.49 43.10
H1 NAG D . -2.34 5.28 42.59
H2 NAG D . -4.09 2.84 43.12
H3 NAG D . -2.42 4.56 44.98
H4 NAG D . -1.84 1.71 44.04
H5 NAG D . -0.38 4.33 43.38
H61 NAG D . 1.14 2.41 43.56
H62 NAG D . 0.94 2.95 41.88
H81 NAG D . -6.65 6.50 43.17
H82 NAG D . -7.84 5.42 43.81
H83 NAG D . -6.59 6.04 44.83
HN2 NAG D . -4.36 5.72 44.02
HO3 NAG D . -2.99 2.91 46.50
HO4 NAG D . -0.31 3.62 45.59
HO6 NAG D . 0.76 0.63 42.11
C1 NAG D . -0.26 1.53 45.98
C2 NAG D . 0.98 1.67 46.84
C3 NAG D . 1.51 0.30 47.20
C4 NAG D . 0.39 -0.50 47.87
C5 NAG D . -0.88 -0.55 47.02
C6 NAG D . -2.07 -1.16 47.77
C7 NAG D . 2.31 3.63 46.16
C8 NAG D . 3.47 3.96 45.22
N2 NAG D . 2.03 2.35 46.10
O3 NAG D . 2.66 0.48 48.04
O4 NAG D . 0.81 -1.85 48.03
O5 NAG D . -1.23 0.76 46.67
O6 NAG D . -2.26 -0.27 48.86
O7 NAG D . 1.74 4.48 46.82
H1 NAG D . -0.70 2.61 46.03
H2 NAG D . 0.73 2.23 47.76
H3 NAG D . 1.80 -0.22 46.27
H4 NAG D . 0.18 -0.05 48.85
H5 NAG D . -0.69 -1.14 46.11
H61 NAG D . -1.84 -2.16 48.12
H62 NAG D . -2.96 -1.18 47.14
H81 NAG D . 3.20 3.70 44.22
H82 NAG D . 3.68 4.99 45.27
H83 NAG D . 4.32 3.40 45.51
HN2 NAG D . 2.59 1.77 45.49
HO3 NAG D . 3.02 -0.38 48.26
HO4 NAG D . 1.13 -2.17 47.16
HO6 NAG D . -3.00 -0.58 49.40
C1 BMA D . 1.32 -2.54 49.08
C2 BMA D . 1.20 -4.04 49.28
C3 BMA D . 2.03 -4.50 50.49
C4 BMA D . 3.47 -4.00 50.43
C5 BMA D . 3.58 -2.55 49.94
C6 BMA D . 4.98 -2.27 49.40
O2 BMA D . 1.65 -4.61 48.04
O3 BMA D . 1.93 -5.95 50.56
O4 BMA D . 4.11 -4.00 51.72
O5 BMA D . 2.69 -2.24 48.86
O6 BMA D . 5.29 -0.87 49.51
H1 BMA D . 0.73 -2.40 48.12
H2 BMA D . 0.15 -4.29 49.45
H3 BMA D . 1.56 -4.07 51.39
H4 BMA D . 4.04 -4.64 49.74
H5 BMA D . 3.37 -1.88 50.79
H61 BMA D . 5.04 -2.57 48.35
H62 BMA D . 5.72 -2.85 49.97
HO2 BMA D . 1.08 -4.24 47.31
HO3 BMA D . 1.00 -6.20 50.57
HO4 BMA D . 4.06 -4.89 52.08
HO6 BMA D . 4.83 -0.48 50.28
C1 MAN D . 6.30 -0.38 48.79
C2 MAN D . 6.42 1.15 48.72
C3 MAN D . 6.00 1.65 47.35
C4 MAN D . 6.64 0.82 46.23
C5 MAN D . 6.39 -0.67 46.46
C6 MAN D . 6.94 -1.59 45.37
O2 MAN D . 7.75 1.56 48.97
O3 MAN D . 6.36 3.03 47.29
O4 MAN D . 6.07 1.22 44.97
O5 MAN D . 6.99 -1.00 47.70
O6 MAN D . 8.36 -1.63 45.47
H1 MAN D . 6.81 -0.70 49.78
H2 MAN D . 5.75 1.58 49.46
H3 MAN D . 4.91 1.56 47.26
H4 MAN D . 7.73 1.01 46.21
H5 MAN D . 5.30 -0.83 46.52
H61 MAN D . 6.65 -1.23 44.38
H62 MAN D . 6.53 -2.59 45.50
HO2 MAN D . 8.06 1.22 49.83
HO3 MAN D . 5.95 3.48 48.05
HO4 MAN D . 6.22 2.17 44.86
HO6 MAN D . 8.65 -1.05 46.19
S SO4 E . -22.18 -4.29 -7.36
O1 SO4 E . -22.33 -3.08 -6.61
O2 SO4 E . -21.10 -5.02 -6.82
O3 SO4 E . -21.99 -3.95 -8.76
O4 SO4 E . -23.41 -5.03 -7.23
S SO4 F . 7.86 -16.01 -25.19
O1 SO4 F . 8.55 -15.92 -23.92
O2 SO4 F . 8.85 -16.16 -26.21
O3 SO4 F . 6.95 -17.12 -25.19
O4 SO4 F . 7.10 -14.82 -25.40
C1 NAG G . 15.50 -38.46 2.54
C2 NAG G . 14.78 -39.45 3.46
C3 NAG G . 15.78 -40.56 3.84
C4 NAG G . 16.34 -41.24 2.56
C5 NAG G . 17.12 -40.20 1.72
C6 NAG G . 17.79 -40.76 0.44
C7 NAG G . 12.92 -38.57 4.94
C8 NAG G . 12.65 -37.82 6.19
N2 NAG G . 14.22 -38.72 4.62
O3 NAG G . 15.22 -41.52 4.76
O4 NAG G . 17.18 -42.37 2.90
O5 NAG G . 16.25 -39.06 1.44
O6 NAG G . 16.99 -40.84 -0.78
O7 NAG G . 11.97 -39.00 4.30
H1 NAG G . 16.27 -37.82 3.15
H2 NAG G . 13.96 -39.91 2.91
H3 NAG G . 16.63 -40.07 4.34
H4 NAG G . 15.48 -41.59 1.97
H5 NAG G . 17.94 -39.83 2.36
H61 NAG G . 18.15 -41.76 0.65
H62 NAG G . 18.66 -40.15 0.22
H81 NAG G . 13.05 -36.84 6.11
H82 NAG G . 11.61 -37.76 6.36
H83 NAG G . 13.11 -38.31 7.00
HN2 NAG G . 14.91 -38.31 5.25
HO3 NAG G . 15.90 -42.15 5.03
HO4 NAG G . 17.46 -42.81 2.08
HO6 NAG G . 17.52 -41.21 -1.49
C1 EDO H . 15.43 -3.18 -21.47
O1 EDO H . 15.55 -2.49 -22.70
C2 EDO H . 16.36 -4.30 -21.32
O2 EDO H . 16.79 -4.51 -19.98
H11 EDO H . 14.51 -3.52 -21.40
H12 EDO H . 15.58 -2.55 -20.75
HO1 EDO H . 14.99 -1.84 -22.73
H21 EDO H . 17.15 -4.12 -21.88
H22 EDO H . 15.92 -5.11 -21.65
HO2 EDO H . 16.40 -3.98 -19.46
S SO4 I . -29.14 -1.71 -16.39
O1 SO4 I . -29.50 -0.70 -15.42
O2 SO4 I . -28.30 -2.69 -15.77
O3 SO4 I . -30.32 -2.35 -16.87
O4 SO4 I . -28.46 -1.06 -17.48
C1 EDO J . -25.49 -1.61 -30.58
O1 EDO J . -24.18 -1.07 -30.46
C2 EDO J . -25.83 -2.60 -29.53
O2 EDO J . -25.97 -2.02 -28.24
H11 EDO J . -25.57 -2.05 -31.46
H12 EDO J . -26.14 -0.89 -30.55
HO1 EDO J . -24.06 -0.51 -31.08
H21 EDO J . -25.12 -3.28 -29.49
H22 EDO J . -26.68 -3.05 -29.76
HO2 EDO J . -25.80 -1.20 -28.27
C1 EDO K . 2.93 -6.19 -1.13
O1 EDO K . 2.88 -7.02 -2.28
C2 EDO K . 2.05 -6.64 -0.01
O2 EDO K . 1.34 -7.87 -0.25
H11 EDO K . 2.67 -5.28 -1.38
H12 EDO K . 3.86 -6.15 -0.80
HO1 EDO K . 3.40 -6.71 -2.88
H21 EDO K . 1.39 -5.93 0.17
H22 EDO K . 2.60 -6.76 0.79
HO2 EDO K . 1.53 -8.15 -1.02
C1 EDO L . 23.76 -1.08 -3.60
O1 EDO L . 22.65 -1.10 -4.47
C2 EDO L . 23.48 -1.79 -2.33
O2 EDO L . 23.57 -3.20 -2.46
H11 EDO L . 23.99 -0.15 -3.40
H12 EDO L . 24.53 -1.49 -4.04
HO1 EDO L . 22.86 -0.69 -5.19
H21 EDO L . 22.58 -1.55 -2.03
H22 EDO L . 24.12 -1.48 -1.65
HO2 EDO L . 24.26 -3.39 -2.98
C1 EDO M . -27.77 -13.21 -22.84
O1 EDO M . -26.83 -12.67 -23.75
C2 EDO M . -28.00 -14.65 -23.11
O2 EDO M . -26.80 -15.38 -23.41
H11 EDO M . -28.62 -12.73 -22.91
H12 EDO M . -27.43 -13.10 -21.93
HO1 EDO M . -26.72 -11.85 -23.58
H21 EDO M . -28.62 -14.74 -23.86
H22 EDO M . -28.43 -15.05 -22.32
HO2 EDO M . -26.14 -14.85 -23.38
C1 EDO N . -22.23 -16.90 -24.78
O1 EDO N . -23.49 -17.58 -24.87
C2 EDO N . -21.61 -16.91 -23.43
O2 EDO N . -20.83 -18.10 -23.06
H11 EDO N . -22.36 -15.97 -25.06
H12 EDO N . -21.61 -17.32 -25.41
HO1 EDO N . -23.79 -17.53 -25.66
H21 EDO N . -22.33 -16.81 -22.76
H22 EDO N . -21.02 -16.13 -23.35
HO2 EDO N . -20.90 -18.68 -23.68
C1 EDO O . 17.28 -17.06 -17.85
O1 EDO O . 16.04 -17.45 -18.42
C2 EDO O . 17.91 -18.20 -17.16
O2 EDO O . 17.92 -19.38 -17.95
H11 EDO O . 17.13 -16.34 -17.21
H12 EDO O . 17.88 -16.74 -18.55
HO1 EDO O . 15.69 -16.78 -18.81
H21 EDO O . 17.41 -18.38 -16.32
H22 EDO O . 18.82 -17.96 -16.92
HO2 EDO O . 17.57 -19.22 -18.70
C1 EDO P . 6.71 -26.27 6.59
O1 EDO P . 6.24 -26.08 5.26
C2 EDO P . 5.64 -26.15 7.60
O2 EDO P . 4.34 -26.25 7.05
H11 EDO P . 7.40 -25.59 6.77
H12 EDO P . 7.12 -27.15 6.65
HO1 EDO P . 6.89 -26.16 4.72
H21 EDO P . 5.73 -25.29 8.05
H22 EDO P . 5.76 -26.86 8.26
HO2 EDO P . 4.39 -26.40 6.22
C1 EDO Q . -13.78 -27.96 -1.56
O1 EDO Q . -15.12 -27.99 -1.99
C2 EDO Q . -13.36 -26.63 -1.07
O2 EDO Q . -14.42 -25.70 -0.99
H11 EDO Q . -13.20 -28.21 -2.31
H12 EDO Q . -13.65 -28.61 -0.84
HO1 EDO Q . -15.30 -28.77 -2.27
H21 EDO Q . -12.67 -26.28 -1.66
H22 EDO Q . -12.97 -26.74 -0.17
HO2 EDO Q . -15.14 -26.06 -1.26
C1 EDO R . -27.11 3.94 -12.23
O1 EDO R . -27.97 2.84 -12.16
C2 EDO R . -26.25 3.98 -11.05
O2 EDO R . -25.95 2.67 -10.54
H11 EDO R . -27.64 4.76 -12.28
H12 EDO R . -26.55 3.88 -13.04
HO1 EDO R . -28.47 2.82 -12.84
H21 EDO R . -26.69 4.49 -10.35
H22 EDO R . -25.41 4.43 -11.28
HO2 EDO R . -26.65 2.19 -10.58
C1 EDO S . -17.90 -23.30 -23.04
C1 EDO S . -18.79 -25.02 -23.17
O1 EDO S . -18.42 -22.04 -22.62
O1 EDO S . -19.56 -26.03 -23.84
C2 EDO S . -18.29 -24.44 -22.17
C2 EDO S . -19.23 -24.74 -21.78
O2 EDO S . -19.67 -24.49 -21.92
O2 EDO S . -20.60 -24.34 -21.69
H11 EDO S . -16.92 -23.24 -23.06
H11 EDO S . -18.85 -24.19 -23.69
H12 EDO S . -18.21 -23.48 -23.94
H12 EDO S . -17.86 -25.31 -23.15
HO1 EDO S . -18.16 -21.44 -23.16
HO1 EDO S . -19.25 -26.14 -24.61
H21 EDO S . -17.81 -24.36 -21.32
H21 EDO S . -18.66 -24.03 -21.41
H22 EDO S . -18.01 -25.27 -22.59
H22 EDO S . -19.10 -25.54 -21.24
HO2 EDO S . -20.05 -23.85 -22.32
HO2 EDO S . -20.95 -24.39 -22.46
C1 EDO T . -25.94 -2.48 -35.74
O1 EDO T . -24.65 -2.06 -36.20
C2 EDO T . -26.36 -3.80 -36.21
O2 EDO T . -25.74 -4.90 -35.56
H11 EDO T . -26.60 -1.82 -36.02
H12 EDO T . -25.93 -2.49 -34.75
HO1 EDO T . -24.47 -1.29 -35.90
H21 EDO T . -26.16 -3.86 -37.18
H22 EDO T . -27.32 -3.88 -36.11
HO2 EDO T . -26.07 -4.91 -34.67
C1 EDO U . -5.92 -14.99 -24.94
O1 EDO U . -6.31 -16.00 -24.04
C2 EDO U . -5.32 -15.58 -26.13
O2 EDO U . -5.43 -16.98 -26.11
H11 EDO U . -5.26 -14.40 -24.52
H12 EDO U . -6.69 -14.44 -25.21
HO1 EDO U . -6.65 -15.64 -23.35
H21 EDO U . -4.37 -15.32 -26.18
H22 EDO U . -5.77 -15.23 -26.92
HO2 EDO U . -5.73 -17.22 -25.35
S SO4 V . 7.14 -11.55 12.29
O1 SO4 V . 8.07 -12.61 11.96
O2 SO4 V . 7.80 -10.59 13.15
O3 SO4 V . 5.99 -12.11 12.96
O4 SO4 V . 6.74 -10.89 11.12
S SO4 W . 18.26 3.21 -8.46
O1 SO4 W . 19.25 3.54 -7.47
O2 SO4 W . 18.72 2.10 -9.24
O3 SO4 W . 18.02 4.35 -9.30
O4 SO4 W . 17.04 2.85 -7.81
C1 EDO X . -1.92 -4.60 -13.05
O1 EDO X . -3.10 -3.87 -13.07
C2 EDO X . -0.79 -3.65 -12.70
O2 EDO X . -0.31 -2.86 -13.77
H11 EDO X . -1.75 -5.01 -13.93
H12 EDO X . -1.98 -5.31 -12.37
HO1 EDO X . -3.75 -4.38 -13.27
H21 EDO X . -0.04 -4.18 -12.35
H22 EDO X . -1.09 -3.06 -11.98
HO2 EDO X . -0.74 -3.05 -14.48
C1 EDO Y . -15.06 0.59 -12.36
O1 EDO Y . -15.78 -0.16 -11.42
C2 EDO Y . -13.88 1.23 -11.75
O2 EDO Y . -12.63 0.76 -12.22
H11 EDO Y . -15.64 1.28 -12.74
H12 EDO Y . -14.77 0.00 -13.09
HO1 EDO Y . -16.45 -0.51 -11.81
H21 EDO Y . -13.92 1.09 -10.78
H22 EDO Y . -13.92 2.20 -11.91
HO2 EDO Y . -12.75 0.15 -12.79
C1 EDO Z . 17.13 -11.20 -22.06
O1 EDO Z . 17.88 -10.95 -20.90
C2 EDO Z . 17.06 -12.65 -22.40
O2 EDO Z . 16.52 -13.47 -21.37
H11 EDO Z . 17.53 -10.72 -22.81
H12 EDO Z . 16.22 -10.87 -21.93
HO1 EDO Z . 17.89 -10.11 -20.75
H21 EDO Z . 17.97 -12.96 -22.59
H22 EDO Z . 16.53 -12.76 -23.21
HO2 EDO Z . 16.32 -13.00 -20.70
C1 NAG AA . -16.84 9.56 -49.37
C2 NAG AA . -17.51 10.78 -50.02
C3 NAG AA . -16.80 11.22 -51.29
C4 NAG AA . -15.35 11.45 -50.87
C5 NAG AA . -14.79 10.11 -50.44
C6 NAG AA . -13.29 10.18 -50.20
C7 NAG AA . -19.88 11.29 -49.80
C8 NAG AA . -21.27 10.88 -50.14
N2 NAG AA . -18.91 10.53 -50.31
O3 NAG AA . -17.44 12.39 -51.82
O4 NAG AA . -14.56 12.02 -51.94
O5 NAG AA . -15.42 9.65 -49.25
O6 NAG AA . -12.66 9.66 -51.38
O7 NAG AA . -19.64 12.24 -49.10
H1 NAG AA . -17.12 8.58 -50.03
H2 NAG AA . -17.47 11.62 -49.31
H3 NAG AA . -16.83 10.41 -52.02
H4 NAG AA . -15.33 12.13 -50.01
H5 NAG AA . -14.97 9.38 -51.25
H61 NAG AA . -13.01 9.58 -49.33
H62 NAG AA . -12.99 11.21 -50.03
H81 NAG AA . -21.45 9.90 -49.78
H82 NAG AA . -21.96 11.54 -49.69
H83 NAG AA . -21.41 10.90 -51.19
HN2 NAG AA . -19.15 9.74 -50.90
HO3 NAG AA . -16.98 12.70 -52.60
HO4 NAG AA . -13.65 12.15 -51.64
HO6 NAG AA . -11.71 9.69 -51.26
C1 B3P BA . -5.17 -10.82 -2.53
C2 B3P BA . -4.17 -11.87 -2.96
C3 B3P BA . -4.53 -9.48 -2.24
N1 B3P BA . -3.96 -9.41 -0.91
C4 B3P BA . -2.87 -8.45 -0.65
C5 B3P BA . -1.77 -8.73 -1.66
C6 B3P BA . -3.45 -7.03 -0.78
C7 B3P BA . -2.43 -8.69 0.80
N2 B3P BA . -3.18 -12.17 -1.92
C8 B3P BA . -2.02 -13.03 -2.24
C9 B3P BA . -2.54 -14.27 -2.96
C10 B3P BA . -0.94 -12.31 -3.07
C11 B3P BA . -1.41 -13.41 -0.88
O1 B3P BA . -3.70 -14.82 -2.33
O2 B3P BA . -0.22 -13.19 -3.91
O3 B3P BA . -0.13 -14.03 -0.99
O4 B3P BA . -0.48 -8.61 -1.11
O5 B3P BA . -4.65 -6.95 -0.03
O6 B3P BA . -1.43 -7.79 1.22
H11 B3P BA . -5.63 -11.13 -1.72
H12 B3P BA . -5.84 -10.71 -3.22
H21 B3P BA . -4.66 -12.70 -3.18
H22 B3P BA . -3.71 -11.56 -3.76
H31 B3P BA . -5.22 -8.78 -2.33
H32 B3P BA . -3.84 -9.30 -2.91
HN1 B3P BA . -3.78 -10.26 -0.54
H51 B3P BA . -1.85 -8.11 -2.41
H52 B3P BA . -1.88 -9.64 -2.01
H61 B3P BA . -3.64 -6.84 -1.72
H62 B3P BA . -2.80 -6.38 -0.45
H71 B3P BA . -2.10 -9.61 0.88
H72 B3P BA . -3.22 -8.61 1.39
HN2 B3P BA . -2.83 -11.37 -1.52
H91 B3P BA . -2.75 -14.04 -3.88
H92 B3P BA . -1.83 -14.95 -2.97
H101 B3P BA . -0.32 -11.85 -2.46
H102 B3P BA . -1.37 -11.63 -3.62
H111 B3P BA . -2.02 -14.03 -0.43
H112 B3P BA . -1.33 -12.61 -0.33
HO1 B3P BA . -3.95 -15.51 -2.75
HO2 B3P BA . 0.37 -12.75 -4.34
HO3 B3P BA . 0.14 -14.21 -0.21
HO4 B3P BA . 0.10 -8.77 -1.71
HO5 B3P BA . -4.97 -6.17 -0.10
HO6 B3P BA . -1.11 -7.39 0.55
C1 EDO CA . 9.09 1.97 -4.21
C1 EDO CA . 9.92 2.76 -3.73
O1 EDO CA . 8.17 2.66 -3.39
O1 EDO CA . 9.06 3.56 -2.97
C2 EDO CA . 10.11 2.87 -4.83
C2 EDO CA . 9.62 2.78 -5.18
O2 EDO CA . 10.79 3.66 -3.88
O2 EDO CA . 9.36 1.48 -5.70
H11 EDO CA . 8.60 1.51 -4.92
H11 EDO CA . 9.87 1.83 -3.40
H12 EDO CA . 9.56 1.29 -3.67
H12 EDO CA . 10.84 3.05 -3.59
HO1 EDO CA . 7.61 2.10 -3.06
HO1 EDO CA . 9.27 3.52 -2.15
H21 EDO CA . 9.66 3.46 -5.48
H21 EDO CA . 10.39 3.16 -5.65
H22 EDO CA . 10.75 2.32 -5.32
H22 EDO CA . 8.84 3.35 -5.33
HO2 EDO CA . 10.45 3.54 -3.11
HO2 EDO CA . 9.56 0.90 -5.12
C1 EDO DA . -4.29 -0.59 1.34
O1 EDO DA . -5.65 -0.57 1.06
C2 EDO DA . -3.83 0.70 1.90
O2 EDO DA . -2.87 0.55 2.93
H11 EDO DA . -3.79 -0.79 0.53
H12 EDO DA . -4.10 -1.30 1.99
HO1 EDO DA . -5.88 -1.33 0.75
H21 EDO DA . -4.60 1.20 2.24
H22 EDO DA . -3.42 1.23 1.17
HO2 EDO DA . -2.28 -0.09 2.68
C1 EDO EA . 3.59 6.56 -21.41
O1 EDO EA . 3.98 5.36 -22.05
C2 EDO EA . 3.16 7.60 -22.39
O2 EDO EA . 2.05 8.38 -21.96
H11 EDO EA . 4.35 6.91 -20.89
H12 EDO EA . 2.86 6.38 -20.79
HO1 EDO EA . 4.22 4.79 -21.45
H21 EDO EA . 2.93 7.14 -23.23
H22 EDO EA . 3.91 8.19 -22.56
HO2 EDO EA . 1.81 8.12 -21.20
C1 EDO FA . -1.10 -3.50 2.86
O1 EDO FA . -0.17 -4.47 3.30
C2 EDO FA . -1.12 -3.33 1.38
O2 EDO FA . -1.54 -4.47 0.66
H11 EDO FA . -0.87 -2.64 3.27
H12 EDO FA . -2.00 -3.75 3.16
HO1 EDO FA . -0.21 -4.53 4.14
H21 EDO FA . -0.21 -3.10 1.08
H22 EDO FA . -1.71 -2.58 1.16
HO2 EDO FA . -1.72 -5.11 1.21
S SO4 GA . 5.63 -8.25 21.45
O1 SO4 GA . 6.88 -7.54 21.57
O2 SO4 GA . 5.19 -8.63 22.75
O3 SO4 GA . 5.83 -9.41 20.63
O4 SO4 GA . 4.59 -7.46 20.84
C1 NAG HA . -28.44 28.55 8.43
C2 NAG HA . -29.70 28.16 9.24
C3 NAG HA . -30.81 29.21 9.01
C4 NAG HA . -30.26 30.57 9.45
C5 NAG HA . -29.06 30.95 8.55
C6 NAG HA . -28.52 32.38 8.79
C7 NAG HA . -29.93 25.75 9.73
C8 NAG HA . -30.39 24.43 9.19
N2 NAG HA . -30.12 26.80 8.93
O3 NAG HA . -32.04 28.84 9.67
O4 NAG HA . -31.29 31.58 9.46
O5 NAG HA . -28.03 29.93 8.65
O6 NAG HA . -27.62 32.53 9.88
O7 NAG HA . -29.39 25.84 10.83
H1 NAG HA . -28.74 28.43 7.27
H2 NAG HA . -29.44 28.21 10.31
H3 NAG HA . -31.00 29.25 7.92
H4 NAG HA . -29.88 30.46 10.48
H5 NAG HA . -29.44 30.94 7.52
H61 NAG HA . -29.36 33.06 8.93
H62 NAG HA . -28.01 32.71 7.88
H81 NAG HA . -29.87 24.22 8.30
H82 NAG HA . -30.19 23.67 9.90
H83 NAG HA . -31.43 24.47 9.00
HN2 NAG HA . -30.57 26.65 8.04
HO3 NAG HA . -32.72 29.49 9.48
HO4 NAG HA . -30.93 32.42 9.79
HO6 NAG HA . -27.35 33.46 9.93
S SO4 IA . 7.84 27.04 11.15
O1 SO4 IA . 7.20 26.96 12.44
O2 SO4 IA . 8.90 26.06 11.15
O3 SO4 IA . 8.32 28.38 10.96
O4 SO4 IA . 6.91 26.74 10.09
C1 EDO JA . 6.97 8.08 7.99
O1 EDO JA . 7.64 7.05 8.61
C2 EDO JA . 7.23 8.18 6.53
O2 EDO JA . 8.63 8.44 6.19
H11 EDO JA . 7.22 8.93 8.41
H12 EDO JA . 6.02 7.96 8.13
HO1 EDO JA . 7.45 7.05 9.44
H21 EDO JA . 6.67 8.90 6.16
H22 EDO JA . 6.95 7.34 6.11
HO2 EDO JA . 9.06 8.62 6.91
C1 EDO KA . -1.12 30.44 4.00
C1 EDO KA . -1.35 30.57 1.98
O1 EDO KA . -1.81 30.20 5.23
O1 EDO KA . -0.87 31.53 2.90
C2 EDO KA . -0.41 29.30 3.38
C2 EDO KA . -0.40 29.48 1.76
O2 EDO KA . 0.93 29.18 3.80
O2 EDO KA . 0.89 30.01 1.59
H11 EDO KA . -0.45 31.15 4.15
H11 EDO KA . -1.54 31.01 1.14
H12 EDO KA . -1.76 30.79 3.34
H12 EDO KA . -2.17 30.19 2.33
HO1 EDO KA . -2.18 30.90 5.50
HO1 EDO KA . -1.45 32.13 3.01
H21 EDO KA . -0.43 29.40 2.41
H21 EDO KA . -0.66 28.99 0.95
H22 EDO KA . -0.89 28.46 3.61
H22 EDO KA . -0.40 28.87 2.52
HO2 EDO KA . 1.11 29.80 4.36
HO2 EDO KA . 0.85 30.86 1.66
C1 EDO LA . -3.95 29.04 27.24
O1 EDO LA . -5.13 28.54 27.84
C2 EDO LA . -3.43 28.08 26.25
O2 EDO LA . -4.24 28.00 25.07
H11 EDO LA . -3.28 29.18 27.94
H12 EDO LA . -4.14 29.90 26.80
HO1 EDO LA . -5.42 29.10 28.41
H21 EDO LA . -3.39 27.19 26.66
H22 EDO LA . -2.53 28.34 25.99
HO2 EDO LA . -4.66 28.74 24.96
C1 EDO MA . 2.24 26.70 24.83
O1 EDO MA . 2.33 26.73 23.37
C2 EDO MA . 3.45 26.53 25.72
O2 EDO MA . 4.56 27.46 25.56
H11 EDO MA . 1.62 25.97 25.05
H12 EDO MA . 1.80 27.53 25.11
HO1 EDO MA . 1.56 26.81 23.04
H21 EDO MA . 3.80 25.62 25.57
H22 EDO MA . 3.16 26.58 26.65
HO2 EDO MA . 4.39 27.99 24.93
C1 EDO NA . 9.42 8.23 32.93
O1 EDO NA . 8.28 8.90 33.41
C2 EDO NA . 10.18 7.48 33.95
O2 EDO NA . 10.84 8.39 34.80
H11 EDO NA . 10.03 8.88 32.53
H12 EDO NA . 9.16 7.60 32.23
HO1 EDO NA . 7.91 9.31 32.77
H21 EDO NA . 10.85 6.90 33.51
H22 EDO NA . 9.57 6.92 34.47
HO2 EDO NA . 10.29 9.10 34.93
C1 EDO OA . 21.68 9.66 5.09
O1 EDO OA . 21.64 9.56 6.50
C2 EDO OA . 21.27 10.99 4.51
O2 EDO OA . 21.95 12.14 5.04
H11 EDO OA . 21.10 8.97 4.71
H12 EDO OA . 22.60 9.47 4.79
HO1 EDO OA . 21.89 8.78 6.75
H21 EDO OA . 20.31 11.11 4.65
H22 EDO OA . 21.42 10.97 3.54
HO2 EDO OA . 22.73 11.92 5.29
C1 EDO PA . -6.25 -4.43 30.74
O1 EDO PA . -6.68 -5.20 31.84
C2 EDO PA . -7.35 -3.61 30.18
O2 EDO PA . -8.42 -4.41 29.68
H11 EDO PA . -5.91 -5.03 30.04
H12 EDO PA . -5.51 -3.84 31.02
HO1 EDO PA . -6.03 -5.65 32.15
H21 EDO PA . -7.00 -3.05 29.46
H22 EDO PA . -7.69 -3.02 30.89
HO2 EDO PA . -8.25 -5.22 29.81
C1 EDO QA . -22.50 6.72 11.87
O1 EDO QA . -22.22 5.88 12.98
C2 EDO QA . -23.57 7.74 12.15
O2 EDO QA . -23.14 8.91 12.86
H11 EDO QA . -22.79 6.18 11.11
H12 EDO QA . -21.69 7.20 11.61
HO1 EDO QA . -21.62 5.33 12.76
H21 EDO QA . -24.29 7.31 12.66
H22 EDO QA . -23.95 8.03 11.29
HO2 EDO QA . -22.48 8.70 13.37
C1 EDO RA . 15.63 -8.55 27.70
C1 EDO RA . 16.46 -9.27 28.54
O1 EDO RA . 16.80 -8.05 28.31
O1 EDO RA . 17.15 -8.64 27.48
C2 EDO RA . 14.70 -9.23 28.61
C2 EDO RA . 14.99 -9.13 28.45
O2 EDO RA . 13.37 -8.72 28.52
O2 EDO RA . 14.30 -9.51 29.63
H11 EDO RA . 15.90 -9.20 27.01
H11 EDO RA . 16.76 -8.88 29.39
H12 EDO RA . 15.16 -7.82 27.26
H12 EDO RA . 16.68 -10.23 28.56
HO1 EDO RA . 17.29 -7.67 27.74
HO1 EDO RA . 17.99 -8.76 27.58
H21 EDO RA . 15.03 -9.11 29.54
H21 EDO RA . 14.66 -9.68 27.71
H22 EDO RA . 14.69 -10.19 28.42
H22 EDO RA . 14.78 -8.19 28.25
HO2 EDO RA . 13.41 -7.90 28.34
HO2 EDO RA . 14.86 -9.77 30.21
C1 EDO SA . 16.44 -13.36 22.29
O1 EDO SA . 15.89 -12.78 21.12
C2 EDO SA . 15.45 -13.17 23.37
O2 EDO SA . 14.21 -12.85 22.75
H11 EDO SA . 17.28 -12.93 22.52
H12 EDO SA . 16.59 -14.32 22.15
HO1 EDO SA . 16.44 -12.88 20.49
H21 EDO SA . 15.73 -12.44 23.95
H22 EDO SA . 15.36 -13.99 23.89
HO2 EDO SA . 14.31 -12.83 21.91
C1 EDO TA . 11.33 3.26 36.61
O1 EDO TA . 11.12 4.42 35.77
C2 EDO TA . 11.97 2.02 35.99
O2 EDO TA . 13.07 2.30 35.22
H11 EDO TA . 10.48 2.99 37.00
H12 EDO TA . 11.91 3.53 37.36
HO1 EDO TA . 10.77 5.04 36.23
H21 EDO TA . 11.30 1.58 35.43
H22 EDO TA . 12.23 1.40 36.71
HO2 EDO TA . 13.21 3.13 35.23
C1 EDO UA . -14.13 5.81 25.29
O1 EDO UA . -14.09 4.38 25.30
C2 EDO UA . -14.92 6.45 26.39
O2 EDO UA . -14.70 5.85 27.65
H11 EDO UA . -14.50 6.11 24.44
H12 EDO UA . -13.21 6.15 25.34
HO1 EDO UA . -13.62 4.11 24.65
H21 EDO UA . -15.87 6.39 26.17
H22 EDO UA . -14.67 7.40 26.44
HO2 EDO UA . -14.15 5.21 27.57
C1 EDO VA . -0.13 -3.00 39.20
O1 EDO VA . -0.68 -1.71 39.39
C2 EDO VA . 1.29 -3.12 39.57
O2 EDO VA . 1.53 -3.01 40.98
H11 EDO VA . -0.23 -3.25 38.26
H12 EDO VA . -0.64 -3.65 39.74
HO1 EDO VA . -1.50 -1.72 39.16
H21 EDO VA . 1.80 -2.42 39.11
H22 EDO VA . 1.63 -3.99 39.27
HO2 EDO VA . 0.80 -2.84 41.38
C1 EDO WA . 22.71 16.07 2.42
O1 EDO WA . 22.29 14.70 2.48
C2 EDO WA . 21.64 17.11 2.40
O2 EDO WA . 21.62 18.03 3.49
H11 EDO WA . 23.26 16.18 1.62
H12 EDO WA . 23.29 16.23 3.19
HO1 EDO WA . 22.96 14.19 2.48
H21 EDO WA . 20.76 16.65 2.38
H22 EDO WA . 21.72 17.62 1.57
HO2 EDO WA . 22.24 17.84 4.04
C1 EDO XA . 11.89 25.37 22.12
O1 EDO XA . 10.86 25.86 21.25
C2 EDO XA . 13.12 24.85 21.44
O2 EDO XA . 13.90 25.76 20.70
H11 EDO XA . 11.52 24.64 22.66
H12 EDO XA . 12.16 26.09 22.73
HO1 EDO XA . 10.22 26.14 21.73
H21 EDO XA . 12.83 24.13 20.83
H22 EDO XA . 13.69 24.44 22.12
HO2 EDO XA . 13.54 26.52 20.71
C1 EDO YA . -4.37 4.11 2.01
O1 EDO YA . -5.20 4.69 3.03
C2 EDO YA . -3.55 5.12 1.26
O2 EDO YA . -3.08 6.13 2.12
H11 EDO YA . -4.94 3.63 1.38
H12 EDO YA . -3.77 3.45 2.43
HO1 EDO YA . -5.64 4.08 3.43
H21 EDO YA . -4.11 5.52 0.56
H22 EDO YA . -2.79 4.66 0.84
HO2 EDO YA . -3.45 6.05 2.88
C1 EDO ZA . -1.14 16.31 -16.22
O1 EDO ZA . -0.29 17.19 -15.50
C2 EDO ZA . -2.35 17.00 -16.66
O2 EDO ZA . -2.85 17.78 -15.60
H11 EDO ZA . -1.39 15.55 -15.65
H12 EDO ZA . -0.67 15.96 -17.01
HO1 EDO ZA . 0.40 16.77 -15.25
H21 EDO ZA . -3.02 16.33 -16.93
H22 EDO ZA . -2.14 17.57 -17.43
HO2 EDO ZA . -2.75 17.33 -14.84
C1 EDO AB . 25.20 1.34 30.71
O1 EDO AB . 25.29 1.92 29.41
C2 EDO AB . 23.81 1.01 31.08
O2 EDO AB . 23.25 -0.01 30.29
H11 EDO AB . 25.57 1.96 31.37
H12 EDO AB . 25.74 0.51 30.73
HO1 EDO AB . 26.10 2.09 29.24
H21 EDO AB . 23.26 1.82 30.99
H22 EDO AB . 23.79 0.74 32.02
HO2 EDO AB . 23.78 -0.20 29.65
C1 EDO BB . 27.80 4.86 33.85
O1 EDO BB . 27.07 6.04 34.18
C2 EDO BB . 29.10 5.16 33.22
O2 EDO BB . 28.98 5.38 31.84
H11 EDO BB . 27.27 4.31 33.24
H12 EDO BB . 27.97 4.34 34.67
HO1 EDO BB . 26.34 5.81 34.54
H21 EDO BB . 29.71 4.41 33.36
H22 EDO BB . 29.48 5.96 33.64
HO2 EDO BB . 28.41 6.15 31.72
S SO4 CB . 11.32 -3.65 14.98
O1 SO4 CB . 12.34 -4.59 15.37
O2 SO4 CB . 11.66 -2.33 15.41
O3 SO4 CB . 10.07 -4.04 15.56
O4 SO4 CB . 11.20 -3.63 13.54
S SO4 DB . 3.76 6.82 -7.49
O1 SO4 DB . 3.32 5.49 -7.87
O2 SO4 DB . 4.50 6.74 -6.27
O3 SO4 DB . 2.62 7.66 -7.29
O4 SO4 DB . 4.59 7.35 -8.52
S SO4 EB . -17.91 3.37 -3.53
O1 SO4 EB . -16.54 3.49 -3.26
O2 SO4 EB . -18.52 2.43 -2.63
O3 SO4 EB . -18.56 4.65 -3.37
O4 SO4 EB . -18.07 2.91 -4.90
C1 B3P FB . -4.48 3.51 10.48
C2 B3P FB . -4.86 4.97 10.37
C3 B3P FB . -3.96 2.95 9.21
N1 B3P FB . -5.01 2.61 8.25
C4 B3P FB . -4.65 2.50 6.81
C5 B3P FB . -3.58 1.45 6.53
C6 B3P FB . -5.94 2.13 6.07
C7 B3P FB . -4.09 3.85 6.35
N2 B3P FB . -6.04 5.09 9.55
C8 B3P FB . -6.54 6.46 9.17
C9 B3P FB . -6.79 7.20 10.48
C10 B3P FB . -5.54 7.19 8.23
C11 B3P FB . -7.87 6.27 8.43
O1 B3P FB . -7.39 6.34 11.47
O2 B3P FB . -5.51 8.60 8.44
O3 B3P FB . -8.39 7.50 7.87
O4 B3P FB . -4.03 0.19 6.96
O5 B3P FB . -5.77 2.22 4.66
O6 B3P FB . -5.05 4.88 6.51
H11 B3P FB . -5.28 3.00 10.75
H12 B3P FB . -3.80 3.41 11.18
H21 B3P FB . -5.02 5.33 11.26
H22 B3P FB . -4.11 5.46 9.98
H31 B3P FB . -3.44 2.14 9.41
H32 B3P FB . -3.35 3.59 8.81
HN1 B3P FB . -5.41 1.79 8.52
H51 B3P FB . -2.75 1.69 6.99
H52 B3P FB . -3.40 1.43 5.57
H61 B3P FB . -6.67 2.74 6.35
H62 B3P FB . -6.21 1.22 6.30
H71 B3P FB . -3.83 3.78 5.40
H72 B3P FB . -3.29 4.06 6.86
HN2 B3P FB . -6.00 4.56 8.80
H91 B3P FB . -5.95 7.54 10.82
H92 B3P FB . -7.39 7.95 10.31
H101 B3P FB . -5.80 7.02 7.30
H102 B3P FB . -4.65 6.82 8.37
H111 B3P FB . -8.53 5.91 9.06
H112 B3P FB . -7.75 5.62 7.70
HO1 B3P FB . -7.52 6.79 12.18
HO2 B3P FB . -4.95 8.95 7.91
HO3 B3P FB . -9.11 7.33 7.48
HO4 B3P FB . -3.43 -0.38 6.80
HO5 B3P FB . -6.51 2.01 4.29
HO6 B3P FB . -5.75 4.57 6.86
C1 EDO GB . -0.23 34.54 -14.07
O1 EDO GB . 0.36 34.47 -15.35
C2 EDO GB . -1.00 35.78 -13.85
O2 EDO GB . -0.22 36.77 -13.24
H11 EDO GB . 0.49 34.49 -13.38
H12 EDO GB . -0.82 33.77 -13.94
HO1 EDO GB . 0.80 33.74 -15.43
H21 EDO GB . -1.78 35.58 -13.30
H22 EDO GB . -1.32 36.10 -14.72
HO2 EDO GB . 0.55 36.47 -13.08
C1 EDO HB . 12.09 23.23 -2.84
O1 EDO HB . 13.46 23.43 -2.86
C2 EDO HB . 11.28 24.43 -3.14
O2 EDO HB . 9.99 24.14 -3.72
H11 EDO HB . 11.84 22.89 -1.96
H12 EDO HB . 11.87 22.53 -3.51
HO1 EDO HB . 13.87 22.70 -2.69
H21 EDO HB . 11.79 25.00 -3.75
H22 EDO HB . 11.14 24.92 -2.30
HO2 EDO HB . 9.85 23.30 -3.70
C1 EDO IB . -11.51 16.61 -10.44
O1 EDO IB . -12.00 15.34 -10.81
C2 EDO IB . -10.72 17.24 -11.51
O2 EDO IB . -11.45 18.18 -12.29
H11 EDO IB . -10.95 16.52 -9.65
H12 EDO IB . -12.27 17.19 -10.22
HO1 EDO IB . -12.45 15.01 -10.17
H21 EDO IB . -10.37 16.54 -12.10
H22 EDO IB . -9.95 17.70 -11.12
HO2 EDO IB . -12.29 18.02 -12.22
C1 EDO JB . -10.62 11.91 -8.51
O1 EDO JB . -10.59 12.36 -9.86
C2 EDO JB . -9.71 12.71 -7.62
O2 EDO JB . -8.84 13.62 -8.24
H11 EDO JB . -10.35 10.96 -8.49
H12 EDO JB . -11.53 11.97 -8.18
HO1 EDO JB . -11.11 11.90 -10.33
H21 EDO JB . -9.17 12.07 -7.10
H22 EDO JB . -10.28 13.20 -6.99
HO2 EDO JB . -8.95 13.59 -9.07
#